data_2IKC
#
_entry.id   2IKC
#
_cell.length_a   59.080
_cell.length_b   72.590
_cell.length_c   84.470
_cell.angle_alpha   85.20
_cell.angle_beta   84.07
_cell.angle_gamma   75.41
#
_symmetry.space_group_name_H-M   'P 1'
#
loop_
_entity.id
_entity.type
_entity.pdbx_description
1 polymer 'milk lactoperoxidase'
2 branched 2-acetamido-2-deoxy-beta-D-glucopyranose-(1-4)-2-acetamido-2-deoxy-beta-D-glucopyranose
3 branched alpha-D-mannopyranose-(1-4)-2-acetamido-2-deoxy-beta-D-glucopyranose-(1-4)-2-acetamido-2-deoxy-beta-D-glucopyranose
4 non-polymer 2-acetamido-2-deoxy-beta-D-glucopyranose
5 non-polymer 'CALCIUM ION'
6 non-polymer 'CARBONATE ION'
7 non-polymer 'PROTOPORPHYRIN IX CONTAINING FE'
8 non-polymer 'FORMIC ACID'
9 water water
#
_entity_poly.entity_id   1
_entity_poly.type   'polypeptide(L)'
_entity_poly.pdbx_seq_one_letter_code
;SWEVGCGAPVPLVKCDENSPYRTITGDCNNRRSPALGAANRALARWLPAEYEDGLAVPFGWTQRKTRNGFRVPLAREVSN
KIVGYLDEEGVLDQNRSLLFMQWGQIVDHDLDFAPETELGSSEHSKVQCEEYCIQGDNCFPIMFPKNDPKLKTQGKCMPF
FRAGFVCPTPPYQSLARDQINSVTSFLDASLVYGSEPSLASRLRNLSSPLGLMAVNQEAWDHGLAYPPFNNMKPSPCEFI
NTTARVPCFQAGDSRASEQILLATVHTLLLREHNRLARELKRLNPHWDGEKLYQEARKILGAFIQIITFRDYLPIVLGSE
MQKWIPRYQGYNNSVDPRISNVFTFAFRFGHMEVPSTVSRLDENYQPRGPEAELPLHTLFFNTWRIIKDGGIDPLVRGLL
AKKSKLMNQNKMVTSELRNKLFQPTHKIHGFDLAAINLQRCRDHGMPGYNSWRGFCGLSQPKTLKGLQAVLKNKILAKKL
LDLYKTPDNIDIWIGGNAEPMVERGRVGPLLACLLGRQFQQIRDGDRFWWENPGVFTEKQRDSLQKVSFSRLICDNTHIT
KVPLHAFQANNYPHDFVDCSAIDKLDLSPWASREN
;
_entity_poly.pdbx_strand_id   A,B
#
loop_
_chem_comp.id
_chem_comp.type
_chem_comp.name
_chem_comp.formula
CA non-polymer 'CALCIUM ION' 'Ca 2'
CO3 non-polymer 'CARBONATE ION' 'C O3 -2'
FMT non-polymer 'FORMIC ACID' 'C H2 O2'
HEM non-polymer 'PROTOPORPHYRIN IX CONTAINING FE' 'C34 H32 Fe N4 O4'
MAN D-saccharide, alpha linking alpha-D-mannopyranose 'C6 H12 O6'
NAG D-saccharide, beta linking 2-acetamido-2-deoxy-beta-D-glucopyranose 'C8 H15 N O6'
#
# COMPACT_ATOMS: atom_id res chain seq x y z
N SER A 1 26.69 -16.49 -17.10
CA SER A 1 26.10 -16.26 -15.81
C SER A 1 25.70 -17.56 -15.15
N TRP A 2 26.55 -17.91 -14.28
CA TRP A 2 26.34 -19.06 -13.45
C TRP A 2 26.49 -18.44 -12.02
N GLU A 3 25.35 -18.20 -11.35
CA GLU A 3 25.25 -17.56 -10.03
C GLU A 3 23.93 -17.78 -9.32
N VAL A 4 23.88 -17.35 -8.07
CA VAL A 4 22.77 -17.52 -7.11
C VAL A 4 21.51 -16.64 -7.26
N GLY A 5 20.45 -16.99 -6.48
CA GLY A 5 19.18 -16.19 -6.52
C GLY A 5 18.07 -16.51 -5.49
N CYS A 6 17.05 -15.58 -5.35
CA CYS A 6 15.89 -15.65 -4.45
C CYS A 6 15.20 -17.00 -4.59
N GLY A 7 15.27 -17.73 -3.52
CA GLY A 7 14.60 -19.00 -3.46
C GLY A 7 13.35 -18.75 -2.64
N ALA A 8 12.25 -18.32 -3.34
CA ALA A 8 10.90 -18.01 -2.78
C ALA A 8 9.92 -19.22 -2.73
N PRO A 9 8.64 -19.02 -2.24
CA PRO A 9 7.68 -20.26 -2.02
C PRO A 9 7.43 -21.32 -3.08
N VAL A 10 8.17 -22.42 -3.14
CA VAL A 10 7.82 -23.31 -4.24
C VAL A 10 7.53 -24.72 -3.77
N PRO A 11 6.45 -25.36 -4.27
CA PRO A 11 6.21 -26.72 -3.81
C PRO A 11 7.47 -27.54 -4.07
N LEU A 12 7.99 -28.10 -2.99
CA LEU A 12 9.20 -28.90 -3.07
C LEU A 12 8.83 -30.37 -3.13
N VAL A 13 9.52 -31.15 -4.00
CA VAL A 13 9.30 -32.58 -4.11
C VAL A 13 10.57 -33.35 -4.38
N LYS A 14 10.45 -34.65 -4.18
CA LYS A 14 11.55 -35.56 -4.34
C LYS A 14 11.39 -36.30 -5.64
N CYS A 15 12.43 -36.24 -6.46
CA CYS A 15 12.41 -36.92 -7.73
C CYS A 15 12.52 -38.41 -7.53
N ASP A 16 11.43 -39.09 -7.92
CA ASP A 16 11.36 -40.53 -7.82
C ASP A 16 12.58 -40.93 -8.65
N GLU A 17 12.56 -40.54 -9.93
CA GLU A 17 13.66 -40.77 -10.89
C GLU A 17 13.55 -41.94 -11.84
N ASN A 18 12.54 -42.78 -11.70
CA ASN A 18 12.40 -43.91 -12.60
C ASN A 18 10.95 -44.17 -12.89
N SER A 19 10.16 -43.12 -12.72
CA SER A 19 8.74 -43.13 -12.96
C SER A 19 8.55 -42.80 -14.43
N PRO A 20 7.81 -43.65 -15.16
CA PRO A 20 7.63 -43.35 -16.59
C PRO A 20 6.67 -42.17 -16.75
N TYR A 21 6.27 -41.57 -15.63
CA TYR A 21 5.31 -40.48 -15.69
C TYR A 21 5.79 -39.11 -15.30
N ARG A 22 5.33 -38.11 -16.06
CA ARG A 22 5.69 -36.72 -15.80
C ARG A 22 5.16 -36.34 -14.41
N THR A 23 5.86 -35.43 -13.69
CA THR A 23 5.21 -35.03 -12.46
C THR A 23 4.22 -34.01 -12.85
N ILE A 24 3.15 -33.94 -12.09
CA ILE A 24 2.39 -32.56 -12.36
C ILE A 24 2.89 -31.12 -12.26
N THR A 25 3.85 -30.93 -11.36
CA THR A 25 4.46 -29.64 -11.11
C THR A 25 5.47 -29.26 -12.19
N GLY A 26 5.84 -30.24 -12.99
CA GLY A 26 6.81 -29.97 -14.05
C GLY A 26 8.21 -30.26 -13.52
N ASP A 27 8.38 -30.40 -12.20
CA ASP A 27 9.63 -30.73 -11.59
C ASP A 27 10.17 -32.10 -11.96
N CYS A 28 11.50 -32.20 -11.88
CA CYS A 28 12.18 -33.46 -12.07
C CYS A 28 12.35 -33.84 -13.53
N ASN A 29 11.85 -33.05 -14.47
CA ASN A 29 12.04 -33.43 -15.88
C ASN A 29 13.53 -33.55 -16.13
N ASN A 30 14.23 -32.46 -15.79
CA ASN A 30 15.67 -32.39 -15.94
C ASN A 30 16.34 -33.02 -14.75
N ARG A 31 17.22 -33.96 -15.05
CA ARG A 31 17.96 -34.70 -14.04
C ARG A 31 19.00 -33.84 -13.31
N ARG A 32 19.96 -33.29 -14.04
CA ARG A 32 20.98 -32.47 -13.40
C ARG A 32 20.43 -31.22 -12.68
N SER A 33 19.42 -30.56 -13.20
CA SER A 33 18.77 -29.40 -12.64
C SER A 33 17.26 -29.77 -12.63
N PRO A 34 16.71 -30.08 -11.45
CA PRO A 34 15.25 -30.43 -11.29
C PRO A 34 14.23 -29.39 -11.74
N ALA A 35 14.25 -28.26 -11.01
CA ALA A 35 13.33 -27.14 -11.23
C ALA A 35 13.15 -26.74 -12.67
N LEU A 36 14.20 -26.82 -13.41
CA LEU A 36 14.14 -26.39 -14.76
C LEU A 36 12.88 -26.72 -15.51
N GLY A 37 12.15 -25.67 -15.81
CA GLY A 37 10.92 -25.87 -16.55
C GLY A 37 9.72 -26.05 -15.63
N ALA A 38 9.97 -25.97 -14.30
CA ALA A 38 8.86 -26.07 -13.35
C ALA A 38 8.00 -24.83 -13.31
N ALA A 39 6.79 -25.00 -12.79
CA ALA A 39 5.86 -23.91 -12.66
C ALA A 39 6.16 -23.13 -11.41
N ASN A 40 5.81 -21.85 -11.43
CA ASN A 40 5.99 -20.90 -10.30
C ASN A 40 7.41 -20.47 -10.09
N ARG A 41 8.11 -20.45 -11.18
CA ARG A 41 9.50 -20.01 -11.20
C ARG A 41 9.48 -18.80 -12.04
N ALA A 42 10.46 -18.01 -12.09
CA ALA A 42 10.09 -16.91 -12.93
C ALA A 42 10.88 -16.73 -14.20
N LEU A 43 10.17 -17.04 -15.26
CA LEU A 43 10.46 -16.85 -16.69
C LEU A 43 11.88 -16.66 -17.18
N ALA A 44 12.48 -17.69 -17.77
CA ALA A 44 13.72 -17.31 -18.60
C ALA A 44 13.86 -15.91 -19.30
N ARG A 45 15.04 -15.21 -19.16
CA ARG A 45 15.31 -13.90 -19.74
C ARG A 45 16.37 -14.06 -20.86
N TRP A 46 16.11 -13.53 -22.06
CA TRP A 46 17.10 -13.68 -23.11
C TRP A 46 17.92 -12.40 -23.28
N LEU A 47 17.40 -11.31 -22.72
CA LEU A 47 18.06 -10.02 -22.78
C LEU A 47 17.91 -9.30 -21.43
N PRO A 48 18.69 -8.23 -21.24
CA PRO A 48 18.69 -7.45 -19.94
C PRO A 48 17.39 -6.90 -19.55
N ALA A 49 16.99 -6.86 -18.31
CA ALA A 49 15.74 -6.18 -18.13
C ALA A 49 15.97 -4.67 -18.35
N GLU A 50 15.05 -4.06 -19.09
CA GLU A 50 15.05 -2.64 -19.27
C GLU A 50 13.89 -2.13 -18.42
N TYR A 51 14.25 -1.29 -17.49
CA TYR A 51 13.29 -0.59 -16.63
C TYR A 51 13.80 0.85 -16.57
N GLU A 52 12.92 1.74 -16.14
CA GLU A 52 13.22 3.16 -16.03
C GLU A 52 14.25 3.49 -14.94
N ASP A 53 14.17 2.77 -13.82
CA ASP A 53 15.12 2.97 -12.72
C ASP A 53 16.05 1.77 -12.70
N GLY A 54 16.23 1.16 -13.86
CA GLY A 54 17.12 0.03 -14.02
C GLY A 54 16.78 -1.17 -13.15
N LEU A 55 15.63 -1.15 -12.49
CA LEU A 55 15.25 -2.26 -11.62
C LEU A 55 13.77 -2.65 -11.64
N ALA A 56 12.86 -1.68 -11.60
CA ALA A 56 11.45 -2.07 -11.56
C ALA A 56 10.37 -1.04 -11.97
N VAL A 57 10.64 0.25 -12.13
CA VAL A 57 9.53 1.10 -12.57
C VAL A 57 9.44 1.10 -14.09
N PRO A 58 8.22 0.72 -14.55
CA PRO A 58 7.93 0.69 -15.99
C PRO A 58 8.30 1.90 -16.81
N PHE A 59 8.76 1.78 -18.06
CA PHE A 59 9.02 2.99 -18.81
C PHE A 59 7.71 3.68 -19.15
N GLY A 60 7.51 4.86 -18.60
CA GLY A 60 6.30 5.58 -18.88
C GLY A 60 5.44 5.70 -17.66
N TRP A 61 6.04 5.55 -16.49
CA TRP A 61 5.28 5.66 -15.26
C TRP A 61 5.65 6.92 -14.50
N THR A 62 6.93 7.24 -14.55
CA THR A 62 7.34 8.48 -13.97
C THR A 62 7.06 9.44 -15.13
N GLN A 63 6.19 10.44 -14.92
CA GLN A 63 5.74 11.45 -15.91
C GLN A 63 6.78 12.47 -16.35
N ARG A 64 8.07 12.14 -16.29
CA ARG A 64 9.06 13.15 -16.73
C ARG A 64 10.42 12.58 -17.16
N LYS A 65 10.76 11.37 -16.72
CA LYS A 65 12.00 10.71 -17.20
C LYS A 65 11.67 10.23 -18.62
N THR A 66 12.68 10.01 -19.45
CA THR A 66 12.40 9.56 -20.82
C THR A 66 12.97 8.19 -21.07
N ARG A 67 12.90 7.80 -22.32
CA ARG A 67 13.52 6.62 -22.80
C ARG A 67 14.40 7.15 -23.90
N ASN A 68 15.68 6.93 -23.88
CA ASN A 68 16.50 7.41 -24.99
C ASN A 68 16.28 8.86 -25.42
N GLY A 69 15.80 9.67 -24.49
CA GLY A 69 15.62 11.07 -24.73
C GLY A 69 14.24 11.45 -25.21
N PHE A 70 13.32 10.50 -25.19
CA PHE A 70 11.97 10.78 -25.65
C PHE A 70 10.89 10.25 -24.73
N ARG A 71 9.78 10.98 -24.69
CA ARG A 71 8.58 10.61 -23.90
C ARG A 71 7.93 9.36 -24.48
N VAL A 72 7.52 8.37 -23.64
CA VAL A 72 6.87 7.13 -24.19
C VAL A 72 5.37 7.33 -24.35
N PRO A 73 4.84 6.88 -25.48
CA PRO A 73 3.40 7.10 -25.82
C PRO A 73 2.40 6.52 -24.87
N LEU A 74 1.31 7.19 -24.61
CA LEU A 74 0.38 6.55 -23.72
C LEU A 74 -0.03 5.18 -24.28
N ALA A 75 -0.19 4.20 -23.40
CA ALA A 75 -0.56 2.88 -23.84
C ALA A 75 -1.74 2.98 -24.81
N ARG A 76 -2.85 3.55 -24.33
CA ARG A 76 -4.07 3.72 -25.13
C ARG A 76 -3.93 4.54 -26.42
N GLU A 77 -3.14 5.60 -26.38
CA GLU A 77 -2.99 6.41 -27.57
C GLU A 77 -2.54 5.60 -28.80
N VAL A 78 -1.65 4.64 -28.60
CA VAL A 78 -1.16 3.82 -29.72
C VAL A 78 -2.32 3.03 -30.31
N SER A 79 -3.13 2.49 -29.43
CA SER A 79 -4.30 1.71 -29.79
C SER A 79 -5.24 2.54 -30.69
N ASN A 80 -5.54 3.78 -30.31
CA ASN A 80 -6.45 4.59 -31.13
C ASN A 80 -5.86 4.92 -32.47
N LYS A 81 -4.63 5.42 -32.45
CA LYS A 81 -3.97 5.82 -33.68
C LYS A 81 -3.64 4.68 -34.63
N ILE A 82 -3.19 3.53 -34.07
CA ILE A 82 -2.71 2.45 -34.96
C ILE A 82 -3.49 1.13 -34.98
N VAL A 83 -3.61 0.50 -33.83
CA VAL A 83 -4.17 -0.85 -33.71
C VAL A 83 -5.61 -1.13 -34.16
N GLY A 84 -6.49 -0.12 -34.13
CA GLY A 84 -7.89 -0.32 -34.43
C GLY A 84 -8.38 0.02 -35.84
N TYR A 85 -9.62 -0.41 -36.10
CA TYR A 85 -10.29 -0.19 -37.37
C TYR A 85 -11.82 -0.28 -37.16
N LEU A 86 -12.65 0.20 -38.14
CA LEU A 86 -14.13 0.25 -37.99
C LEU A 86 -14.90 -0.58 -38.99
N ASP A 87 -14.26 -1.04 -40.02
CA ASP A 87 -14.92 -1.94 -40.95
C ASP A 87 -14.33 -3.32 -40.65
N GLU A 88 -15.20 -4.30 -40.51
CA GLU A 88 -14.72 -5.65 -40.27
C GLU A 88 -14.93 -6.41 -41.54
N GLU A 89 -14.88 -5.74 -42.67
CA GLU A 89 -15.16 -6.42 -43.92
C GLU A 89 -13.96 -6.74 -44.79
N GLY A 90 -13.87 -8.00 -45.16
CA GLY A 90 -12.77 -8.45 -46.00
C GLY A 90 -11.56 -8.75 -45.15
N VAL A 91 -11.75 -8.68 -43.84
CA VAL A 91 -10.69 -8.93 -42.87
C VAL A 91 -10.45 -10.43 -42.61
N LEU A 92 -11.20 -11.30 -43.31
CA LEU A 92 -11.10 -12.73 -43.08
C LEU A 92 -10.00 -13.43 -43.83
N ASP A 93 -9.33 -14.30 -43.13
CA ASP A 93 -8.23 -15.09 -43.69
C ASP A 93 -8.83 -16.17 -44.58
N GLN A 94 -8.70 -16.00 -45.89
CA GLN A 94 -9.31 -16.95 -46.84
C GLN A 94 -8.90 -18.41 -46.66
N ASN A 95 -7.74 -18.66 -46.08
CA ASN A 95 -7.27 -20.04 -45.96
C ASN A 95 -6.84 -20.51 -44.57
N ARG A 96 -7.69 -20.24 -43.58
CA ARG A 96 -7.45 -20.62 -42.18
C ARG A 96 -8.76 -20.67 -41.37
N SER A 97 -9.13 -21.85 -40.89
CA SER A 97 -10.34 -22.02 -40.09
C SER A 97 -10.27 -21.28 -38.76
N LEU A 98 -11.42 -20.97 -38.17
CA LEU A 98 -11.44 -20.26 -36.89
C LEU A 98 -10.69 -21.11 -35.85
N LEU A 99 -10.63 -22.42 -36.08
CA LEU A 99 -9.95 -23.38 -35.21
C LEU A 99 -8.48 -23.05 -35.05
N PHE A 100 -7.84 -22.70 -36.18
CA PHE A 100 -6.46 -22.25 -36.20
C PHE A 100 -6.27 -21.30 -35.03
N MET A 101 -6.99 -20.19 -35.08
CA MET A 101 -6.94 -19.17 -34.04
C MET A 101 -7.06 -19.84 -32.67
N GLN A 102 -8.05 -20.73 -32.55
CA GLN A 102 -8.32 -21.37 -31.26
C GLN A 102 -7.23 -22.33 -30.76
N TRP A 103 -6.56 -23.08 -31.63
CA TRP A 103 -5.54 -23.99 -31.15
C TRP A 103 -4.35 -23.19 -30.66
N GLY A 104 -4.14 -22.02 -31.25
CA GLY A 104 -3.03 -21.20 -30.83
C GLY A 104 -3.18 -20.79 -29.38
N GLN A 105 -4.40 -20.49 -28.97
CA GLN A 105 -4.65 -20.06 -27.61
C GLN A 105 -4.52 -21.19 -26.62
N ILE A 106 -4.65 -22.42 -27.08
CA ILE A 106 -4.53 -23.56 -26.19
C ILE A 106 -3.05 -23.89 -25.94
N VAL A 107 -2.29 -23.93 -27.03
CA VAL A 107 -0.88 -24.14 -26.92
C VAL A 107 -0.25 -23.08 -26.03
N ASP A 108 -0.69 -21.79 -26.15
CA ASP A 108 -0.16 -20.64 -25.31
C ASP A 108 -0.47 -20.86 -23.84
N HIS A 109 -1.73 -21.16 -23.50
CA HIS A 109 -2.15 -21.35 -22.11
C HIS A 109 -1.48 -22.55 -21.44
N ASP A 110 -0.98 -23.59 -22.21
CA ASP A 110 -0.27 -24.79 -21.73
C ASP A 110 1.12 -24.35 -21.33
N LEU A 111 1.62 -23.24 -21.95
CA LEU A 111 2.97 -22.79 -21.73
C LEU A 111 3.20 -21.65 -20.77
N ASP A 112 2.29 -20.70 -20.55
CA ASP A 112 2.68 -19.57 -19.70
C ASP A 112 1.49 -18.80 -19.05
N PHE A 113 1.63 -18.50 -17.69
CA PHE A 113 0.73 -17.64 -16.92
C PHE A 113 1.54 -16.71 -15.99
N ALA A 114 1.56 -15.38 -16.22
CA ALA A 114 2.15 -14.42 -15.30
C ALA A 114 0.91 -13.85 -14.58
N PRO A 115 0.77 -14.26 -13.29
CA PRO A 115 -0.35 -13.80 -12.48
C PRO A 115 -0.41 -12.33 -12.29
N GLU A 116 -1.45 -11.58 -12.66
CA GLU A 116 -1.18 -10.25 -12.11
C GLU A 116 -1.37 -10.39 -10.56
N THR A 117 -0.82 -9.36 -9.88
CA THR A 117 -0.57 -9.23 -8.44
C THR A 117 -1.65 -9.37 -7.44
N GLU A 118 -1.97 -8.26 -6.96
CA GLU A 118 -2.73 -8.39 -5.84
C GLU A 118 -4.22 -8.45 -5.95
N LEU A 119 -4.62 -8.93 -4.83
CA LEU A 119 -6.01 -9.04 -4.51
C LEU A 119 -6.19 -8.04 -3.39
N GLY A 120 -6.05 -8.59 -2.20
CA GLY A 120 -6.16 -7.87 -1.00
C GLY A 120 -6.90 -8.73 -0.01
N SER A 121 -8.19 -9.04 -0.39
CA SER A 121 -9.15 -9.76 0.49
C SER A 121 -9.68 -8.73 1.37
N SER A 122 -10.73 -8.14 0.83
CA SER A 122 -11.40 -7.00 1.40
C SER A 122 -10.38 -5.87 1.41
N GLU A 123 -10.31 -5.18 0.25
CA GLU A 123 -9.36 -4.13 0.07
C GLU A 123 -9.90 -2.76 -0.34
N HIS A 124 -9.27 -1.74 0.22
CA HIS A 124 -9.60 -0.35 -0.05
C HIS A 124 -8.74 0.14 -1.15
N SER A 125 -7.87 -0.74 -1.65
CA SER A 125 -6.93 -0.34 -2.68
C SER A 125 -7.30 -0.71 -4.12
N LYS A 126 -8.20 -1.67 -4.30
CA LYS A 126 -8.66 -1.99 -5.65
C LYS A 126 -9.53 -0.81 -6.04
N VAL A 127 -10.10 -0.20 -5.02
CA VAL A 127 -10.98 0.93 -5.15
C VAL A 127 -10.24 2.22 -5.53
N GLN A 128 -8.96 2.39 -5.15
CA GLN A 128 -8.20 3.60 -5.43
C GLN A 128 -7.61 3.65 -6.83
N CYS A 129 -7.77 2.57 -7.59
CA CYS A 129 -7.24 2.45 -8.94
C CYS A 129 -8.36 2.44 -10.01
N GLU A 130 -9.57 2.06 -9.58
CA GLU A 130 -10.75 2.01 -10.45
C GLU A 130 -11.71 3.18 -10.13
N GLU A 131 -11.19 4.29 -9.61
CA GLU A 131 -12.03 5.43 -9.26
C GLU A 131 -11.34 6.76 -9.40
N TYR A 132 -10.13 6.86 -8.85
CA TYR A 132 -9.35 8.09 -8.91
C TYR A 132 -8.14 7.95 -9.84
N CYS A 133 -7.94 6.73 -10.33
CA CYS A 133 -6.84 6.47 -11.26
C CYS A 133 -5.54 7.06 -10.74
N ILE A 134 -5.16 6.66 -9.53
CA ILE A 134 -3.95 7.17 -8.94
C ILE A 134 -2.86 6.12 -9.01
N GLN A 135 -1.75 6.52 -9.60
CA GLN A 135 -0.54 5.70 -9.72
C GLN A 135 -0.05 5.32 -8.32
N GLY A 136 0.44 4.08 -8.12
CA GLY A 136 0.93 3.69 -6.83
C GLY A 136 1.34 2.22 -6.64
N ASP A 137 2.64 1.90 -6.74
CA ASP A 137 3.26 0.55 -6.44
C ASP A 137 2.62 -0.77 -6.90
N ASN A 138 1.31 -0.80 -7.10
CA ASN A 138 0.78 -2.07 -7.60
C ASN A 138 -0.21 -1.75 -8.66
N CYS A 139 -0.57 -0.49 -8.67
CA CYS A 139 -1.52 -0.02 -9.62
C CYS A 139 -0.82 0.94 -10.59
N PHE A 140 -0.73 0.55 -11.83
CA PHE A 140 -0.12 1.31 -12.92
C PHE A 140 -1.24 1.49 -13.97
N PRO A 141 -1.97 2.64 -13.86
CA PRO A 141 -3.15 2.96 -14.74
C PRO A 141 -2.94 3.06 -16.19
N ILE A 142 -4.01 2.90 -16.93
CA ILE A 142 -3.85 3.21 -18.30
C ILE A 142 -4.67 4.45 -18.48
N MET A 143 -3.98 5.56 -18.80
CA MET A 143 -4.67 6.83 -18.97
C MET A 143 -5.31 6.98 -20.34
N PHE A 144 -6.41 7.74 -20.39
CA PHE A 144 -7.08 8.03 -21.62
C PHE A 144 -6.52 9.35 -22.22
N PRO A 145 -6.15 9.29 -23.48
CA PRO A 145 -5.70 10.48 -24.20
C PRO A 145 -6.80 11.54 -24.24
N LYS A 146 -6.47 12.69 -24.78
CA LYS A 146 -7.45 13.76 -24.97
C LYS A 146 -8.34 13.38 -26.17
N ASN A 147 -9.56 13.86 -26.17
CA ASN A 147 -10.44 13.62 -27.31
C ASN A 147 -10.68 12.16 -27.64
N ASP A 148 -10.78 11.33 -26.57
CA ASP A 148 -11.00 9.87 -26.69
C ASP A 148 -12.40 9.44 -26.15
N PRO A 149 -13.12 8.53 -26.88
CA PRO A 149 -14.58 8.25 -26.53
C PRO A 149 -14.86 7.84 -25.14
N LYS A 150 -13.98 6.97 -24.73
CA LYS A 150 -14.06 6.36 -23.43
C LYS A 150 -14.10 7.38 -22.32
N LEU A 151 -13.62 8.57 -22.61
CA LEU A 151 -13.62 9.69 -21.64
C LEU A 151 -15.04 10.11 -21.24
N LYS A 152 -15.84 10.41 -22.25
CA LYS A 152 -17.21 10.82 -22.02
C LYS A 152 -17.98 9.72 -21.28
N THR A 153 -17.63 8.45 -21.62
CA THR A 153 -18.36 7.23 -21.18
C THR A 153 -17.86 6.36 -20.03
N GLN A 154 -16.59 6.23 -19.79
CA GLN A 154 -16.23 5.27 -18.75
C GLN A 154 -15.53 6.05 -17.69
N GLY A 155 -14.63 6.91 -18.14
CA GLY A 155 -13.94 7.68 -17.13
C GLY A 155 -12.60 8.32 -17.52
N LYS A 156 -11.67 8.23 -16.59
CA LYS A 156 -10.35 8.82 -16.74
C LYS A 156 -9.30 7.81 -17.18
N CYS A 157 -9.46 6.61 -16.74
CA CYS A 157 -8.52 5.57 -17.05
C CYS A 157 -9.15 4.21 -16.77
N MET A 158 -8.47 3.17 -17.22
CA MET A 158 -8.94 1.83 -16.93
C MET A 158 -7.90 1.09 -16.11
N PRO A 159 -8.41 0.36 -15.10
CA PRO A 159 -7.51 -0.39 -14.15
C PRO A 159 -6.41 -1.25 -14.75
N PHE A 160 -5.29 -1.34 -14.08
CA PHE A 160 -4.21 -2.18 -14.58
C PHE A 160 -3.21 -2.40 -13.46
N PHE A 161 -3.07 -3.65 -13.05
CA PHE A 161 -2.17 -4.02 -11.98
C PHE A 161 -0.96 -4.78 -12.52
N ARG A 162 0.23 -4.32 -12.15
CA ARG A 162 1.45 -4.96 -12.60
C ARG A 162 1.43 -6.44 -12.29
N ALA A 163 2.20 -7.22 -13.04
CA ALA A 163 2.23 -8.67 -12.83
C ALA A 163 3.22 -9.16 -11.78
N GLY A 164 2.87 -10.27 -11.15
CA GLY A 164 3.63 -10.86 -10.08
C GLY A 164 5.11 -11.11 -10.36
N PHE A 165 5.88 -10.79 -9.31
CA PHE A 165 7.32 -10.97 -9.26
C PHE A 165 7.68 -11.78 -8.02
N VAL A 166 8.78 -12.47 -8.29
CA VAL A 166 9.51 -13.55 -7.60
C VAL A 166 10.19 -13.57 -6.29
N CYS A 167 10.16 -12.70 -5.39
CA CYS A 167 10.81 -13.17 -4.17
C CYS A 167 9.63 -13.09 -3.23
N PRO A 168 9.16 -11.84 -3.35
CA PRO A 168 7.88 -11.34 -2.73
C PRO A 168 6.53 -11.85 -3.30
N THR A 169 5.63 -10.86 -3.34
CA THR A 169 4.29 -10.69 -3.83
C THR A 169 4.17 -9.16 -3.45
N PRO A 170 4.12 -8.92 -2.12
CA PRO A 170 4.16 -7.55 -1.55
C PRO A 170 5.38 -6.78 -2.03
N PRO A 171 5.62 -5.67 -1.33
CA PRO A 171 6.67 -4.59 -1.66
C PRO A 171 8.28 -4.47 -1.76
N TYR A 172 9.39 -5.11 -2.31
CA TYR A 172 10.76 -4.43 -1.89
C TYR A 172 12.05 -4.16 -2.82
N GLN A 173 13.19 -5.02 -2.90
CA GLN A 173 14.49 -4.46 -3.54
C GLN A 173 15.60 -5.14 -4.53
N SER A 174 16.93 -4.87 -4.18
CA SER A 174 18.23 -5.16 -4.82
C SER A 174 18.25 -5.66 -6.35
N LEU A 175 17.56 -6.72 -6.90
CA LEU A 175 17.83 -7.16 -8.31
C LEU A 175 16.75 -6.97 -9.43
N ALA A 176 17.21 -6.81 -10.67
CA ALA A 176 16.31 -6.59 -11.76
C ALA A 176 15.16 -7.55 -11.61
N ARG A 177 13.98 -6.98 -11.54
CA ARG A 177 12.69 -7.64 -11.39
C ARG A 177 12.28 -8.65 -12.48
N ASP A 178 11.80 -9.82 -12.06
CA ASP A 178 11.35 -10.85 -13.01
C ASP A 178 9.96 -11.41 -12.64
N GLN A 179 9.14 -11.70 -13.66
CA GLN A 179 7.79 -12.21 -13.43
C GLN A 179 7.69 -13.74 -13.43
N ILE A 180 6.69 -14.23 -12.69
CA ILE A 180 6.51 -15.66 -12.49
C ILE A 180 5.64 -16.37 -13.51
N ASN A 181 6.07 -17.54 -13.91
CA ASN A 181 5.28 -18.41 -14.77
C ASN A 181 4.65 -19.43 -13.84
N SER A 182 3.34 -19.40 -13.71
CA SER A 182 2.63 -20.33 -12.86
C SER A 182 2.18 -21.64 -13.52
N VAL A 183 2.74 -21.95 -14.70
CA VAL A 183 2.36 -23.16 -15.41
C VAL A 183 3.65 -23.87 -15.91
N THR A 184 3.61 -25.18 -16.07
CA THR A 184 4.79 -25.88 -16.53
C THR A 184 5.17 -25.50 -17.94
N SER A 185 6.46 -25.30 -18.16
CA SER A 185 6.98 -24.86 -19.46
C SER A 185 6.99 -25.89 -20.58
N PHE A 186 6.75 -27.15 -20.27
CA PHE A 186 6.74 -28.19 -21.31
C PHE A 186 5.35 -28.35 -21.90
N LEU A 187 5.26 -28.80 -23.16
CA LEU A 187 3.95 -29.01 -23.78
C LEU A 187 3.39 -30.33 -23.26
N ASP A 188 2.85 -30.30 -22.04
CA ASP A 188 2.34 -31.51 -21.40
C ASP A 188 0.86 -31.53 -21.03
N ALA A 189 0.03 -30.76 -21.72
CA ALA A 189 -1.41 -30.71 -21.44
C ALA A 189 -1.71 -30.56 -19.98
N SER A 190 -1.28 -29.46 -19.43
CA SER A 190 -1.50 -29.21 -18.01
C SER A 190 -2.50 -28.10 -17.81
N LEU A 191 -3.10 -27.69 -18.92
CA LEU A 191 -4.21 -26.78 -18.89
C LEU A 191 -5.38 -27.67 -18.48
N VAL A 192 -5.17 -28.98 -18.61
CA VAL A 192 -6.18 -29.98 -18.26
C VAL A 192 -5.97 -30.55 -16.87
N TYR A 193 -4.81 -31.17 -16.65
CA TYR A 193 -4.50 -31.80 -15.36
C TYR A 193 -4.07 -30.86 -14.25
N GLY A 194 -3.85 -29.60 -14.56
CA GLY A 194 -3.42 -28.63 -13.57
C GLY A 194 -1.92 -28.56 -13.30
N SER A 195 -1.50 -27.54 -12.56
CA SER A 195 -0.08 -27.35 -12.19
C SER A 195 0.17 -27.40 -10.68
N GLU A 196 -0.76 -27.97 -9.93
CA GLU A 196 -0.57 -28.04 -8.48
C GLU A 196 -0.96 -29.39 -7.93
N PRO A 197 -0.12 -29.91 -7.06
CA PRO A 197 -0.41 -31.23 -6.44
C PRO A 197 -1.83 -31.34 -5.98
N SER A 198 -2.21 -30.37 -5.18
CA SER A 198 -3.52 -30.22 -4.57
C SER A 198 -4.71 -30.01 -5.51
N LEU A 199 -4.56 -29.19 -6.52
CA LEU A 199 -5.64 -29.01 -7.46
C LEU A 199 -5.67 -30.22 -8.34
N ALA A 200 -4.48 -30.59 -8.81
CA ALA A 200 -4.32 -31.73 -9.70
C ALA A 200 -5.21 -32.92 -9.28
N SER A 201 -5.30 -33.13 -7.93
CA SER A 201 -6.07 -34.25 -7.35
C SER A 201 -7.61 -34.01 -7.40
N ARG A 202 -8.01 -32.86 -6.84
CA ARG A 202 -9.40 -32.38 -6.73
C ARG A 202 -10.12 -32.40 -8.11
N LEU A 203 -9.32 -32.22 -9.16
CA LEU A 203 -9.82 -32.17 -10.52
C LEU A 203 -10.22 -33.53 -11.07
N ARG A 204 -9.90 -34.57 -10.30
CA ARG A 204 -10.18 -35.97 -10.65
C ARG A 204 -11.30 -36.60 -9.81
N ASN A 205 -11.94 -37.61 -10.40
CA ASN A 205 -13.00 -38.40 -9.76
C ASN A 205 -12.26 -39.59 -9.14
N LEU A 206 -11.88 -39.43 -7.85
CA LEU A 206 -11.20 -40.47 -7.11
C LEU A 206 -12.20 -41.45 -6.42
N SER A 207 -13.53 -41.13 -6.55
CA SER A 207 -14.65 -41.94 -5.98
C SER A 207 -14.88 -43.20 -6.81
N SER A 208 -13.90 -43.52 -7.70
CA SER A 208 -13.93 -44.69 -8.63
C SER A 208 -12.51 -45.16 -9.07
N PRO A 209 -12.45 -46.38 -9.61
CA PRO A 209 -11.20 -47.15 -9.92
C PRO A 209 -10.68 -46.74 -11.17
N LEU A 210 -11.69 -46.22 -11.80
CA LEU A 210 -11.59 -46.11 -13.25
C LEU A 210 -10.58 -45.07 -13.70
N GLY A 211 -10.06 -44.29 -12.76
CA GLY A 211 -9.08 -43.27 -13.08
C GLY A 211 -9.60 -42.27 -14.10
N LEU A 212 -10.50 -41.39 -13.67
CA LEU A 212 -11.07 -40.42 -14.58
C LEU A 212 -11.00 -39.03 -13.95
N MET A 213 -11.22 -38.01 -14.79
CA MET A 213 -11.26 -36.63 -14.32
C MET A 213 -12.71 -36.47 -13.90
N ALA A 214 -12.96 -35.69 -12.86
CA ALA A 214 -14.32 -35.51 -12.39
C ALA A 214 -15.16 -34.64 -13.31
N VAL A 215 -16.39 -35.07 -13.60
CA VAL A 215 -17.29 -34.30 -14.46
C VAL A 215 -18.44 -33.62 -13.70
N ASN A 216 -19.15 -32.76 -14.42
CA ASN A 216 -20.27 -32.02 -13.84
C ASN A 216 -21.48 -32.93 -13.61
N GLN A 217 -22.02 -32.85 -12.39
CA GLN A 217 -23.17 -33.67 -12.01
C GLN A 217 -24.51 -32.96 -12.17
N GLU A 218 -24.49 -31.66 -12.46
CA GLU A 218 -25.73 -30.91 -12.63
C GLU A 218 -26.20 -30.74 -14.07
N ALA A 219 -25.32 -30.94 -15.05
CA ALA A 219 -25.72 -30.77 -16.44
C ALA A 219 -24.92 -31.60 -17.42
N TRP A 220 -25.60 -32.18 -18.39
CA TRP A 220 -24.94 -33.00 -19.39
C TRP A 220 -25.25 -32.48 -20.79
N ASP A 221 -24.51 -32.96 -21.78
CA ASP A 221 -24.73 -32.52 -23.16
C ASP A 221 -25.00 -33.72 -24.06
N HIS A 222 -26.29 -34.00 -24.25
CA HIS A 222 -26.74 -35.11 -25.07
C HIS A 222 -26.00 -36.37 -24.65
N GLY A 223 -26.10 -36.66 -23.36
CA GLY A 223 -25.45 -37.84 -22.79
C GLY A 223 -23.93 -37.76 -22.82
N LEU A 224 -23.41 -36.54 -22.70
CA LEU A 224 -21.98 -36.33 -22.74
C LEU A 224 -21.50 -35.40 -21.66
N ALA A 225 -20.22 -35.53 -21.34
CA ALA A 225 -19.56 -34.77 -20.28
C ALA A 225 -19.36 -33.28 -20.48
N TYR A 226 -19.22 -32.60 -19.34
CA TYR A 226 -18.99 -31.17 -19.25
C TYR A 226 -18.02 -31.04 -18.09
N PRO A 227 -17.23 -29.97 -18.05
CA PRO A 227 -16.36 -29.94 -16.88
C PRO A 227 -17.24 -29.49 -15.70
N PRO A 228 -16.76 -29.65 -14.46
CA PRO A 228 -17.51 -29.27 -13.26
C PRO A 228 -17.43 -27.77 -13.03
N PHE A 229 -18.49 -27.20 -12.45
CA PHE A 229 -18.51 -25.77 -12.18
C PHE A 229 -17.51 -25.42 -11.10
N ASN A 230 -17.16 -24.15 -11.02
CA ASN A 230 -16.21 -23.67 -10.03
C ASN A 230 -16.96 -23.05 -8.83
N ASN A 231 -16.54 -23.42 -7.61
CA ASN A 231 -17.14 -22.94 -6.36
C ASN A 231 -17.29 -21.43 -6.27
N MET A 232 -16.14 -20.77 -6.28
CA MET A 232 -15.94 -19.33 -6.20
C MET A 232 -17.13 -18.39 -6.26
N LYS A 233 -17.50 -17.82 -5.12
CA LYS A 233 -18.58 -16.85 -5.16
C LYS A 233 -17.85 -15.57 -5.61
N PRO A 234 -18.55 -14.70 -6.34
CA PRO A 234 -18.31 -13.44 -7.01
C PRO A 234 -17.61 -13.96 -8.26
N SER A 235 -18.34 -14.88 -8.86
CA SER A 235 -17.98 -15.58 -10.08
C SER A 235 -18.33 -14.62 -11.23
N PRO A 236 -17.50 -14.59 -12.29
CA PRO A 236 -17.78 -13.71 -13.42
C PRO A 236 -18.85 -14.30 -14.33
N CYS A 237 -18.81 -15.63 -14.44
CA CYS A 237 -19.75 -16.38 -15.29
C CYS A 237 -21.20 -16.11 -14.93
N GLU A 238 -21.50 -16.02 -13.63
CA GLU A 238 -22.86 -15.75 -13.16
C GLU A 238 -23.26 -14.29 -13.40
N PHE A 239 -22.33 -13.37 -13.16
CA PHE A 239 -22.58 -11.94 -13.32
C PHE A 239 -23.11 -11.62 -14.71
N ILE A 240 -22.51 -12.23 -15.73
CA ILE A 240 -22.95 -11.99 -17.10
C ILE A 240 -24.45 -12.02 -17.11
N ASN A 241 -25.02 -13.18 -16.83
CA ASN A 241 -26.45 -13.31 -16.80
C ASN A 241 -26.92 -13.92 -15.48
N THR A 242 -27.44 -13.06 -14.62
CA THR A 242 -27.94 -13.45 -13.31
C THR A 242 -29.17 -14.36 -13.44
N THR A 243 -30.02 -14.12 -14.43
CA THR A 243 -31.22 -14.94 -14.61
C THR A 243 -30.82 -16.41 -14.79
N ALA A 244 -29.91 -16.65 -15.73
CA ALA A 244 -29.44 -18.01 -15.99
C ALA A 244 -28.69 -18.50 -14.77
N ARG A 245 -27.74 -17.71 -14.30
CA ARG A 245 -26.99 -18.09 -13.11
C ARG A 245 -26.22 -19.39 -13.34
N VAL A 246 -25.28 -19.35 -14.28
CA VAL A 246 -24.47 -20.51 -14.59
C VAL A 246 -23.01 -20.20 -14.31
N PRO A 247 -22.42 -20.90 -13.34
CA PRO A 247 -21.02 -20.71 -12.94
C PRO A 247 -19.95 -21.08 -13.97
N CYS A 248 -18.73 -20.62 -13.68
CA CYS A 248 -17.57 -20.89 -14.52
C CYS A 248 -17.18 -22.36 -14.45
N PHE A 249 -16.56 -22.86 -15.50
CA PHE A 249 -16.15 -24.24 -15.49
C PHE A 249 -14.86 -24.36 -14.75
N GLN A 250 -14.67 -25.50 -14.10
CA GLN A 250 -13.44 -25.73 -13.37
C GLN A 250 -12.55 -26.59 -14.23
N ALA A 251 -11.37 -26.09 -14.58
CA ALA A 251 -10.47 -26.88 -15.41
C ALA A 251 -9.04 -26.81 -14.89
N GLY A 252 -8.15 -27.54 -15.56
CA GLY A 252 -6.75 -27.56 -15.16
C GLY A 252 -6.03 -26.22 -15.20
N ASP A 253 -6.66 -25.20 -15.79
CA ASP A 253 -6.08 -23.85 -15.90
C ASP A 253 -7.14 -22.77 -15.72
N SER A 254 -6.84 -21.77 -14.90
CA SER A 254 -7.80 -20.68 -14.64
C SER A 254 -8.57 -20.18 -15.87
N ARG A 255 -7.87 -19.59 -16.85
CA ARG A 255 -8.57 -18.99 -18.01
C ARG A 255 -9.59 -19.85 -18.79
N ALA A 256 -9.60 -21.12 -18.54
CA ALA A 256 -10.50 -22.05 -19.21
C ALA A 256 -11.83 -21.49 -19.71
N SER A 257 -12.41 -20.51 -19.03
CA SER A 257 -13.70 -19.99 -19.52
C SER A 257 -13.74 -18.46 -19.90
N GLU A 258 -12.65 -17.92 -20.47
CA GLU A 258 -12.67 -16.47 -20.89
C GLU A 258 -13.58 -16.33 -22.10
N GLN A 259 -13.78 -17.40 -22.84
CA GLN A 259 -14.65 -17.26 -23.99
C GLN A 259 -15.24 -18.58 -24.45
N ILE A 260 -16.48 -18.52 -24.92
CA ILE A 260 -17.21 -19.70 -25.25
C ILE A 260 -16.40 -20.66 -26.07
N LEU A 261 -15.62 -20.16 -26.99
CA LEU A 261 -14.82 -21.00 -27.86
C LEU A 261 -13.68 -21.74 -27.15
N LEU A 262 -13.03 -21.11 -26.19
CA LEU A 262 -11.93 -21.76 -25.47
C LEU A 262 -12.48 -22.82 -24.51
N ALA A 263 -13.49 -22.42 -23.74
CA ALA A 263 -14.12 -23.33 -22.79
C ALA A 263 -14.61 -24.56 -23.55
N THR A 264 -14.87 -24.39 -24.83
CA THR A 264 -15.34 -25.48 -25.68
C THR A 264 -14.25 -26.53 -25.90
N VAL A 265 -13.14 -26.16 -26.52
CA VAL A 265 -12.10 -27.14 -26.73
C VAL A 265 -11.64 -27.70 -25.38
N HIS A 266 -11.88 -26.95 -24.32
CA HIS A 266 -11.48 -27.40 -23.00
C HIS A 266 -12.23 -28.62 -22.55
N THR A 267 -13.37 -28.84 -23.20
CA THR A 267 -14.23 -29.98 -22.90
C THR A 267 -13.83 -31.14 -23.81
N LEU A 268 -13.61 -30.88 -25.09
CA LEU A 268 -13.19 -31.97 -25.96
C LEU A 268 -11.98 -32.63 -25.32
N LEU A 269 -11.11 -31.82 -24.74
CA LEU A 269 -9.94 -32.35 -24.09
C LEU A 269 -10.37 -33.24 -22.92
N LEU A 270 -11.12 -32.65 -22.00
CA LEU A 270 -11.61 -33.36 -20.84
C LEU A 270 -12.28 -34.67 -21.22
N ARG A 271 -13.04 -34.65 -22.31
CA ARG A 271 -13.71 -35.85 -22.75
C ARG A 271 -12.73 -36.86 -23.32
N GLU A 272 -11.70 -36.37 -23.99
CA GLU A 272 -10.69 -37.22 -24.59
C GLU A 272 -10.10 -38.14 -23.54
N HIS A 273 -9.81 -37.58 -22.37
CA HIS A 273 -9.22 -38.32 -21.28
C HIS A 273 -10.13 -39.45 -20.79
N ASN A 274 -11.31 -39.11 -20.28
CA ASN A 274 -12.24 -40.14 -19.80
C ASN A 274 -12.39 -41.28 -20.80
N ARG A 275 -12.30 -40.96 -22.07
CA ARG A 275 -12.45 -41.99 -23.09
C ARG A 275 -11.28 -42.94 -22.95
N LEU A 276 -10.07 -42.41 -23.09
CA LEU A 276 -8.84 -43.19 -23.00
C LEU A 276 -8.79 -44.06 -21.75
N ALA A 277 -9.03 -43.45 -20.59
CA ALA A 277 -9.03 -44.20 -19.34
C ALA A 277 -10.01 -45.36 -19.46
N ARG A 278 -11.24 -45.05 -19.85
CA ARG A 278 -12.26 -46.07 -20.00
C ARG A 278 -11.73 -47.13 -20.95
N GLU A 279 -11.43 -46.70 -22.17
CA GLU A 279 -10.91 -47.58 -23.21
C GLU A 279 -9.77 -48.47 -22.71
N LEU A 280 -8.75 -47.84 -22.13
CA LEU A 280 -7.60 -48.58 -21.61
C LEU A 280 -8.05 -49.63 -20.61
N LYS A 281 -8.99 -49.27 -19.74
CA LYS A 281 -9.48 -50.20 -18.73
C LYS A 281 -9.94 -51.54 -19.29
N ARG A 282 -10.70 -51.55 -20.39
CA ARG A 282 -11.16 -52.83 -20.92
C ARG A 282 -10.07 -53.62 -21.61
N LEU A 283 -9.13 -52.93 -22.25
CA LEU A 283 -8.03 -53.65 -22.89
C LEU A 283 -7.06 -54.13 -21.81
N ASN A 284 -7.06 -53.45 -20.68
CA ASN A 284 -6.19 -53.79 -19.55
C ASN A 284 -7.02 -53.84 -18.26
N PRO A 285 -7.89 -54.85 -18.15
CA PRO A 285 -8.79 -55.10 -17.01
C PRO A 285 -8.20 -54.94 -15.60
N HIS A 286 -6.98 -55.42 -15.41
CA HIS A 286 -6.36 -55.41 -14.08
C HIS A 286 -5.56 -54.13 -13.74
N TRP A 287 -5.58 -53.09 -14.58
CA TRP A 287 -4.81 -51.88 -14.26
C TRP A 287 -5.38 -51.12 -13.09
N ASP A 288 -4.70 -50.06 -12.69
CA ASP A 288 -5.07 -49.33 -11.50
C ASP A 288 -5.83 -48.05 -11.77
N GLY A 289 -6.63 -47.64 -10.81
CA GLY A 289 -7.39 -46.44 -11.00
C GLY A 289 -6.38 -45.40 -11.36
N GLU A 290 -5.29 -45.51 -10.57
CA GLU A 290 -4.15 -44.63 -10.75
C GLU A 290 -3.38 -44.90 -12.03
N LYS A 291 -3.04 -46.15 -12.35
CA LYS A 291 -2.33 -46.45 -13.63
C LYS A 291 -3.13 -45.85 -14.80
N LEU A 292 -4.46 -45.91 -14.70
CA LEU A 292 -5.35 -45.38 -15.75
C LEU A 292 -4.96 -43.91 -16.06
N TYR A 293 -4.94 -42.98 -15.06
CA TYR A 293 -4.47 -41.57 -15.26
C TYR A 293 -2.99 -41.69 -15.56
N GLN A 294 -2.44 -40.74 -16.23
CA GLN A 294 -1.05 -40.78 -16.69
C GLN A 294 -0.68 -41.90 -17.70
N GLU A 295 -1.49 -42.97 -17.95
CA GLU A 295 -1.20 -43.78 -19.09
C GLU A 295 -2.02 -43.09 -20.14
N ALA A 296 -3.10 -42.55 -19.63
CA ALA A 296 -3.96 -41.80 -20.54
C ALA A 296 -3.36 -40.41 -20.65
N ARG A 297 -3.12 -39.79 -19.49
CA ARG A 297 -2.52 -38.46 -19.44
C ARG A 297 -1.25 -38.43 -20.29
N LYS A 298 -0.61 -39.58 -20.48
CA LYS A 298 0.58 -39.61 -21.30
C LYS A 298 0.08 -39.54 -22.75
N ILE A 299 -0.85 -40.42 -23.05
CA ILE A 299 -1.44 -40.47 -24.39
C ILE A 299 -1.92 -39.08 -24.82
N LEU A 300 -2.49 -38.34 -23.87
CA LEU A 300 -3.03 -37.03 -24.19
C LEU A 300 -1.99 -35.95 -24.49
N GLY A 301 -0.98 -35.82 -23.63
CA GLY A 301 0.04 -34.81 -23.88
C GLY A 301 0.62 -35.04 -25.26
N ALA A 302 1.06 -36.27 -25.50
CA ALA A 302 1.63 -36.67 -26.78
C ALA A 302 0.73 -36.21 -27.91
N PHE A 303 -0.57 -36.20 -27.66
CA PHE A 303 -1.49 -35.76 -28.67
C PHE A 303 -1.27 -34.28 -28.93
N ILE A 304 -1.29 -33.47 -27.87
CA ILE A 304 -1.10 -32.03 -28.01
C ILE A 304 0.17 -31.78 -28.83
N GLN A 305 1.30 -32.22 -28.29
CA GLN A 305 2.57 -32.06 -28.96
C GLN A 305 2.49 -32.28 -30.45
N ILE A 306 1.92 -33.40 -30.87
CA ILE A 306 1.83 -33.68 -32.28
C ILE A 306 1.10 -32.63 -33.09
N ILE A 307 -0.18 -32.46 -32.78
CA ILE A 307 -0.99 -31.48 -33.48
C ILE A 307 -0.27 -30.13 -33.56
N THR A 308 0.39 -29.76 -32.48
CA THR A 308 1.11 -28.50 -32.41
C THR A 308 2.35 -28.42 -33.32
N PHE A 309 3.16 -29.47 -33.39
CA PHE A 309 4.39 -29.38 -34.19
C PHE A 309 4.14 -29.87 -35.58
N ARG A 310 3.12 -30.68 -35.69
CA ARG A 310 2.83 -31.23 -36.97
C ARG A 310 1.76 -30.53 -37.81
N ASP A 311 0.73 -29.93 -37.29
CA ASP A 311 -0.17 -29.37 -38.32
C ASP A 311 -0.22 -27.89 -38.10
N TYR A 312 0.20 -27.57 -36.91
CA TYR A 312 0.07 -26.21 -36.46
C TYR A 312 1.23 -25.28 -36.58
N LEU A 313 2.40 -25.77 -36.21
CA LEU A 313 3.49 -24.83 -36.28
C LEU A 313 3.95 -24.62 -37.69
N PRO A 314 3.89 -25.69 -38.50
CA PRO A 314 4.34 -25.60 -39.89
C PRO A 314 3.59 -24.51 -40.65
N ILE A 315 2.41 -24.14 -40.18
CA ILE A 315 1.66 -23.08 -40.87
C ILE A 315 1.65 -21.72 -40.18
N VAL A 316 2.31 -21.60 -39.03
CA VAL A 316 2.38 -20.30 -38.37
C VAL A 316 3.68 -19.70 -38.88
N LEU A 317 4.73 -20.52 -38.86
CA LEU A 317 6.06 -20.10 -39.29
C LEU A 317 6.28 -20.12 -40.80
N GLY A 318 5.67 -21.07 -41.49
CA GLY A 318 5.84 -21.15 -42.93
C GLY A 318 7.26 -21.48 -43.34
N SER A 319 7.79 -20.72 -44.28
CA SER A 319 9.12 -20.97 -44.77
C SER A 319 10.27 -20.67 -43.79
N GLU A 320 9.95 -20.45 -42.51
CA GLU A 320 10.99 -20.16 -41.52
C GLU A 320 11.07 -21.26 -40.45
N MET A 321 10.37 -22.35 -40.70
CA MET A 321 10.35 -23.47 -39.77
C MET A 321 11.61 -24.33 -39.83
N GLN A 322 12.10 -24.61 -41.04
CA GLN A 322 13.31 -25.41 -41.17
C GLN A 322 14.49 -24.64 -40.59
N LYS A 323 14.47 -23.32 -40.82
CA LYS A 323 15.51 -22.39 -40.36
C LYS A 323 15.68 -22.37 -38.83
N TRP A 324 14.58 -22.55 -38.09
CA TRP A 324 14.63 -22.53 -36.63
C TRP A 324 14.38 -23.88 -35.96
N ILE A 325 13.44 -24.62 -36.50
CA ILE A 325 13.08 -25.92 -35.95
C ILE A 325 13.55 -27.03 -36.87
N PRO A 326 14.81 -27.48 -36.70
CA PRO A 326 15.37 -28.56 -37.51
C PRO A 326 14.68 -29.85 -37.06
N ARG A 327 14.99 -30.97 -37.70
CA ARG A 327 14.38 -32.25 -37.35
C ARG A 327 14.94 -32.78 -36.01
N TYR A 328 14.08 -33.32 -35.13
CA TYR A 328 14.53 -33.82 -33.83
C TYR A 328 15.64 -34.87 -33.93
N GLN A 329 16.73 -34.60 -33.21
CA GLN A 329 17.87 -35.49 -33.18
C GLN A 329 18.00 -36.06 -31.76
N GLY A 330 16.90 -36.04 -31.00
CA GLY A 330 16.90 -36.59 -29.65
C GLY A 330 17.12 -35.61 -28.51
N TYR A 331 16.85 -36.04 -27.29
CA TYR A 331 17.01 -35.19 -26.10
C TYR A 331 18.40 -34.55 -25.91
N ASN A 332 18.42 -33.22 -25.95
CA ASN A 332 19.64 -32.43 -25.75
C ASN A 332 19.49 -31.88 -24.32
N ASN A 333 19.90 -32.65 -23.30
CA ASN A 333 19.75 -32.25 -21.91
C ASN A 333 20.42 -30.93 -21.55
N SER A 334 21.30 -30.44 -22.42
CA SER A 334 21.95 -29.18 -22.13
C SER A 334 21.16 -27.99 -22.64
N VAL A 335 19.85 -28.14 -22.83
CA VAL A 335 19.02 -27.05 -23.33
C VAL A 335 17.95 -26.50 -22.36
N ASP A 336 18.02 -25.19 -22.09
CA ASP A 336 17.06 -24.53 -21.19
C ASP A 336 15.63 -24.62 -21.75
N PRO A 337 14.77 -25.44 -21.13
CA PRO A 337 13.37 -25.63 -21.58
C PRO A 337 12.37 -24.59 -21.09
N ARG A 338 12.84 -23.63 -20.29
CA ARG A 338 11.97 -22.58 -19.74
C ARG A 338 11.46 -21.59 -20.75
N ILE A 339 10.28 -21.03 -20.47
CA ILE A 339 9.70 -20.03 -21.36
C ILE A 339 10.33 -18.67 -21.08
N SER A 340 10.79 -17.99 -22.13
CA SER A 340 11.42 -16.69 -21.98
C SER A 340 10.31 -15.71 -21.74
N ASN A 341 10.67 -14.50 -21.33
CA ASN A 341 9.65 -13.51 -21.06
C ASN A 341 9.04 -13.05 -22.36
N VAL A 342 9.90 -12.64 -23.28
CA VAL A 342 9.44 -12.15 -24.56
C VAL A 342 8.49 -13.10 -25.30
N PHE A 343 8.66 -14.40 -25.11
CA PHE A 343 7.78 -15.35 -25.78
C PHE A 343 6.34 -15.00 -25.44
N THR A 344 6.13 -14.61 -24.18
CA THR A 344 4.79 -14.28 -23.71
C THR A 344 4.21 -13.01 -24.33
N PHE A 345 4.97 -12.36 -25.19
CA PHE A 345 4.47 -11.16 -25.87
C PHE A 345 4.54 -11.43 -27.37
N ALA A 346 5.41 -12.37 -27.73
CA ALA A 346 5.57 -12.71 -29.12
C ALA A 346 4.40 -13.58 -29.51
N PHE A 347 3.95 -14.40 -28.58
CA PHE A 347 2.84 -15.29 -28.91
C PHE A 347 1.51 -14.56 -29.03
N ARG A 348 1.40 -13.37 -28.46
CA ARG A 348 0.14 -12.65 -28.56
C ARG A 348 -0.21 -12.21 -29.97
N PHE A 349 0.58 -12.63 -30.95
CA PHE A 349 0.31 -12.25 -32.32
C PHE A 349 -1.11 -12.74 -32.61
N GLY A 350 -1.49 -13.82 -31.94
CA GLY A 350 -2.80 -14.40 -32.13
C GLY A 350 -3.94 -13.50 -31.71
N HIS A 351 -3.66 -12.42 -30.98
CA HIS A 351 -4.72 -11.50 -30.56
C HIS A 351 -5.29 -10.81 -31.77
N MET A 352 -4.53 -10.87 -32.86
CA MET A 352 -4.91 -10.24 -34.10
C MET A 352 -5.47 -11.24 -35.12
N GLU A 353 -5.94 -12.37 -34.61
CA GLU A 353 -6.52 -13.42 -35.44
C GLU A 353 -7.92 -13.73 -34.98
N VAL A 354 -8.40 -12.93 -34.04
CA VAL A 354 -9.73 -13.09 -33.50
C VAL A 354 -10.74 -12.27 -34.32
N PRO A 355 -11.65 -12.94 -35.03
CA PRO A 355 -12.69 -12.31 -35.86
C PRO A 355 -13.75 -11.62 -35.01
N SER A 356 -14.46 -10.66 -35.60
CA SER A 356 -15.48 -9.89 -34.88
C SER A 356 -16.62 -10.66 -34.23
N THR A 357 -17.04 -11.78 -34.83
CA THR A 357 -18.17 -12.53 -34.30
C THR A 357 -17.88 -14.01 -34.12
N VAL A 358 -18.77 -14.69 -33.40
CA VAL A 358 -18.70 -16.14 -33.15
C VAL A 358 -20.02 -16.77 -33.58
N SER A 359 -19.96 -17.77 -34.46
CA SER A 359 -21.14 -18.44 -35.01
C SER A 359 -21.57 -19.76 -34.37
N ARG A 360 -22.78 -20.19 -34.71
CA ARG A 360 -23.38 -21.44 -34.23
C ARG A 360 -24.11 -22.12 -35.40
N LEU A 361 -23.69 -23.34 -35.76
CA LEU A 361 -24.31 -24.02 -36.88
C LEU A 361 -25.10 -25.24 -36.57
N ASP A 362 -26.13 -25.38 -37.36
CA ASP A 362 -27.16 -26.45 -37.35
C ASP A 362 -26.66 -27.76 -38.02
N GLU A 363 -27.06 -28.99 -37.70
CA GLU A 363 -26.32 -30.16 -38.29
C GLU A 363 -26.09 -30.16 -39.83
N ASN A 364 -26.49 -29.17 -40.58
CA ASN A 364 -26.26 -29.18 -42.02
C ASN A 364 -25.28 -28.03 -42.24
N TYR A 365 -24.68 -27.60 -41.12
CA TYR A 365 -23.75 -26.49 -41.11
C TYR A 365 -24.45 -25.29 -41.72
N GLN A 366 -25.66 -25.05 -41.23
CA GLN A 366 -26.49 -23.95 -41.65
C GLN A 366 -26.63 -23.12 -40.38
N PRO A 367 -26.73 -21.78 -40.52
CA PRO A 367 -26.87 -20.99 -39.28
C PRO A 367 -28.02 -21.56 -38.46
N ARG A 368 -27.77 -22.04 -37.25
CA ARG A 368 -28.87 -22.60 -36.51
C ARG A 368 -29.52 -21.68 -35.48
N GLY A 369 -30.67 -21.15 -35.85
CA GLY A 369 -31.37 -20.30 -34.92
C GLY A 369 -31.61 -18.86 -35.31
N PRO A 370 -32.49 -18.19 -34.53
CA PRO A 370 -32.89 -16.80 -34.66
C PRO A 370 -31.74 -15.86 -34.32
N GLU A 371 -30.79 -16.38 -33.57
CA GLU A 371 -29.62 -15.62 -33.14
C GLU A 371 -28.38 -16.52 -33.19
N ALA A 372 -28.03 -16.93 -34.41
CA ALA A 372 -26.88 -17.79 -34.65
C ALA A 372 -25.54 -17.07 -34.52
N GLU A 373 -25.41 -15.92 -35.19
CA GLU A 373 -24.18 -15.13 -35.14
C GLU A 373 -24.20 -14.20 -33.96
N LEU A 374 -23.33 -14.44 -33.00
CA LEU A 374 -23.30 -13.61 -31.81
C LEU A 374 -22.06 -12.72 -31.76
N PRO A 375 -22.25 -11.41 -31.50
CA PRO A 375 -21.08 -10.53 -31.43
C PRO A 375 -20.19 -11.07 -30.33
N LEU A 376 -18.90 -11.19 -30.64
CA LEU A 376 -17.96 -11.74 -29.68
C LEU A 376 -18.03 -11.17 -28.27
N HIS A 377 -17.93 -9.86 -28.20
CA HIS A 377 -17.90 -9.17 -26.91
C HIS A 377 -18.91 -9.66 -25.85
N THR A 378 -20.06 -10.24 -26.28
CA THR A 378 -21.05 -10.79 -25.31
C THR A 378 -20.79 -12.26 -25.05
N LEU A 379 -19.54 -12.66 -25.23
CA LEU A 379 -19.19 -14.05 -25.03
C LEU A 379 -18.01 -14.25 -24.09
N PHE A 380 -17.33 -13.19 -23.69
CA PHE A 380 -16.23 -13.41 -22.76
C PHE A 380 -16.88 -13.91 -21.47
N PHE A 381 -16.31 -14.97 -20.90
CA PHE A 381 -16.84 -15.53 -19.68
C PHE A 381 -18.27 -16.05 -19.77
N ASN A 382 -18.70 -16.43 -20.97
CA ASN A 382 -20.06 -16.95 -21.13
C ASN A 382 -20.12 -18.48 -21.01
N THR A 383 -21.08 -18.97 -20.25
CA THR A 383 -21.23 -20.40 -20.02
C THR A 383 -22.63 -20.89 -20.33
N TRP A 384 -23.63 -20.07 -20.01
CA TRP A 384 -25.01 -20.48 -20.25
C TRP A 384 -25.28 -20.72 -21.71
N ARG A 385 -24.76 -19.87 -22.58
CA ARG A 385 -24.95 -20.07 -24.01
C ARG A 385 -24.50 -21.48 -24.41
N ILE A 386 -23.81 -22.17 -23.51
CA ILE A 386 -23.36 -23.54 -23.79
C ILE A 386 -24.32 -24.51 -23.12
N ILE A 387 -24.20 -24.55 -21.80
CA ILE A 387 -24.99 -25.44 -20.97
C ILE A 387 -26.46 -25.27 -21.27
N LYS A 388 -26.90 -24.03 -21.41
CA LYS A 388 -28.31 -23.75 -21.66
C LYS A 388 -28.77 -23.45 -23.08
N ASP A 389 -27.91 -22.90 -23.93
CA ASP A 389 -28.39 -22.63 -25.27
C ASP A 389 -27.80 -23.48 -26.41
N GLY A 390 -27.93 -24.81 -26.34
CA GLY A 390 -27.44 -25.62 -27.44
C GLY A 390 -26.43 -26.77 -27.28
N GLY A 391 -25.39 -26.56 -26.48
CA GLY A 391 -24.37 -27.59 -26.31
C GLY A 391 -23.07 -27.09 -26.94
N ILE A 392 -22.10 -27.98 -27.21
CA ILE A 392 -20.84 -27.54 -27.83
C ILE A 392 -20.84 -28.00 -29.28
N ASP A 393 -21.73 -28.92 -29.60
CA ASP A 393 -21.80 -29.40 -30.99
C ASP A 393 -21.96 -28.27 -31.97
N PRO A 394 -22.93 -27.37 -31.73
CA PRO A 394 -23.12 -26.26 -32.65
C PRO A 394 -21.82 -25.43 -32.75
N LEU A 395 -21.15 -25.21 -31.63
CA LEU A 395 -19.91 -24.44 -31.64
C LEU A 395 -18.75 -25.09 -32.41
N VAL A 396 -18.56 -26.40 -32.21
CA VAL A 396 -17.49 -27.14 -32.89
C VAL A 396 -17.71 -27.16 -34.39
N ARG A 397 -18.96 -27.06 -34.84
CA ARG A 397 -19.16 -27.04 -36.27
C ARG A 397 -18.75 -25.63 -36.66
N GLY A 398 -18.80 -24.73 -35.69
CA GLY A 398 -18.41 -23.36 -35.97
C GLY A 398 -16.95 -23.29 -36.34
N LEU A 399 -16.12 -23.75 -35.41
CA LEU A 399 -14.66 -23.78 -35.56
C LEU A 399 -14.19 -24.46 -36.86
N LEU A 400 -14.75 -25.63 -37.18
CA LEU A 400 -14.34 -26.32 -38.40
C LEU A 400 -14.74 -25.61 -39.70
N ALA A 401 -15.90 -24.93 -39.68
CA ALA A 401 -16.41 -24.27 -40.89
C ALA A 401 -16.17 -22.76 -41.04
N LYS A 402 -15.93 -22.05 -39.96
CA LYS A 402 -15.69 -20.63 -40.08
C LYS A 402 -14.21 -20.33 -40.25
N LYS A 403 -13.90 -19.06 -40.51
CA LYS A 403 -12.51 -18.62 -40.72
C LYS A 403 -11.99 -17.67 -39.64
N SER A 404 -10.67 -17.67 -39.47
CA SER A 404 -9.98 -16.81 -38.51
C SER A 404 -9.92 -15.41 -39.07
N LYS A 405 -9.14 -14.56 -38.41
CA LYS A 405 -8.97 -13.20 -38.86
C LYS A 405 -7.57 -13.05 -39.39
N LEU A 406 -7.45 -12.56 -40.62
CA LEU A 406 -6.13 -12.38 -41.18
C LEU A 406 -5.47 -11.17 -40.56
N MET A 407 -4.19 -11.29 -40.24
CA MET A 407 -3.47 -10.15 -39.69
C MET A 407 -3.36 -9.26 -40.91
N ASN A 408 -3.65 -7.98 -40.75
CA ASN A 408 -3.62 -7.02 -41.84
C ASN A 408 -3.04 -5.69 -41.32
N GLN A 409 -1.82 -5.36 -41.73
CA GLN A 409 -1.14 -4.12 -41.31
C GLN A 409 -2.03 -2.92 -41.06
N ASN A 410 -3.29 -2.98 -41.49
CA ASN A 410 -4.32 -1.88 -41.39
C ASN A 410 -5.49 -2.07 -40.39
N LYS A 411 -5.91 -3.29 -40.18
CA LYS A 411 -6.92 -3.68 -39.24
C LYS A 411 -6.19 -4.63 -38.30
N MET A 412 -5.78 -4.15 -37.15
CA MET A 412 -5.02 -5.02 -36.29
C MET A 412 -5.87 -5.86 -35.32
N VAL A 413 -6.58 -5.18 -34.43
CA VAL A 413 -7.39 -5.87 -33.43
C VAL A 413 -8.87 -5.45 -33.40
N THR A 414 -9.78 -6.43 -33.48
CA THR A 414 -11.24 -6.22 -33.44
C THR A 414 -11.66 -5.29 -32.34
N SER A 415 -12.72 -4.56 -32.59
CA SER A 415 -13.23 -3.61 -31.62
C SER A 415 -13.90 -4.33 -30.48
N GLU A 416 -14.24 -5.59 -30.71
CA GLU A 416 -14.85 -6.39 -29.65
C GLU A 416 -13.76 -6.64 -28.61
N LEU A 417 -12.51 -6.45 -28.99
CA LEU A 417 -11.38 -6.65 -28.07
C LEU A 417 -10.67 -5.37 -27.68
N ARG A 418 -10.72 -4.37 -28.56
CA ARG A 418 -10.07 -3.10 -28.28
C ARG A 418 -10.89 -2.21 -27.34
N ASN A 419 -12.20 -2.13 -27.55
CA ASN A 419 -13.08 -1.30 -26.72
C ASN A 419 -14.01 -1.99 -25.73
N LYS A 420 -14.49 -3.16 -26.12
CA LYS A 420 -15.44 -3.94 -25.32
C LYS A 420 -14.90 -5.20 -24.65
N LEU A 421 -13.69 -5.19 -24.12
CA LEU A 421 -13.13 -6.39 -23.47
C LEU A 421 -13.59 -6.55 -22.04
N PHE A 422 -14.04 -7.75 -21.67
CA PHE A 422 -14.46 -7.99 -20.30
C PHE A 422 -13.34 -8.59 -19.45
N GLN A 423 -13.17 -8.05 -18.24
CA GLN A 423 -12.17 -8.57 -17.32
C GLN A 423 -12.97 -9.21 -16.19
N PRO A 424 -12.51 -10.38 -15.69
CA PRO A 424 -13.24 -11.06 -14.60
C PRO A 424 -13.35 -10.24 -13.32
N THR A 425 -12.27 -9.57 -12.96
CA THR A 425 -12.24 -8.74 -11.78
C THR A 425 -13.41 -7.75 -11.72
N HIS A 426 -13.48 -6.87 -12.69
CA HIS A 426 -14.45 -5.80 -12.75
C HIS A 426 -15.74 -6.05 -13.47
N LYS A 427 -16.61 -4.99 -13.42
CA LYS A 427 -17.99 -5.00 -13.93
C LYS A 427 -18.27 -4.64 -15.40
N ILE A 428 -17.91 -3.44 -15.83
CA ILE A 428 -18.22 -3.03 -17.19
C ILE A 428 -17.50 -3.84 -18.27
N HIS A 429 -17.98 -3.70 -19.50
CA HIS A 429 -17.46 -4.38 -20.68
C HIS A 429 -16.65 -3.41 -21.55
N GLY A 430 -15.79 -2.58 -20.96
CA GLY A 430 -15.07 -1.61 -21.78
C GLY A 430 -13.57 -1.50 -21.67
N PHE A 431 -12.87 -2.62 -21.60
CA PHE A 431 -11.43 -2.57 -21.51
C PHE A 431 -10.77 -2.65 -22.88
N ASP A 432 -9.44 -2.67 -22.91
CA ASP A 432 -8.71 -2.73 -24.17
C ASP A 432 -7.51 -3.68 -24.19
N LEU A 433 -7.69 -4.87 -24.74
CA LEU A 433 -6.61 -5.85 -24.81
C LEU A 433 -5.35 -5.25 -25.40
N ALA A 434 -5.48 -4.51 -26.48
CA ALA A 434 -4.33 -3.89 -27.13
C ALA A 434 -3.57 -3.02 -26.11
N ALA A 435 -4.27 -2.10 -25.46
CA ALA A 435 -3.63 -1.25 -24.47
C ALA A 435 -3.08 -2.06 -23.31
N ILE A 436 -3.78 -3.10 -22.91
CA ILE A 436 -3.26 -3.91 -21.82
C ILE A 436 -1.89 -4.40 -22.28
N ASN A 437 -1.84 -4.99 -23.47
CA ASN A 437 -0.60 -5.53 -24.03
C ASN A 437 0.57 -4.57 -24.02
N LEU A 438 0.36 -3.39 -24.57
CA LEU A 438 1.42 -2.41 -24.60
C LEU A 438 1.82 -2.04 -23.18
N GLN A 439 0.86 -1.71 -22.33
CA GLN A 439 1.19 -1.35 -20.97
C GLN A 439 2.00 -2.51 -20.37
N ARG A 440 1.45 -3.70 -20.50
CA ARG A 440 2.07 -4.92 -20.01
C ARG A 440 3.54 -5.19 -20.42
N CYS A 441 3.99 -4.59 -21.53
CA CYS A 441 5.38 -4.80 -21.97
C CYS A 441 6.29 -3.99 -21.06
N ARG A 442 5.91 -2.74 -20.87
CA ARG A 442 6.67 -1.84 -20.04
C ARG A 442 6.72 -2.37 -18.61
N ASP A 443 5.68 -3.09 -18.20
CA ASP A 443 5.61 -3.70 -16.85
C ASP A 443 6.60 -4.87 -16.75
N HIS A 444 6.68 -5.65 -17.81
CA HIS A 444 7.56 -6.81 -17.86
C HIS A 444 9.01 -6.48 -18.18
N GLY A 445 9.30 -5.17 -18.28
CA GLY A 445 10.65 -4.68 -18.58
C GLY A 445 11.17 -5.02 -19.97
N MET A 446 10.26 -5.23 -20.95
CA MET A 446 10.61 -5.58 -22.35
C MET A 446 11.59 -4.63 -23.04
N PRO A 447 12.75 -5.15 -23.44
CA PRO A 447 13.72 -4.32 -24.19
C PRO A 447 13.02 -3.73 -25.37
N GLY A 448 13.43 -2.59 -25.89
CA GLY A 448 12.80 -2.08 -27.10
C GLY A 448 12.75 -2.98 -28.34
N TYR A 449 12.14 -2.49 -29.40
CA TYR A 449 12.01 -3.24 -30.64
C TYR A 449 13.32 -3.56 -31.36
N ASN A 450 14.18 -2.56 -31.56
CA ASN A 450 15.44 -2.79 -32.25
C ASN A 450 16.31 -3.77 -31.51
N SER A 451 16.34 -3.63 -30.19
CA SER A 451 17.15 -4.50 -29.35
C SER A 451 16.80 -5.98 -29.59
N TRP A 452 15.70 -6.22 -30.31
CA TRP A 452 15.27 -7.57 -30.63
C TRP A 452 15.59 -7.88 -32.09
N ARG A 453 15.42 -6.91 -32.99
CA ARG A 453 15.76 -7.18 -34.39
C ARG A 453 17.22 -7.62 -34.40
N GLY A 454 18.01 -6.98 -33.53
CA GLY A 454 19.41 -7.30 -33.43
C GLY A 454 19.62 -8.68 -32.87
N PHE A 455 18.94 -8.98 -31.76
CA PHE A 455 19.04 -10.28 -31.11
C PHE A 455 18.81 -11.42 -32.08
N CYS A 456 17.96 -11.22 -33.08
CA CYS A 456 17.69 -12.27 -34.07
C CYS A 456 18.60 -12.06 -35.27
N GLY A 457 19.45 -11.05 -35.20
CA GLY A 457 20.38 -10.77 -36.27
C GLY A 457 19.76 -10.24 -37.55
N LEU A 458 19.04 -9.09 -37.38
CA LEU A 458 18.37 -8.36 -38.48
C LEU A 458 18.58 -6.86 -38.33
N SER A 459 18.52 -6.25 -39.54
CA SER A 459 18.64 -4.84 -39.77
C SER A 459 17.91 -4.08 -38.69
N GLN A 460 18.65 -3.12 -38.24
CA GLN A 460 18.13 -2.26 -37.28
C GLN A 460 17.92 -0.93 -38.01
N PRO A 461 16.62 -0.56 -38.19
CA PRO A 461 16.28 0.76 -38.72
C PRO A 461 16.33 1.93 -37.73
N LYS A 462 16.99 3.01 -38.15
CA LYS A 462 17.13 4.21 -37.35
C LYS A 462 16.28 5.36 -37.90
N THR A 463 16.21 5.47 -39.22
CA THR A 463 15.44 6.54 -39.84
C THR A 463 14.06 6.09 -40.23
N LEU A 464 13.25 7.08 -40.63
CA LEU A 464 11.89 6.85 -41.09
C LEU A 464 12.00 6.15 -42.42
N LYS A 465 12.98 6.54 -43.22
CA LYS A 465 13.16 5.88 -44.51
C LYS A 465 13.62 4.48 -44.15
N GLY A 466 14.13 4.33 -42.93
CA GLY A 466 14.60 3.04 -42.47
C GLY A 466 13.46 2.10 -42.11
N LEU A 467 12.57 2.59 -41.26
CA LEU A 467 11.44 1.80 -40.83
C LEU A 467 10.44 1.48 -41.93
N GLN A 468 10.50 2.20 -43.05
CA GLN A 468 9.57 1.98 -44.16
C GLN A 468 9.97 0.79 -45.02
N ALA A 469 11.28 0.61 -45.20
CA ALA A 469 11.82 -0.48 -46.00
C ALA A 469 11.46 -1.84 -45.40
N VAL A 470 11.39 -1.90 -44.07
CA VAL A 470 11.06 -3.14 -43.37
C VAL A 470 9.56 -3.42 -43.33
N LEU A 471 8.80 -2.43 -42.87
CA LEU A 471 7.35 -2.56 -42.77
C LEU A 471 6.70 -2.62 -44.14
N LYS A 472 7.43 -2.16 -45.16
CA LYS A 472 6.91 -2.14 -46.53
C LYS A 472 5.63 -1.30 -46.57
N ASN A 473 5.57 -0.30 -45.70
CA ASN A 473 4.40 0.56 -45.61
C ASN A 473 4.82 1.94 -45.09
N LYS A 474 4.82 2.95 -45.98
CA LYS A 474 5.25 4.28 -45.56
C LYS A 474 4.38 4.84 -44.43
N ILE A 475 3.14 5.16 -44.76
CA ILE A 475 2.19 5.71 -43.80
C ILE A 475 2.31 5.10 -42.41
N LEU A 476 2.36 3.77 -42.32
CA LEU A 476 2.48 3.11 -41.02
C LEU A 476 3.76 3.55 -40.32
N ALA A 477 4.88 3.34 -41.00
CA ALA A 477 6.18 3.71 -40.44
C ALA A 477 6.10 5.13 -39.85
N LYS A 478 5.29 5.98 -40.49
CA LYS A 478 5.15 7.35 -40.02
C LYS A 478 4.29 7.48 -38.77
N LYS A 479 3.09 6.89 -38.81
CA LYS A 479 2.18 6.94 -37.67
C LYS A 479 2.91 6.41 -36.47
N LEU A 480 3.67 5.36 -36.73
CA LEU A 480 4.42 4.70 -35.69
C LEU A 480 5.38 5.60 -34.92
N LEU A 481 6.20 6.38 -35.61
CA LEU A 481 7.14 7.25 -34.91
C LEU A 481 6.75 8.72 -34.76
N ASP A 482 5.60 9.07 -35.29
CA ASP A 482 5.12 10.41 -35.08
C ASP A 482 4.79 10.27 -33.61
N LEU A 483 4.74 9.01 -33.17
CA LEU A 483 4.40 8.63 -31.81
C LEU A 483 5.53 8.19 -30.91
N TYR A 484 6.42 7.36 -31.48
CA TYR A 484 7.55 6.81 -30.75
C TYR A 484 8.80 7.63 -30.97
N LYS A 485 8.77 8.46 -32.00
CA LYS A 485 9.87 9.36 -32.34
C LYS A 485 11.15 8.65 -32.75
N THR A 486 11.30 7.38 -32.35
CA THR A 486 12.48 6.58 -32.72
C THR A 486 12.24 5.08 -32.71
N PRO A 487 12.78 4.37 -33.71
CA PRO A 487 12.62 2.93 -33.80
C PRO A 487 13.01 2.24 -32.51
N ASP A 488 13.98 2.82 -31.80
CA ASP A 488 14.45 2.23 -30.55
C ASP A 488 13.33 2.09 -29.50
N ASN A 489 12.37 3.02 -29.50
CA ASN A 489 11.32 2.96 -28.49
C ASN A 489 10.02 2.22 -28.79
N ILE A 490 9.84 1.73 -30.02
CA ILE A 490 8.63 0.98 -30.37
C ILE A 490 8.50 -0.24 -29.45
N ASP A 491 7.34 -0.41 -28.83
CA ASP A 491 7.10 -1.54 -27.94
C ASP A 491 7.16 -2.84 -28.76
N ILE A 492 7.85 -3.84 -28.24
CA ILE A 492 8.00 -5.08 -28.99
C ILE A 492 6.71 -5.58 -29.63
N TRP A 493 5.72 -5.94 -28.82
CA TRP A 493 4.45 -6.46 -29.31
C TRP A 493 3.97 -5.86 -30.65
N ILE A 494 3.78 -4.55 -30.67
CA ILE A 494 3.31 -3.87 -31.87
C ILE A 494 4.35 -3.90 -32.98
N GLY A 495 5.55 -3.42 -32.66
CA GLY A 495 6.62 -3.41 -33.64
C GLY A 495 6.79 -4.77 -34.27
N GLY A 496 6.75 -5.81 -33.45
CA GLY A 496 6.89 -7.14 -33.98
C GLY A 496 5.70 -7.39 -34.89
N ASN A 497 4.51 -7.20 -34.35
CA ASN A 497 3.30 -7.44 -35.11
C ASN A 497 3.11 -6.55 -36.30
N ALA A 498 3.96 -5.54 -36.41
CA ALA A 498 3.84 -4.64 -37.53
C ALA A 498 4.49 -5.18 -38.80
N GLU A 499 5.62 -5.88 -38.68
CA GLU A 499 6.30 -6.40 -39.87
C GLU A 499 5.41 -7.32 -40.72
N PRO A 500 5.42 -7.10 -42.06
CA PRO A 500 4.62 -7.89 -43.02
C PRO A 500 4.99 -9.38 -43.00
N MET A 501 3.98 -10.24 -43.11
CA MET A 501 4.15 -11.69 -43.06
C MET A 501 5.14 -12.39 -43.98
N VAL A 502 5.70 -13.47 -43.45
CA VAL A 502 6.65 -14.27 -44.19
C VAL A 502 5.90 -15.20 -45.14
N GLU A 503 6.65 -15.87 -46.02
CA GLU A 503 6.07 -16.79 -46.99
C GLU A 503 5.33 -17.94 -46.30
N ARG A 504 4.17 -18.28 -46.84
CA ARG A 504 3.32 -19.34 -46.36
C ARG A 504 3.18 -19.51 -44.86
N GLY A 505 3.43 -18.43 -44.12
CA GLY A 505 3.30 -18.44 -42.66
C GLY A 505 2.39 -17.33 -42.20
N ARG A 506 2.32 -17.07 -40.89
CA ARG A 506 1.44 -16.02 -40.43
C ARG A 506 2.07 -15.00 -39.51
N VAL A 507 3.40 -14.94 -39.50
CA VAL A 507 4.10 -13.97 -38.67
C VAL A 507 5.30 -13.39 -39.41
N GLY A 508 5.75 -12.21 -38.98
CA GLY A 508 6.86 -11.55 -39.64
C GLY A 508 8.21 -12.17 -39.32
N PRO A 509 9.29 -11.72 -40.00
CA PRO A 509 10.62 -12.26 -39.75
C PRO A 509 11.02 -12.24 -38.28
N LEU A 510 10.70 -11.17 -37.56
CA LEU A 510 11.05 -11.09 -36.14
C LEU A 510 10.36 -12.19 -35.34
N LEU A 511 9.03 -12.12 -35.21
CA LEU A 511 8.29 -13.14 -34.47
C LEU A 511 8.68 -14.54 -34.90
N ALA A 512 8.89 -14.73 -36.19
CA ALA A 512 9.28 -16.03 -36.70
C ALA A 512 10.46 -16.55 -35.88
N CYS A 513 11.41 -15.65 -35.62
CA CYS A 513 12.59 -15.99 -34.86
C CYS A 513 12.23 -16.41 -33.43
N LEU A 514 11.76 -15.43 -32.66
CA LEU A 514 11.36 -15.61 -31.26
C LEU A 514 10.57 -16.89 -31.04
N LEU A 515 9.52 -17.04 -31.83
CA LEU A 515 8.65 -18.22 -31.73
C LEU A 515 9.30 -19.49 -32.19
N GLY A 516 10.19 -19.41 -33.13
CA GLY A 516 10.83 -20.60 -33.62
C GLY A 516 11.78 -21.13 -32.56
N ARG A 517 12.58 -20.22 -32.07
CA ARG A 517 13.56 -20.56 -31.05
C ARG A 517 12.92 -21.17 -29.81
N GLN A 518 11.88 -20.53 -29.30
CA GLN A 518 11.19 -21.01 -28.10
C GLN A 518 10.65 -22.41 -28.26
N PHE A 519 9.90 -22.63 -29.31
CA PHE A 519 9.32 -23.94 -29.51
C PHE A 519 10.31 -25.06 -29.68
N GLN A 520 11.35 -24.82 -30.46
CA GLN A 520 12.37 -25.84 -30.64
C GLN A 520 12.87 -26.26 -29.27
N GLN A 521 13.17 -25.26 -28.45
CA GLN A 521 13.69 -25.46 -27.09
C GLN A 521 12.89 -26.31 -26.12
N ILE A 522 11.58 -26.10 -26.02
CA ILE A 522 10.74 -26.87 -25.09
C ILE A 522 10.55 -28.28 -25.63
N ARG A 523 10.99 -28.48 -26.86
CA ARG A 523 10.91 -29.76 -27.52
C ARG A 523 12.24 -30.50 -27.41
N ASP A 524 13.36 -29.78 -27.42
CA ASP A 524 14.65 -30.45 -27.32
C ASP A 524 15.12 -30.65 -25.88
N GLY A 525 14.48 -29.98 -24.93
CA GLY A 525 14.89 -30.11 -23.54
C GLY A 525 13.91 -30.85 -22.66
N ASP A 526 12.83 -31.33 -23.26
CA ASP A 526 11.80 -32.05 -22.51
C ASP A 526 12.09 -33.54 -22.54
N ARG A 527 12.61 -34.05 -21.45
CA ARG A 527 12.97 -35.46 -21.34
C ARG A 527 11.85 -36.40 -21.74
N PHE A 528 10.62 -35.89 -21.69
CA PHE A 528 9.46 -36.72 -22.03
C PHE A 528 8.86 -36.50 -23.41
N TRP A 529 9.48 -35.65 -24.21
CA TRP A 529 8.99 -35.42 -25.58
C TRP A 529 8.74 -36.82 -26.13
N TRP A 530 7.66 -37.02 -26.87
CA TRP A 530 7.31 -38.38 -27.36
C TRP A 530 8.30 -39.04 -28.32
N GLU A 531 8.79 -38.31 -29.32
CA GLU A 531 9.68 -38.97 -30.27
C GLU A 531 10.89 -39.55 -29.57
N ASN A 532 11.16 -39.06 -28.37
CA ASN A 532 12.28 -39.50 -27.57
C ASN A 532 12.19 -40.95 -27.20
N PRO A 533 13.27 -41.73 -27.32
CA PRO A 533 13.23 -43.15 -27.00
C PRO A 533 13.03 -43.42 -25.52
N GLY A 534 12.27 -44.47 -25.21
CA GLY A 534 12.02 -44.80 -23.81
C GLY A 534 10.65 -44.30 -23.39
N VAL A 535 10.31 -43.09 -23.80
CA VAL A 535 9.03 -42.48 -23.47
C VAL A 535 7.84 -43.32 -23.96
N PHE A 536 7.83 -43.65 -25.25
CA PHE A 536 6.78 -44.49 -25.83
C PHE A 536 7.50 -45.54 -26.66
N THR A 537 6.88 -46.70 -26.87
CA THR A 537 7.51 -47.77 -27.64
C THR A 537 7.46 -47.53 -29.16
N GLU A 538 8.27 -48.30 -29.90
CA GLU A 538 8.35 -48.20 -31.36
C GLU A 538 6.95 -48.34 -31.91
N LYS A 539 6.24 -49.36 -31.43
CA LYS A 539 4.88 -49.59 -31.89
C LYS A 539 3.96 -48.47 -31.40
N GLN A 540 4.02 -48.17 -30.11
CA GLN A 540 3.17 -47.12 -29.54
C GLN A 540 3.22 -45.84 -30.36
N ARG A 541 4.42 -45.45 -30.79
CA ARG A 541 4.59 -44.25 -31.60
C ARG A 541 3.86 -44.39 -32.94
N ASP A 542 4.22 -45.43 -33.68
CA ASP A 542 3.62 -45.70 -34.98
C ASP A 542 2.11 -45.52 -35.01
N SER A 543 1.49 -45.63 -33.85
CA SER A 543 0.05 -45.49 -33.71
C SER A 543 -0.35 -44.07 -33.32
N LEU A 544 0.59 -43.32 -32.74
CA LEU A 544 0.34 -41.95 -32.34
C LEU A 544 0.56 -41.03 -33.53
N GLN A 545 1.28 -41.53 -34.52
CA GLN A 545 1.55 -40.76 -35.73
C GLN A 545 0.28 -40.47 -36.50
N LYS A 546 -0.87 -40.97 -36.01
CA LYS A 546 -2.11 -40.76 -36.73
C LYS A 546 -3.18 -39.99 -35.98
N VAL A 547 -2.89 -39.51 -34.79
CA VAL A 547 -3.88 -38.71 -34.09
C VAL A 547 -4.18 -37.50 -34.99
N SER A 548 -5.41 -36.99 -34.96
CA SER A 548 -5.78 -35.81 -35.75
C SER A 548 -6.84 -35.02 -34.99
N PHE A 549 -6.90 -33.70 -35.20
CA PHE A 549 -7.91 -32.97 -34.46
C PHE A 549 -9.30 -33.31 -34.99
N SER A 550 -9.36 -33.82 -36.21
CA SER A 550 -10.64 -34.20 -36.80
C SER A 550 -11.18 -35.42 -36.05
N ARG A 551 -10.27 -36.37 -35.79
CA ARG A 551 -10.71 -37.56 -35.03
C ARG A 551 -11.16 -37.18 -33.65
N LEU A 552 -10.42 -36.28 -33.00
CA LEU A 552 -10.81 -35.83 -31.67
C LEU A 552 -12.29 -35.48 -31.73
N ILE A 553 -12.62 -34.58 -32.65
CA ILE A 553 -14.01 -34.13 -32.86
C ILE A 553 -14.96 -35.31 -32.93
N CYS A 554 -14.61 -36.30 -33.76
CA CYS A 554 -15.43 -37.49 -33.94
C CYS A 554 -15.70 -38.31 -32.67
N ASP A 555 -14.68 -38.98 -32.14
CA ASP A 555 -14.86 -39.80 -30.95
C ASP A 555 -15.56 -39.09 -29.78
N ASN A 556 -15.62 -37.76 -29.76
CA ASN A 556 -16.17 -37.07 -28.59
C ASN A 556 -17.34 -36.08 -28.83
N THR A 557 -18.12 -36.32 -29.87
CA THR A 557 -19.28 -35.47 -30.23
C THR A 557 -20.19 -36.22 -31.16
N HIS A 558 -21.27 -35.61 -31.54
CA HIS A 558 -22.22 -36.29 -32.39
C HIS A 558 -22.20 -35.76 -33.82
N ILE A 559 -21.00 -35.33 -34.22
CA ILE A 559 -20.72 -34.79 -35.54
C ILE A 559 -20.15 -35.93 -36.35
N THR A 560 -20.69 -36.12 -37.56
CA THR A 560 -20.26 -37.20 -38.42
C THR A 560 -19.55 -36.77 -39.69
N LYS A 561 -19.55 -35.47 -39.97
CA LYS A 561 -18.87 -34.99 -41.16
C LYS A 561 -17.81 -33.98 -40.69
N VAL A 562 -16.55 -34.32 -40.95
CA VAL A 562 -15.40 -33.50 -40.59
C VAL A 562 -14.32 -33.59 -41.68
N PRO A 563 -13.58 -32.50 -41.91
CA PRO A 563 -12.52 -32.39 -42.90
C PRO A 563 -11.24 -33.07 -42.48
N LEU A 564 -10.41 -33.44 -43.45
CA LEU A 564 -9.14 -34.09 -43.16
C LEU A 564 -8.21 -33.07 -42.55
N HIS A 565 -8.23 -31.86 -43.09
CA HIS A 565 -7.33 -30.83 -42.61
C HIS A 565 -8.03 -29.69 -41.85
N ALA A 566 -8.43 -30.02 -40.62
CA ALA A 566 -9.14 -29.12 -39.72
C ALA A 566 -8.51 -27.77 -39.48
N PHE A 567 -7.33 -27.52 -40.01
CA PHE A 567 -6.75 -26.22 -39.76
C PHE A 567 -6.91 -25.16 -40.84
N GLN A 568 -7.05 -25.58 -42.10
CA GLN A 568 -7.18 -24.59 -43.16
C GLN A 568 -8.65 -24.26 -43.45
N ALA A 569 -8.90 -23.65 -44.60
CA ALA A 569 -10.28 -23.32 -44.98
C ALA A 569 -10.94 -24.62 -45.44
N ASN A 570 -12.23 -24.75 -45.18
CA ASN A 570 -12.97 -25.95 -45.55
C ASN A 570 -14.42 -25.60 -45.73
N ASN A 571 -14.90 -25.65 -46.98
CA ASN A 571 -16.30 -25.33 -47.25
C ASN A 571 -17.17 -26.56 -47.18
N TYR A 572 -18.35 -26.40 -46.60
CA TYR A 572 -19.28 -27.51 -46.49
C TYR A 572 -20.06 -27.52 -47.81
N PRO A 573 -20.33 -28.72 -48.35
CA PRO A 573 -19.93 -30.02 -47.80
C PRO A 573 -18.79 -30.70 -48.56
N HIS A 574 -18.26 -30.06 -49.59
CA HIS A 574 -17.18 -30.70 -50.35
C HIS A 574 -15.95 -31.05 -49.55
N ASP A 575 -15.55 -30.21 -48.62
CA ASP A 575 -14.34 -30.54 -47.88
C ASP A 575 -14.58 -31.43 -46.68
N PHE A 576 -15.85 -31.74 -46.41
CA PHE A 576 -16.19 -32.58 -45.29
C PHE A 576 -16.46 -34.02 -45.73
N VAL A 577 -15.98 -34.97 -44.92
CA VAL A 577 -16.17 -36.39 -45.20
C VAL A 577 -16.71 -37.00 -43.92
N ASP A 578 -17.13 -38.27 -44.00
CA ASP A 578 -17.70 -38.96 -42.85
C ASP A 578 -16.60 -39.39 -41.90
N CYS A 579 -16.87 -39.27 -40.60
CA CYS A 579 -15.88 -39.64 -39.60
C CYS A 579 -15.31 -41.02 -39.84
N SER A 580 -15.99 -41.80 -40.67
CA SER A 580 -15.55 -43.16 -41.01
C SER A 580 -14.43 -43.11 -42.06
N ALA A 581 -14.20 -41.92 -42.60
CA ALA A 581 -13.18 -41.73 -43.62
C ALA A 581 -11.83 -41.37 -43.00
N ILE A 582 -11.82 -41.07 -41.70
CA ILE A 582 -10.58 -40.71 -41.03
C ILE A 582 -10.17 -41.73 -39.97
N ASP A 583 -8.86 -41.98 -39.92
CA ASP A 583 -8.22 -42.94 -39.01
C ASP A 583 -8.66 -42.90 -37.55
N LYS A 584 -8.28 -43.92 -36.78
CA LYS A 584 -8.71 -44.05 -35.37
C LYS A 584 -7.76 -44.17 -34.17
N LEU A 585 -6.45 -44.21 -34.35
CA LEU A 585 -5.59 -44.36 -33.16
C LEU A 585 -5.84 -45.70 -32.48
N ASP A 586 -5.16 -46.73 -32.91
CA ASP A 586 -5.34 -48.04 -32.32
C ASP A 586 -4.58 -48.13 -31.00
N LEU A 587 -5.28 -48.41 -29.90
CA LEU A 587 -4.63 -48.52 -28.61
C LEU A 587 -4.20 -49.95 -28.29
N SER A 588 -4.31 -50.85 -29.27
CA SER A 588 -3.95 -52.24 -29.07
C SER A 588 -2.50 -52.42 -28.58
N PRO A 589 -1.61 -51.53 -29.02
CA PRO A 589 -0.22 -51.65 -28.58
C PRO A 589 -0.02 -51.23 -27.13
N TRP A 590 -1.06 -50.69 -26.49
CA TRP A 590 -0.92 -50.33 -25.09
C TRP A 590 -1.34 -51.53 -24.23
N ALA A 591 -1.71 -52.61 -24.91
CA ALA A 591 -2.15 -53.85 -24.27
C ALA A 591 -1.02 -54.59 -23.59
N SER A 592 -1.05 -54.61 -22.26
CA SER A 592 -0.02 -55.30 -21.47
C SER A 592 -0.56 -56.70 -21.24
N ARG A 593 0.33 -57.69 -21.22
CA ARG A 593 -0.06 -59.08 -21.02
C ARG A 593 0.82 -59.85 -20.01
N GLU A 594 0.20 -60.13 -18.86
CA GLU A 594 0.77 -60.83 -17.69
C GLU A 594 2.24 -61.26 -17.58
N ASN A 595 2.51 -62.50 -17.98
CA ASN A 595 3.84 -63.12 -17.87
C ASN A 595 4.87 -62.79 -18.95
N SER B 1 36.89 7.67 21.69
CA SER B 1 36.80 8.04 20.25
C SER B 1 35.45 8.66 19.89
N TRP B 2 35.37 9.13 18.65
CA TRP B 2 34.18 9.76 18.05
C TRP B 2 33.76 9.00 16.77
N GLU B 3 33.07 7.87 16.94
CA GLU B 3 32.58 7.11 15.78
C GLU B 3 31.31 7.84 15.39
N VAL B 4 31.35 9.17 15.47
CA VAL B 4 30.20 9.99 15.13
C VAL B 4 29.70 9.59 13.74
N GLY B 5 28.96 8.50 13.69
CA GLY B 5 28.39 7.97 12.52
C GLY B 5 28.02 8.87 11.31
N CYS B 6 26.79 9.48 11.27
CA CYS B 6 26.28 10.27 10.09
C CYS B 6 25.70 11.68 10.41
N GLY B 7 25.37 12.58 9.43
CA GLY B 7 25.14 14.01 9.78
C GLY B 7 23.83 14.80 10.02
N ALA B 8 23.15 15.25 8.93
CA ALA B 8 22.03 16.17 9.10
C ALA B 8 21.57 17.02 7.93
N PRO B 9 20.21 17.18 7.83
CA PRO B 9 19.80 18.06 6.73
C PRO B 9 20.20 19.50 7.29
N VAL B 10 19.29 20.05 8.10
CA VAL B 10 19.37 21.30 8.89
C VAL B 10 19.48 22.66 8.20
N PRO B 11 18.45 23.47 8.44
CA PRO B 11 18.58 24.89 8.03
C PRO B 11 19.85 25.46 8.62
N LEU B 12 20.88 25.73 7.86
CA LEU B 12 22.10 26.31 8.41
C LEU B 12 22.12 27.84 8.55
N VAL B 13 21.85 28.34 9.76
CA VAL B 13 21.87 29.77 10.03
C VAL B 13 23.25 30.19 10.54
N LYS B 14 23.57 31.48 10.37
CA LYS B 14 24.86 32.02 10.78
C LYS B 14 24.78 32.95 11.97
N CYS B 15 23.61 32.97 12.63
CA CYS B 15 23.40 33.86 13.75
C CYS B 15 23.34 35.29 13.29
N ASP B 16 23.04 36.22 14.15
CA ASP B 16 23.24 37.59 13.75
C ASP B 16 24.52 37.87 14.51
N GLU B 17 24.32 38.22 15.76
CA GLU B 17 25.39 38.44 16.69
C GLU B 17 24.92 39.22 17.89
N ASN B 18 24.73 40.52 17.71
CA ASN B 18 24.29 41.37 18.80
C ASN B 18 22.77 41.46 18.96
N SER B 19 22.00 41.06 17.94
CA SER B 19 20.54 41.16 17.98
C SER B 19 19.84 40.82 19.29
N PRO B 20 18.89 41.67 19.70
CA PRO B 20 18.12 41.48 20.93
C PRO B 20 16.95 40.52 20.70
N TYR B 21 16.98 39.78 19.58
CA TYR B 21 15.89 38.88 19.25
C TYR B 21 16.22 37.40 19.03
N ARG B 22 15.22 36.54 19.31
CA ARG B 22 15.34 35.08 19.16
C ARG B 22 15.23 34.64 17.70
N THR B 23 16.02 33.65 17.29
CA THR B 23 15.92 33.17 15.91
C THR B 23 14.76 32.19 15.91
N ILE B 24 14.22 31.90 14.73
CA ILE B 24 13.12 30.97 14.60
C ILE B 24 13.62 29.54 14.83
N THR B 25 14.58 29.13 14.01
CA THR B 25 15.20 27.81 14.09
C THR B 25 15.62 27.49 15.53
N GLY B 26 16.00 28.50 16.28
CA GLY B 26 16.38 28.26 17.67
C GLY B 26 17.87 28.39 17.93
N ASP B 27 18.61 28.53 16.84
CA ASP B 27 20.06 28.67 16.90
C ASP B 27 20.53 29.92 17.63
N CYS B 28 21.83 29.93 17.90
CA CYS B 28 22.53 31.05 18.50
C CYS B 28 22.21 31.44 19.91
N ASN B 29 21.24 30.78 20.52
CA ASN B 29 20.92 31.09 21.90
C ASN B 29 22.26 30.95 22.65
N ASN B 30 23.09 30.04 22.13
CA ASN B 30 24.39 29.76 22.71
C ASN B 30 25.56 30.19 21.84
N ARG B 31 26.45 31.01 22.41
CA ARG B 31 27.60 31.51 21.68
C ARG B 31 28.70 30.46 21.43
N ARG B 32 29.02 29.61 22.41
CA ARG B 32 30.06 28.60 22.16
C ARG B 32 29.58 27.42 21.32
N SER B 33 28.30 27.12 21.39
CA SER B 33 27.73 26.02 20.62
C SER B 33 26.36 26.50 20.16
N PRO B 34 26.29 27.02 18.94
CA PRO B 34 25.09 27.56 18.27
C PRO B 34 23.89 26.62 18.17
N ALA B 35 24.02 25.60 17.31
CA ALA B 35 22.95 24.62 17.10
C ALA B 35 22.50 23.90 18.37
N LEU B 36 23.12 24.22 19.50
CA LEU B 36 22.76 23.60 20.76
C LEU B 36 21.40 24.10 21.25
N GLY B 37 20.39 23.26 21.09
CA GLY B 37 19.07 23.63 21.55
C GLY B 37 18.09 23.99 20.45
N ALA B 38 18.54 23.93 19.20
CA ALA B 38 17.66 24.28 18.08
C ALA B 38 16.83 23.10 17.60
N ALA B 39 15.83 23.38 16.77
CA ALA B 39 14.95 22.37 16.24
C ALA B 39 15.64 21.47 15.21
N ASN B 40 15.10 20.27 15.08
CA ASN B 40 15.59 19.25 14.15
C ASN B 40 16.92 18.61 14.52
N ARG B 41 17.18 18.47 15.81
CA ARG B 41 18.39 17.81 16.26
C ARG B 41 17.94 16.69 17.21
N ALA B 42 18.69 15.61 17.26
CA ALA B 42 18.33 14.49 18.11
C ALA B 42 18.06 14.90 19.55
N LEU B 43 17.07 14.25 20.15
CA LEU B 43 16.72 14.50 21.55
C LEU B 43 17.96 14.06 22.33
N ALA B 44 18.17 14.63 23.52
CA ALA B 44 19.34 14.26 24.30
C ALA B 44 19.09 13.02 25.15
N ARG B 45 20.14 12.34 25.57
CA ARG B 45 20.00 11.14 26.36
C ARG B 45 20.64 11.30 27.70
N TRP B 46 19.87 11.19 28.77
CA TRP B 46 20.48 11.29 30.08
C TRP B 46 21.04 9.91 30.43
N LEU B 47 20.42 8.87 29.90
CA LEU B 47 20.88 7.50 30.11
C LEU B 47 20.98 6.71 28.80
N PRO B 48 22.04 5.92 28.63
CA PRO B 48 22.27 5.13 27.41
C PRO B 48 21.04 4.39 26.92
N ALA B 49 20.85 4.44 25.61
CA ALA B 49 19.73 3.81 24.93
C ALA B 49 19.67 2.33 25.17
N GLU B 50 18.45 1.82 25.31
CA GLU B 50 18.30 0.40 25.54
C GLU B 50 17.44 -0.28 24.49
N TYR B 51 18.08 -0.81 23.45
CA TYR B 51 17.39 -1.52 22.38
C TYR B 51 17.74 -3.01 22.48
N GLU B 52 16.90 -3.83 21.87
CA GLU B 52 17.08 -5.29 21.85
C GLU B 52 18.41 -5.73 21.25
N ASP B 53 18.73 -5.23 20.05
CA ASP B 53 20.00 -5.56 19.41
C ASP B 53 21.01 -4.55 19.94
N GLY B 54 20.70 -4.01 21.11
CA GLY B 54 21.54 -3.02 21.76
C GLY B 54 21.79 -1.80 20.91
N LEU B 55 21.45 -1.88 19.63
CA LEU B 55 21.69 -0.79 18.70
C LEU B 55 20.46 0.01 18.17
N ALA B 56 19.42 -0.67 17.72
CA ALA B 56 18.25 0.05 17.19
C ALA B 56 16.86 -0.65 17.15
N VAL B 57 16.76 -1.95 17.42
CA VAL B 57 15.43 -2.58 17.37
C VAL B 57 14.83 -2.59 18.77
N PRO B 58 13.55 -2.20 18.86
CA PRO B 58 12.74 -2.09 20.08
C PRO B 58 12.47 -3.39 20.82
N PHE B 59 12.30 -3.30 22.13
CA PHE B 59 11.98 -4.51 22.88
C PHE B 59 10.54 -4.92 22.62
N GLY B 60 10.36 -6.13 22.09
CA GLY B 60 9.03 -6.61 21.82
C GLY B 60 8.91 -6.73 20.32
N TRP B 61 10.06 -6.79 19.67
CA TRP B 61 10.13 -6.90 18.23
C TRP B 61 10.26 -8.32 17.74
N THR B 62 11.35 -8.97 18.10
CA THR B 62 11.58 -10.35 17.69
C THR B 62 11.15 -11.27 18.82
N GLN B 63 9.83 -11.36 18.99
CA GLN B 63 9.19 -12.20 20.00
C GLN B 63 10.15 -13.14 20.74
N ARG B 64 10.77 -14.00 19.94
CA ARG B 64 11.72 -15.01 20.35
C ARG B 64 13.04 -14.50 21.04
N LYS B 65 12.92 -13.34 21.69
CA LYS B 65 14.01 -12.69 22.44
C LYS B 65 13.35 -12.07 23.67
N THR B 66 14.04 -11.95 24.77
CA THR B 66 13.41 -11.34 25.92
C THR B 66 14.09 -10.11 26.41
N ARG B 67 13.33 -9.34 27.19
CA ARG B 67 14.64 -8.57 28.20
C ARG B 67 14.82 -9.00 29.65
N ASN B 68 16.06 -9.23 30.06
CA ASN B 68 16.33 -9.66 31.41
C ASN B 68 15.69 -11.05 31.65
N GLY B 69 15.56 -11.78 30.55
CA GLY B 69 15.01 -13.13 30.60
C GLY B 69 13.52 -13.27 30.64
N PHE B 70 12.78 -12.30 30.09
CA PHE B 70 11.32 -12.34 30.09
C PHE B 70 10.69 -11.77 28.83
N ARG B 71 9.44 -12.15 28.57
CA ARG B 71 8.73 -11.65 27.39
C ARG B 71 8.02 -10.35 27.77
N VAL B 72 8.32 -9.27 27.04
CA VAL B 72 7.67 -8.00 27.29
C VAL B 72 6.20 -8.12 26.93
N PRO B 73 5.31 -7.72 27.85
CA PRO B 73 3.87 -7.80 27.60
C PRO B 73 3.45 -6.92 26.43
N LEU B 74 2.47 -7.40 25.68
CA LEU B 74 1.97 -6.63 24.55
C LEU B 74 1.58 -5.26 25.06
N ALA B 75 1.71 -4.25 24.22
CA ALA B 75 1.33 -2.90 24.62
C ALA B 75 -0.14 -2.82 25.04
N ARG B 76 -1.03 -3.24 24.15
CA ARG B 76 -2.48 -3.24 24.35
C ARG B 76 -2.99 -3.98 25.59
N GLU B 77 -2.25 -4.97 26.06
CA GLU B 77 -2.67 -5.71 27.24
C GLU B 77 -2.42 -4.87 28.50
N VAL B 78 -1.25 -4.22 28.55
CA VAL B 78 -0.91 -3.37 29.68
C VAL B 78 -2.03 -2.36 29.87
N SER B 79 -2.55 -1.86 28.75
CA SER B 79 -3.64 -0.89 28.76
C SER B 79 -4.91 -1.46 29.39
N ASN B 80 -5.38 -2.59 28.88
CA ASN B 80 -6.60 -3.24 29.36
C ASN B 80 -6.53 -3.75 30.80
N LYS B 81 -5.53 -4.57 31.06
CA LYS B 81 -5.37 -5.15 32.38
C LYS B 81 -5.13 -4.11 33.46
N ILE B 82 -4.50 -3.00 33.10
CA ILE B 82 -4.18 -1.99 34.11
C ILE B 82 -4.58 -0.54 33.92
N VAL B 83 -4.62 -0.06 32.68
CA VAL B 83 -4.94 1.35 32.41
C VAL B 83 -6.42 1.78 32.36
N GLY B 84 -7.28 0.95 31.78
CA GLY B 84 -8.69 1.31 31.67
C GLY B 84 -9.53 1.32 32.93
N TYR B 85 -10.75 1.87 32.80
CA TYR B 85 -11.73 1.98 33.88
C TYR B 85 -13.09 2.38 33.28
N LEU B 86 -14.18 1.79 33.79
CA LEU B 86 -15.52 2.05 33.25
C LEU B 86 -16.35 3.18 33.83
N ASP B 87 -16.37 3.32 35.15
CA ASP B 87 -17.20 4.33 35.80
C ASP B 87 -16.58 5.71 36.02
N GLU B 88 -17.05 6.73 35.30
CA GLU B 88 -16.51 8.09 35.44
C GLU B 88 -16.97 8.79 36.73
N GLU B 89 -17.81 8.12 37.51
CA GLU B 89 -18.30 8.74 38.72
C GLU B 89 -17.23 9.32 39.61
N GLY B 90 -17.41 10.60 39.95
CA GLY B 90 -16.50 11.31 40.81
C GLY B 90 -15.03 10.98 40.63
N VAL B 91 -14.59 11.10 39.39
CA VAL B 91 -13.21 10.82 39.05
C VAL B 91 -12.54 12.12 38.66
N LEU B 92 -12.97 13.23 39.25
CA LEU B 92 -12.39 14.52 38.87
C LEU B 92 -11.59 15.26 39.93
N ASP B 93 -10.43 15.74 39.51
CA ASP B 93 -9.52 16.49 40.37
C ASP B 93 -10.43 17.59 40.86
N GLN B 94 -10.33 17.96 42.13
CA GLN B 94 -11.25 18.96 42.63
C GLN B 94 -10.69 20.33 42.98
N ASN B 95 -9.41 20.54 42.72
CA ASN B 95 -8.81 21.83 42.98
C ASN B 95 -7.92 22.11 41.76
N ARG B 96 -8.51 21.87 40.58
CA ARG B 96 -7.84 22.05 39.29
C ARG B 96 -8.82 22.30 38.13
N SER B 97 -8.76 23.49 37.54
CA SER B 97 -9.64 23.83 36.42
C SER B 97 -9.25 22.97 35.24
N LEU B 98 -10.10 22.94 34.22
CA LEU B 98 -9.81 22.19 33.01
C LEU B 98 -8.61 22.87 32.38
N LEU B 99 -8.47 24.16 32.68
CA LEU B 99 -7.35 24.94 32.15
C LEU B 99 -6.01 24.33 32.57
N PHE B 100 -6.01 23.66 33.72
CA PHE B 100 -4.85 23.01 34.32
C PHE B 100 -4.24 21.93 33.43
N MET B 101 -5.04 21.31 32.57
CA MET B 101 -4.46 20.32 31.69
C MET B 101 -4.33 20.89 30.30
N GLN B 102 -5.01 21.99 30.00
CA GLN B 102 -4.87 22.54 28.67
C GLN B 102 -3.55 23.29 28.56
N TRP B 103 -3.18 24.02 29.62
CA TRP B 103 -1.92 24.75 29.59
C TRP B 103 -0.77 23.75 29.59
N GLY B 104 -1.06 22.55 30.06
CA GLY B 104 -0.01 21.57 30.10
C GLY B 104 0.33 21.19 28.68
N GLN B 105 -0.63 20.64 27.98
CA GLN B 105 -0.45 20.21 26.60
C GLN B 105 0.17 21.26 25.72
N ILE B 106 0.06 22.52 26.13
CA ILE B 106 0.61 23.63 25.39
C ILE B 106 2.11 23.85 25.63
N VAL B 107 2.51 23.94 26.90
CA VAL B 107 3.93 24.03 27.22
C VAL B 107 4.72 22.80 26.66
N ASP B 108 4.10 21.55 26.75
CA ASP B 108 4.68 20.24 26.22
C ASP B 108 5.02 20.50 24.77
N HIS B 109 3.97 21.03 24.07
CA HIS B 109 4.02 21.33 22.62
C HIS B 109 5.03 22.38 22.21
N ASP B 110 5.32 23.30 23.13
CA ASP B 110 6.31 24.30 22.81
C ASP B 110 7.69 23.66 22.95
N LEU B 111 7.81 22.66 23.82
CA LEU B 111 9.08 21.99 24.04
C LEU B 111 9.47 20.81 23.13
N ASP B 112 8.55 19.89 22.78
CA ASP B 112 8.98 18.78 21.91
C ASP B 112 8.03 18.17 20.86
N PHE B 113 8.61 17.47 19.88
CA PHE B 113 7.84 16.83 18.83
C PHE B 113 8.70 15.89 18.00
N ALA B 114 8.49 14.59 18.17
CA ALA B 114 9.26 13.63 17.40
C ALA B 114 8.37 13.14 16.24
N PRO B 115 8.61 13.67 15.03
CA PRO B 115 7.85 13.32 13.84
C PRO B 115 7.74 11.83 13.61
N GLU B 116 6.57 11.42 13.17
CA GLU B 116 6.37 10.03 12.86
C GLU B 116 7.03 9.94 11.49
N THR B 117 7.41 8.74 11.09
CA THR B 117 8.01 8.55 9.79
C THR B 117 6.99 8.01 8.83
N GLU B 118 6.88 8.73 7.79
CA GLU B 118 6.02 8.45 6.73
C GLU B 118 6.82 8.91 5.59
N LEU B 119 7.36 8.02 4.88
CA LEU B 119 7.85 8.47 3.63
C LEU B 119 6.62 8.01 2.93
N GLY B 120 6.27 8.32 1.70
CA GLY B 120 4.98 7.80 1.39
C GLY B 120 3.97 8.91 1.66
N SER B 121 3.48 9.31 0.46
CA SER B 121 2.47 10.35 0.13
C SER B 121 1.67 10.14 -1.23
N SER B 122 1.72 8.94 -1.73
CA SER B 122 1.07 8.31 -2.84
C SER B 122 0.97 6.85 -2.07
N GLU B 123 2.11 6.10 -1.71
CA GLU B 123 2.38 4.73 -0.99
C GLU B 123 1.30 3.66 -0.57
N HIS B 124 1.70 2.36 -0.64
CA HIS B 124 0.94 1.15 -0.25
C HIS B 124 1.71 0.35 0.84
N SER B 125 3.02 0.62 1.12
CA SER B 125 3.73 0.05 2.27
C SER B 125 3.04 0.69 3.48
N LYS B 126 2.48 1.86 3.21
CA LYS B 126 1.71 2.61 4.18
C LYS B 126 0.52 1.70 4.50
N VAL B 127 0.15 0.89 3.51
CA VAL B 127 -0.99 -0.03 3.61
C VAL B 127 -0.64 -1.45 4.05
N GLN B 128 0.60 -1.89 3.85
CA GLN B 128 0.96 -3.24 4.27
C GLN B 128 0.92 -3.27 5.79
N CYS B 129 0.87 -2.09 6.39
CA CYS B 129 0.79 -1.99 7.85
C CYS B 129 -0.65 -1.80 8.31
N GLU B 130 -1.41 -0.87 7.74
CA GLU B 130 -2.77 -0.73 8.21
C GLU B 130 -3.61 -1.97 7.87
N GLU B 131 -3.35 -2.64 6.74
CA GLU B 131 -4.17 -3.79 6.34
C GLU B 131 -3.70 -5.24 6.62
N TYR B 132 -2.41 -5.47 6.80
CA TYR B 132 -1.93 -6.84 7.04
C TYR B 132 -1.23 -7.06 8.38
N CYS B 133 -0.93 -5.99 9.08
CA CYS B 133 -0.28 -6.07 10.38
C CYS B 133 0.99 -6.92 10.32
N ILE B 134 1.90 -6.51 9.43
CA ILE B 134 3.18 -7.20 9.27
C ILE B 134 4.33 -6.27 9.68
N GLN B 135 5.01 -6.80 10.66
CA GLN B 135 6.18 -6.15 11.16
C GLN B 135 7.25 -6.32 10.14
N GLY B 136 7.99 -5.23 9.93
CA GLY B 136 9.09 -5.13 8.99
C GLY B 136 9.31 -3.63 8.61
N ASP B 137 10.54 -3.13 8.65
CA ASP B 137 10.90 -1.69 8.43
C ASP B 137 10.20 -0.78 9.46
N ASN B 138 9.79 0.40 9.06
CA ASN B 138 9.21 1.37 9.96
C ASN B 138 7.85 1.01 10.62
N CYS B 139 7.25 -0.09 10.15
CA CYS B 139 5.96 -0.56 10.66
C CYS B 139 6.21 -1.43 11.88
N PHE B 140 5.67 -1.01 13.02
CA PHE B 140 5.85 -1.74 14.26
C PHE B 140 4.50 -1.86 14.96
N PRO B 141 3.57 -2.61 14.36
CA PRO B 141 2.19 -2.88 14.80
C PRO B 141 1.98 -3.16 16.29
N ILE B 142 0.83 -2.70 16.79
CA ILE B 142 0.43 -2.93 18.18
C ILE B 142 -0.59 -4.07 18.15
N MET B 143 -0.12 -5.29 18.38
CA MET B 143 -0.98 -6.47 18.38
C MET B 143 -2.01 -6.46 19.51
N PHE B 144 -3.07 -7.26 19.37
CA PHE B 144 -4.13 -7.38 20.38
C PHE B 144 -4.01 -8.71 21.13
N PRO B 145 -4.36 -8.72 22.43
CA PRO B 145 -4.28 -9.97 23.18
C PRO B 145 -5.59 -10.74 22.92
N LYS B 146 -5.78 -11.92 23.51
CA LYS B 146 -7.02 -12.69 23.32
C LYS B 146 -8.22 -11.91 23.84
N ASN B 147 -9.41 -12.33 23.40
CA ASN B 147 -10.65 -11.71 23.86
C ASN B 147 -10.59 -10.19 24.10
N ASP B 148 -10.01 -9.46 23.14
CA ASP B 148 -9.94 -8.00 23.21
C ASP B 148 -11.09 -7.60 22.33
N PRO B 149 -12.08 -6.88 22.91
CA PRO B 149 -13.25 -6.48 22.14
C PRO B 149 -12.93 -5.95 20.75
N LYS B 150 -11.84 -5.17 20.65
CA LYS B 150 -11.48 -4.59 19.35
C LYS B 150 -11.43 -5.72 18.28
N LEU B 151 -11.10 -6.94 18.65
CA LEU B 151 -10.93 -8.02 17.69
C LEU B 151 -12.09 -8.31 16.74
N LYS B 152 -13.30 -8.27 17.28
CA LYS B 152 -14.50 -8.53 16.51
C LYS B 152 -14.85 -7.26 15.72
N THR B 153 -14.15 -6.15 16.04
CA THR B 153 -14.52 -4.89 15.34
C THR B 153 -13.51 -4.27 14.39
N GLN B 154 -12.31 -3.97 14.84
CA GLN B 154 -11.40 -3.32 13.92
C GLN B 154 -10.35 -4.12 13.19
N GLY B 155 -9.93 -5.26 13.67
CA GLY B 155 -8.92 -5.96 12.90
C GLY B 155 -8.08 -6.81 13.79
N LYS B 156 -6.82 -7.01 13.41
CA LYS B 156 -5.92 -7.83 14.19
C LYS B 156 -4.91 -6.94 14.91
N CYS B 157 -4.90 -5.66 14.57
CA CYS B 157 -3.95 -4.77 15.21
C CYS B 157 -4.22 -3.31 14.89
N MET B 158 -3.39 -2.44 15.45
CA MET B 158 -3.53 -1.01 15.23
C MET B 158 -2.30 -0.50 14.53
N PRO B 159 -2.46 -0.01 13.31
CA PRO B 159 -1.28 0.50 12.60
C PRO B 159 -0.48 1.42 13.54
N PHE B 160 0.85 1.35 13.45
CA PHE B 160 1.74 2.15 14.28
C PHE B 160 3.12 2.22 13.62
N PHE B 161 3.70 3.41 13.53
CA PHE B 161 5.02 3.57 12.90
C PHE B 161 6.10 4.10 13.83
N ARG B 162 7.36 3.87 13.46
CA ARG B 162 8.47 4.33 14.29
C ARG B 162 8.80 5.79 14.10
N ALA B 163 9.21 6.43 15.19
CA ALA B 163 9.55 7.85 15.17
C ALA B 163 10.86 8.13 14.43
N GLY B 164 10.86 9.11 13.54
CA GLY B 164 12.06 9.44 12.80
C GLY B 164 13.31 9.57 13.66
N PHE B 165 14.46 9.18 13.09
CA PHE B 165 15.73 9.26 13.81
C PHE B 165 16.65 10.23 13.12
N VAL B 166 17.78 10.53 13.74
CA VAL B 166 18.69 11.46 13.10
C VAL B 166 19.15 10.89 11.81
N CYS B 167 19.74 11.76 10.99
CA CYS B 167 20.27 11.38 9.68
C CYS B 167 18.97 11.12 8.85
N PRO B 168 18.98 10.18 7.89
CA PRO B 168 17.68 10.06 7.21
C PRO B 168 16.41 9.64 7.99
N THR B 169 15.99 8.40 7.75
CA THR B 169 14.82 7.71 8.35
C THR B 169 14.71 6.41 7.55
N PRO B 170 15.00 6.46 6.23
CA PRO B 170 14.97 5.30 5.33
C PRO B 170 16.03 4.26 5.80
N PRO B 171 16.52 3.33 4.87
CA PRO B 171 17.42 2.14 5.22
C PRO B 171 18.58 2.17 6.29
N TYR B 172 18.26 2.80 7.46
CA TYR B 172 18.90 3.06 8.84
C TYR B 172 20.10 2.23 9.40
N GLN B 173 21.12 2.75 10.15
CA GLN B 173 22.27 1.84 10.52
C GLN B 173 23.10 2.19 11.77
N SER B 174 24.43 2.12 11.57
CA SER B 174 25.58 2.44 12.46
C SER B 174 25.65 2.53 14.00
N LEU B 175 25.30 3.69 14.59
CA LEU B 175 25.37 3.87 16.06
C LEU B 175 24.00 3.75 16.73
N ALA B 176 23.98 3.84 18.07
CA ALA B 176 22.73 3.74 18.86
C ALA B 176 21.74 4.83 18.46
N ARG B 177 20.53 4.42 18.07
CA ARG B 177 19.50 5.34 17.60
C ARG B 177 19.04 6.49 18.49
N ASP B 178 18.95 7.66 17.88
CA ASP B 178 18.52 8.86 18.58
C ASP B 178 17.48 9.53 17.70
N GLN B 179 16.27 9.71 18.22
CA GLN B 179 15.19 10.34 17.47
C GLN B 179 15.22 11.84 17.60
N ILE B 180 14.68 12.48 16.57
CA ILE B 180 14.63 13.94 16.43
C ILE B 180 13.54 14.71 17.17
N ASN B 181 13.87 15.96 17.52
CA ASN B 181 12.97 16.93 18.18
C ASN B 181 12.83 18.05 17.11
N SER B 182 11.71 18.08 16.40
CA SER B 182 11.53 19.05 15.31
C SER B 182 11.15 20.47 15.76
N VAL B 183 11.12 20.68 17.09
CA VAL B 183 10.80 21.97 17.71
C VAL B 183 11.93 22.40 18.66
N THR B 184 11.79 23.59 19.27
CA THR B 184 12.86 24.14 20.09
C THR B 184 12.66 24.01 21.57
N SER B 185 13.78 23.63 22.17
CA SER B 185 13.75 23.37 23.58
C SER B 185 13.46 24.57 24.45
N PHE B 186 13.26 25.74 23.89
CA PHE B 186 13.05 26.90 24.74
C PHE B 186 11.58 27.33 24.88
N LEU B 187 11.20 27.77 26.08
CA LEU B 187 9.83 28.25 26.22
C LEU B 187 9.75 29.56 25.43
N ASP B 188 9.84 29.49 24.11
CA ASP B 188 9.84 30.69 23.29
C ASP B 188 8.62 30.84 22.38
N ALA B 189 7.51 30.27 22.81
CA ALA B 189 6.26 30.36 22.06
C ALA B 189 6.49 30.00 20.61
N SER B 190 7.28 28.96 20.38
CA SER B 190 7.55 28.55 19.03
C SER B 190 6.34 27.76 18.51
N LEU B 191 5.24 27.74 19.26
CA LEU B 191 4.06 27.01 18.78
C LEU B 191 3.18 28.04 18.11
N VAL B 192 3.45 29.29 18.42
CA VAL B 192 2.72 30.40 17.88
C VAL B 192 3.41 30.96 16.66
N TYR B 193 4.73 30.84 16.60
CA TYR B 193 5.49 31.39 15.47
C TYR B 193 6.17 30.38 14.55
N GLY B 194 6.33 29.14 15.01
CA GLY B 194 6.95 28.11 14.21
C GLY B 194 8.39 27.79 14.52
N SER B 195 8.94 26.75 13.86
CA SER B 195 10.32 26.34 14.07
C SER B 195 11.20 26.33 12.81
N GLU B 196 10.61 26.53 11.64
CA GLU B 196 11.39 26.60 10.39
C GLU B 196 10.98 27.87 9.63
N PRO B 197 11.92 28.83 9.49
CA PRO B 197 11.74 30.12 8.81
C PRO B 197 10.75 30.06 7.66
N SER B 198 10.87 29.00 6.88
CA SER B 198 10.00 28.75 5.76
C SER B 198 8.56 29.01 6.20
N LEU B 199 8.13 28.32 7.25
CA LEU B 199 6.77 28.46 7.75
C LEU B 199 6.50 29.66 8.64
N ALA B 200 7.54 30.24 9.22
CA ALA B 200 7.34 31.40 10.08
C ALA B 200 6.89 32.63 9.31
N SER B 201 7.13 32.64 8.00
CA SER B 201 6.72 33.78 7.21
C SER B 201 5.32 33.53 6.64
N ARG B 202 5.00 32.25 6.38
CA ARG B 202 3.67 31.93 5.84
C ARG B 202 2.63 32.42 6.84
N LEU B 203 3.03 32.42 8.12
CA LEU B 203 2.08 32.80 9.17
C LEU B 203 1.81 34.32 9.25
N ARG B 204 2.47 35.06 8.37
CA ARG B 204 2.49 36.53 8.52
C ARG B 204 1.73 37.46 7.56
N ASN B 205 0.93 38.37 8.14
CA ASN B 205 0.33 39.42 7.39
C ASN B 205 1.58 40.22 7.00
N LEU B 206 2.10 40.04 5.77
CA LEU B 206 3.28 40.81 5.36
C LEU B 206 3.00 41.73 4.20
N SER B 207 1.77 42.26 4.16
CA SER B 207 1.34 43.20 3.13
C SER B 207 0.97 44.51 3.80
N SER B 208 0.76 44.43 5.11
CA SER B 208 0.47 45.61 5.90
C SER B 208 1.81 45.83 6.57
N PRO B 209 2.36 47.05 6.53
CA PRO B 209 3.66 47.23 7.19
C PRO B 209 3.52 47.54 8.67
N LEU B 210 2.84 46.66 9.40
CA LEU B 210 2.62 46.85 10.83
C LEU B 210 2.70 45.54 11.64
N GLY B 211 3.63 44.66 11.25
CA GLY B 211 3.88 43.38 11.90
C GLY B 211 2.71 42.63 12.51
N LEU B 212 2.04 41.78 11.75
CA LEU B 212 0.89 41.04 12.27
C LEU B 212 0.91 39.59 11.84
N MET B 213 0.19 38.75 12.57
CA MET B 213 0.10 37.34 12.24
C MET B 213 -1.00 37.16 11.22
N ALA B 214 -0.76 36.26 10.27
CA ALA B 214 -1.77 36.01 9.26
C ALA B 214 -3.01 35.46 9.98
N VAL B 215 -4.20 35.90 9.59
CA VAL B 215 -5.44 35.41 10.19
C VAL B 215 -6.49 35.00 9.13
N ASN B 216 -7.52 34.28 9.55
CA ASN B 216 -8.55 33.85 8.63
C ASN B 216 -9.33 35.03 8.06
N GLN B 217 -9.59 34.99 6.76
CA GLN B 217 -10.35 36.02 6.06
C GLN B 217 -11.76 35.50 5.75
N GLU B 218 -12.00 34.21 5.99
CA GLU B 218 -13.30 33.59 5.70
C GLU B 218 -14.15 33.18 6.91
N ALA B 219 -13.63 33.32 8.12
CA ALA B 219 -14.41 32.90 9.28
C ALA B 219 -14.26 33.92 10.40
N TRP B 220 -15.32 34.14 11.18
CA TRP B 220 -15.21 35.11 12.27
C TRP B 220 -15.83 34.72 13.59
N ASP B 221 -15.52 35.52 14.61
CA ASP B 221 -16.01 35.31 15.98
C ASP B 221 -16.33 36.62 16.67
N HIS B 222 -17.47 37.23 16.34
CA HIS B 222 -17.89 38.50 16.93
C HIS B 222 -16.88 39.62 16.60
N GLY B 223 -16.32 39.61 15.40
CA GLY B 223 -15.35 40.63 15.06
C GLY B 223 -14.00 40.29 15.68
N LEU B 224 -13.81 39.02 15.99
CA LEU B 224 -12.56 38.54 16.56
C LEU B 224 -12.13 37.45 15.62
N ALA B 225 -10.81 37.24 15.51
CA ALA B 225 -10.27 36.27 14.57
C ALA B 225 -9.94 34.85 15.00
N TYR B 226 -9.79 34.02 13.98
CA TYR B 226 -9.44 32.62 14.14
C TYR B 226 -8.14 32.47 13.36
N PRO B 227 -7.40 31.39 13.61
CA PRO B 227 -6.16 31.25 12.83
C PRO B 227 -6.52 30.98 11.38
N PRO B 228 -5.57 31.14 10.44
CA PRO B 228 -5.85 30.90 9.02
C PRO B 228 -6.07 29.41 8.79
N PHE B 229 -6.98 29.08 7.89
CA PHE B 229 -7.24 27.69 7.59
C PHE B 229 -6.02 27.10 6.96
N ASN B 230 -5.77 25.84 7.22
CA ASN B 230 -4.61 25.20 6.65
C ASN B 230 -4.86 24.87 5.19
N ASN B 231 -3.79 24.96 4.41
CA ASN B 231 -3.87 24.71 2.98
C ASN B 231 -4.22 23.27 2.59
N MET B 232 -3.16 22.49 2.43
CA MET B 232 -3.19 21.11 2.03
C MET B 232 -4.50 20.36 2.08
N LYS B 233 -4.89 19.81 0.93
CA LYS B 233 -6.06 18.97 0.88
C LYS B 233 -5.50 17.56 1.10
N PRO B 234 -6.24 16.68 1.81
CA PRO B 234 -6.75 15.53 2.53
C PRO B 234 -6.46 15.75 3.97
N SER B 235 -7.04 16.83 4.45
CA SER B 235 -6.89 17.23 5.84
C SER B 235 -7.95 16.44 6.58
N PRO B 236 -7.68 16.11 7.84
CA PRO B 236 -8.71 15.35 8.54
C PRO B 236 -9.84 16.17 9.13
N CYS B 237 -9.58 17.40 9.58
CA CYS B 237 -10.67 18.22 10.14
C CYS B 237 -11.86 18.33 9.22
N GLU B 238 -11.67 18.00 7.93
CA GLU B 238 -12.75 18.04 6.95
C GLU B 238 -13.52 16.73 7.02
N PHE B 239 -12.77 15.64 7.02
CA PHE B 239 -13.32 14.29 7.06
C PHE B 239 -14.38 14.16 8.15
N ILE B 240 -14.00 14.47 9.39
CA ILE B 240 -14.91 14.37 10.54
C ILE B 240 -16.37 14.69 10.21
N ASN B 241 -16.66 15.88 9.68
CA ASN B 241 -18.04 16.22 9.25
C ASN B 241 -17.87 16.59 7.79
N THR B 242 -18.08 15.62 6.93
CA THR B 242 -17.95 15.82 5.50
C THR B 242 -18.79 16.99 5.00
N THR B 243 -19.99 17.12 5.55
CA THR B 243 -20.90 18.18 5.15
C THR B 243 -20.35 19.58 5.45
N ALA B 244 -20.12 19.85 6.73
CA ALA B 244 -19.61 21.13 7.21
C ALA B 244 -18.46 21.65 6.35
N ARG B 245 -17.51 20.78 6.02
CA ARG B 245 -16.35 21.15 5.20
C ARG B 245 -15.50 22.31 5.72
N VAL B 246 -15.15 22.27 7.00
CA VAL B 246 -14.32 23.31 7.60
C VAL B 246 -13.01 22.63 8.00
N PRO B 247 -11.89 23.03 7.40
CA PRO B 247 -10.60 22.42 7.73
C PRO B 247 -9.97 22.86 9.04
N CYS B 248 -8.79 22.31 9.29
CA CYS B 248 -8.01 22.59 10.48
C CYS B 248 -7.41 23.97 10.43
N PHE B 249 -7.04 24.45 11.60
CA PHE B 249 -6.40 25.74 11.71
C PHE B 249 -4.94 25.48 11.48
N GLN B 250 -4.21 26.50 11.05
CA GLN B 250 -2.79 26.32 10.84
C GLN B 250 -2.03 27.25 11.76
N ALA B 251 -1.09 26.67 12.50
CA ALA B 251 -0.30 27.45 13.49
C ALA B 251 1.12 26.96 13.53
N GLY B 252 1.97 27.79 14.14
CA GLY B 252 3.39 27.51 14.25
C GLY B 252 3.64 26.02 14.49
N ASP B 253 2.71 25.35 15.14
CA ASP B 253 2.85 23.93 15.43
C ASP B 253 1.81 23.15 14.62
N SER B 254 2.11 21.91 14.29
CA SER B 254 1.18 21.11 13.50
C SER B 254 0.18 20.25 14.26
N ARG B 255 0.18 20.31 15.58
CA ARG B 255 -0.81 19.50 16.29
C ARG B 255 -1.95 20.35 16.79
N ALA B 256 -1.86 21.66 16.47
CA ALA B 256 -2.86 22.60 16.92
C ALA B 256 -4.31 22.10 16.89
N SER B 257 -4.70 21.19 15.97
CA SER B 257 -6.14 20.85 15.88
C SER B 257 -6.53 19.55 16.59
N GLU B 258 -5.54 18.75 17.04
CA GLU B 258 -5.92 17.48 17.65
C GLU B 258 -7.27 17.62 18.34
N GLN B 259 -7.44 18.57 19.29
CA GLN B 259 -8.72 18.65 19.98
C GLN B 259 -9.17 20.11 20.16
N ILE B 260 -10.46 20.33 19.90
CA ILE B 260 -11.11 21.64 19.93
C ILE B 260 -10.69 22.59 21.03
N LEU B 261 -10.29 22.06 22.17
CA LEU B 261 -9.87 22.94 23.26
C LEU B 261 -8.43 23.40 23.07
N LEU B 262 -7.65 22.61 22.35
CA LEU B 262 -6.27 22.98 22.08
C LEU B 262 -6.33 24.16 21.10
N ALA B 263 -7.09 23.96 20.03
CA ALA B 263 -7.28 24.98 19.00
C ALA B 263 -7.73 26.29 19.64
N THR B 264 -8.55 26.19 20.66
CA THR B 264 -9.04 27.38 21.32
C THR B 264 -7.93 28.23 21.91
N VAL B 265 -7.03 27.65 22.69
CA VAL B 265 -5.98 28.50 23.27
C VAL B 265 -5.00 28.98 22.23
N HIS B 266 -4.94 28.28 21.11
CA HIS B 266 -4.05 28.64 20.02
C HIS B 266 -4.57 29.94 19.45
N THR B 267 -5.88 30.15 19.64
CA THR B 267 -6.55 31.34 19.17
C THR B 267 -6.28 32.52 20.12
N LEU B 268 -6.24 32.27 21.41
CA LEU B 268 -5.94 33.34 22.36
C LEU B 268 -4.50 33.85 22.15
N LEU B 269 -3.56 32.93 22.01
CA LEU B 269 -2.17 33.31 21.78
C LEU B 269 -2.03 34.07 20.47
N LEU B 270 -2.70 33.58 19.42
CA LEU B 270 -2.65 34.26 18.13
C LEU B 270 -3.24 35.63 18.31
N ARG B 271 -4.36 35.70 19.01
CA ARG B 271 -5.00 36.97 19.26
C ARG B 271 -4.14 37.95 20.07
N GLU B 272 -3.48 37.47 21.13
CA GLU B 272 -2.65 38.37 21.95
C GLU B 272 -1.51 39.00 21.18
N HIS B 273 -1.07 38.33 20.12
CA HIS B 273 0.00 38.87 19.31
C HIS B 273 -0.50 40.19 18.74
N ASN B 274 -1.61 40.13 18.02
CA ASN B 274 -2.14 41.36 17.46
C ASN B 274 -2.46 42.46 18.46
N ARG B 275 -3.20 42.25 19.55
CA ARG B 275 -3.44 43.38 20.48
C ARG B 275 -2.08 44.06 20.75
N LEU B 276 -1.04 43.25 20.94
CA LEU B 276 0.28 43.75 21.27
C LEU B 276 1.01 44.52 20.20
N ALA B 277 0.91 44.05 18.96
CA ALA B 277 1.56 44.71 17.84
C ALA B 277 0.86 46.03 17.58
N ARG B 278 -0.46 45.98 17.41
CA ARG B 278 -1.26 47.18 17.18
C ARG B 278 -0.93 48.21 18.24
N GLU B 279 -1.03 47.78 19.49
CA GLU B 279 -0.74 48.64 20.62
C GLU B 279 0.62 49.28 20.42
N LEU B 280 1.67 48.46 20.43
CA LEU B 280 3.02 49.00 20.26
C LEU B 280 3.12 49.99 19.10
N LYS B 281 2.54 49.64 17.95
CA LYS B 281 2.55 50.52 16.78
C LYS B 281 2.04 51.91 17.14
N ARG B 282 0.91 51.98 17.85
CA ARG B 282 0.33 53.26 18.21
C ARG B 282 1.21 54.05 19.14
N LEU B 283 1.97 53.35 19.98
CA LEU B 283 2.86 53.96 20.95
C LEU B 283 4.19 54.34 20.34
N ASN B 284 4.68 53.47 19.47
CA ASN B 284 5.95 53.70 18.78
C ASN B 284 5.60 53.76 17.29
N PRO B 285 4.94 54.85 16.86
CA PRO B 285 4.51 55.07 15.48
C PRO B 285 5.59 54.87 14.44
N HIS B 286 6.78 55.41 14.70
CA HIS B 286 7.89 55.29 13.76
C HIS B 286 8.40 53.86 13.62
N TRP B 287 8.03 52.97 14.54
CA TRP B 287 8.51 51.60 14.45
C TRP B 287 8.08 50.89 13.18
N ASP B 288 9.00 50.11 12.63
CA ASP B 288 8.74 49.38 11.41
C ASP B 288 8.26 47.95 11.65
N GLY B 289 7.47 47.44 10.70
CA GLY B 289 6.91 46.09 10.78
C GLY B 289 7.73 45.03 11.49
N GLU B 290 8.87 44.69 10.91
CA GLU B 290 9.77 43.68 11.45
C GLU B 290 10.04 43.95 12.93
N LYS B 291 10.25 45.22 13.27
CA LYS B 291 10.51 45.63 14.64
C LYS B 291 9.30 45.27 15.49
N LEU B 292 8.11 45.57 14.99
CA LEU B 292 6.87 45.26 15.73
C LEU B 292 6.73 43.74 15.95
N TYR B 293 6.78 42.98 14.85
CA TYR B 293 6.69 41.51 14.88
C TYR B 293 7.51 40.82 15.97
N GLN B 294 8.74 41.30 16.18
CA GLN B 294 9.60 40.66 17.17
C GLN B 294 9.55 41.22 18.57
N GLU B 295 9.21 42.50 18.73
CA GLU B 295 9.12 43.07 20.06
C GLU B 295 7.87 42.43 20.69
N ALA B 296 6.91 42.10 19.83
CA ALA B 296 5.65 41.45 20.20
C ALA B 296 5.96 39.98 20.58
N ARG B 297 6.62 39.28 19.65
CA ARG B 297 7.02 37.89 19.85
C ARG B 297 7.81 37.74 21.15
N LYS B 298 8.57 38.78 21.50
CA LYS B 298 9.35 38.74 22.72
C LYS B 298 8.40 38.93 23.89
N ILE B 299 7.51 39.92 23.81
CA ILE B 299 6.57 40.14 24.92
C ILE B 299 5.84 38.84 25.26
N LEU B 300 5.29 38.23 24.21
CA LEU B 300 4.53 36.98 24.30
C LEU B 300 5.27 35.81 24.92
N GLY B 301 6.53 35.63 24.54
CA GLY B 301 7.29 34.53 25.10
C GLY B 301 7.53 34.69 26.58
N ALA B 302 7.83 35.92 26.98
CA ALA B 302 8.07 36.22 28.38
C ALA B 302 6.84 35.72 29.09
N PHE B 303 5.71 35.94 28.44
CA PHE B 303 4.43 35.55 28.98
C PHE B 303 4.35 34.04 29.23
N ILE B 304 4.61 33.22 28.23
CA ILE B 304 4.53 31.77 28.40
C ILE B 304 5.51 31.21 29.45
N GLN B 305 6.53 31.98 29.79
CA GLN B 305 7.51 31.53 30.77
C GLN B 305 7.07 31.89 32.18
N ILE B 306 6.32 32.96 32.32
CA ILE B 306 5.87 33.43 33.62
C ILE B 306 4.65 32.74 34.09
N ILE B 307 3.76 32.42 33.19
CA ILE B 307 2.58 31.70 33.53
C ILE B 307 3.01 30.30 33.91
N THR B 308 3.87 29.75 33.06
CA THR B 308 4.42 28.40 33.22
C THR B 308 5.27 28.15 34.48
N PHE B 309 6.12 29.09 34.86
CA PHE B 309 6.98 28.89 36.02
C PHE B 309 6.43 29.47 37.31
N ARG B 310 5.45 30.35 37.21
CA ARG B 310 4.89 30.95 38.41
C ARG B 310 3.55 30.37 38.81
N ASP B 311 2.71 30.12 37.82
CA ASP B 311 1.40 29.60 38.10
C ASP B 311 1.26 28.11 37.86
N TYR B 312 1.94 27.60 36.85
CA TYR B 312 1.82 26.16 36.44
C TYR B 312 2.74 25.10 36.99
N LEU B 313 4.00 25.42 37.15
CA LEU B 313 4.82 24.33 37.62
C LEU B 313 4.73 24.22 39.11
N PRO B 314 4.40 25.28 39.87
CA PRO B 314 4.36 25.02 41.33
C PRO B 314 3.46 23.89 41.68
N ILE B 315 2.23 23.99 41.11
CA ILE B 315 1.13 23.05 41.37
C ILE B 315 1.21 21.72 40.64
N VAL B 316 2.33 21.39 40.01
CA VAL B 316 2.51 20.09 39.39
C VAL B 316 3.51 19.38 40.30
N LEU B 317 4.70 19.97 40.41
CA LEU B 317 5.76 19.43 41.26
C LEU B 317 5.45 19.63 42.74
N GLY B 318 4.50 20.52 43.01
CA GLY B 318 4.10 20.82 44.38
C GLY B 318 5.18 21.18 45.37
N SER B 319 5.34 20.33 46.37
CA SER B 319 6.32 20.55 47.42
C SER B 319 7.72 20.13 47.02
N GLU B 320 7.90 19.72 45.77
CA GLU B 320 9.22 19.28 45.30
C GLU B 320 9.89 20.28 44.36
N MET B 321 9.34 21.50 44.25
CA MET B 321 9.92 22.50 43.36
C MET B 321 11.15 23.19 43.96
N GLN B 322 11.02 23.68 45.18
CA GLN B 322 12.14 24.34 45.86
C GLN B 322 13.37 23.43 45.79
N LYS B 323 13.12 22.14 45.85
CA LYS B 323 14.18 21.15 45.80
C LYS B 323 14.86 21.05 44.43
N TRP B 324 14.07 21.13 43.35
CA TRP B 324 14.61 21.01 42.00
C TRP B 324 14.78 22.29 41.17
N ILE B 325 13.91 23.28 41.37
CA ILE B 325 14.03 24.49 40.60
C ILE B 325 14.43 25.64 41.52
N PRO B 326 15.66 25.59 42.05
CA PRO B 326 16.09 26.66 42.95
C PRO B 326 15.80 28.01 42.32
N ARG B 327 15.70 29.03 43.15
CA ARG B 327 15.42 30.38 42.71
C ARG B 327 16.50 30.84 41.69
N TYR B 328 16.04 31.38 40.55
CA TYR B 328 16.93 31.84 39.47
C TYR B 328 18.11 32.73 39.88
N GLN B 329 19.26 32.48 39.25
CA GLN B 329 20.48 33.24 39.54
C GLN B 329 21.41 33.48 38.34
N GLY B 330 20.83 33.92 37.20
CA GLY B 330 21.67 34.27 35.97
C GLY B 330 21.99 33.19 34.85
N TYR B 331 22.30 33.64 33.54
CA TYR B 331 22.63 32.70 32.43
C TYR B 331 23.87 31.82 32.77
N ASN B 332 23.59 30.54 32.93
CA ASN B 332 24.67 29.58 33.13
C ASN B 332 25.07 29.01 31.80
N ASN B 333 25.87 29.79 31.12
CA ASN B 333 26.29 29.49 29.76
C ASN B 333 26.58 28.00 29.56
N SER B 334 26.93 27.29 30.62
CA SER B 334 27.27 25.89 30.47
C SER B 334 26.27 24.90 30.99
N VAL B 335 25.02 24.96 30.52
CA VAL B 335 23.99 24.01 30.95
C VAL B 335 23.16 23.53 29.75
N ASP B 336 23.08 22.22 29.56
CA ASP B 336 22.34 21.62 28.44
C ASP B 336 20.87 22.06 28.37
N PRO B 337 20.56 23.03 27.49
CA PRO B 337 19.17 23.50 27.38
C PRO B 337 18.32 22.59 26.52
N ARG B 338 18.88 21.44 26.16
CA ARG B 338 18.16 20.49 25.33
C ARG B 338 17.18 19.61 26.09
N ILE B 339 16.19 19.08 25.38
CA ILE B 339 15.20 18.20 25.97
C ILE B 339 15.68 16.75 25.88
N SER B 340 15.66 16.04 27.00
CA SER B 340 16.07 14.64 27.03
C SER B 340 14.97 13.77 26.45
N ASN B 341 15.31 12.56 25.99
CA ASN B 341 14.30 11.68 25.40
C ASN B 341 13.22 11.40 26.43
N VAL B 342 13.63 11.00 27.61
CA VAL B 342 12.71 10.68 28.68
C VAL B 342 11.70 11.78 28.97
N PHE B 343 12.13 13.03 28.95
CA PHE B 343 11.21 14.11 29.25
C PHE B 343 9.92 13.96 28.50
N THR B 344 10.03 13.70 27.19
CA THR B 344 8.86 13.54 26.33
C THR B 344 7.99 12.32 26.66
N PHE B 345 8.40 11.52 27.64
CA PHE B 345 7.62 10.38 28.05
C PHE B 345 7.19 10.65 29.48
N ALA B 346 7.90 11.55 30.16
CA ALA B 346 7.59 11.88 31.55
C ALA B 346 6.58 13.00 31.65
N PHE B 347 6.42 13.77 30.57
CA PHE B 347 5.48 14.88 30.58
C PHE B 347 4.16 14.42 29.99
N ARG B 348 3.99 13.11 29.89
CA ARG B 348 2.78 12.59 29.31
C ARG B 348 1.77 12.29 30.40
N PHE B 349 2.15 12.58 31.63
CA PHE B 349 1.28 12.34 32.77
C PHE B 349 -0.07 12.99 32.49
N GLY B 350 -0.03 14.15 31.84
CA GLY B 350 -1.25 14.84 31.51
C GLY B 350 -2.28 13.91 30.92
N HIS B 351 -1.84 13.00 30.06
CA HIS B 351 -2.77 12.05 29.43
C HIS B 351 -3.75 11.46 30.44
N MET B 352 -3.33 11.41 31.67
CA MET B 352 -4.19 10.83 32.67
C MET B 352 -5.16 11.89 33.29
N GLU B 353 -5.11 13.13 32.85
CA GLU B 353 -5.96 14.17 33.47
C GLU B 353 -7.06 14.69 32.53
N VAL B 354 -7.14 14.07 31.36
CA VAL B 354 -8.14 14.46 30.39
C VAL B 354 -9.48 13.85 30.73
N PRO B 355 -10.49 14.69 30.94
CA PRO B 355 -11.86 14.27 31.27
C PRO B 355 -12.49 13.61 30.05
N SER B 356 -13.61 12.94 30.25
CA SER B 356 -14.29 12.24 29.16
C SER B 356 -15.30 13.08 28.40
N THR B 357 -15.43 14.35 28.77
CA THR B 357 -16.38 15.24 28.12
C THR B 357 -15.96 16.70 28.20
N VAL B 358 -16.29 17.44 27.14
CA VAL B 358 -16.01 18.87 27.08
C VAL B 358 -17.36 19.59 26.98
N SER B 359 -17.57 20.57 27.85
CA SER B 359 -18.84 21.30 27.84
C SER B 359 -18.74 22.77 27.47
N ARG B 360 -19.84 23.28 26.91
CA ARG B 360 -19.97 24.68 26.51
C ARG B 360 -20.96 25.41 27.42
N LEU B 361 -20.50 26.48 28.09
CA LEU B 361 -21.37 27.24 28.99
C LEU B 361 -21.82 28.54 28.33
N ASP B 362 -23.01 29.03 28.63
CA ASP B 362 -23.55 30.27 28.01
C ASP B 362 -23.33 31.44 28.95
N GLU B 363 -23.30 32.69 28.51
CA GLU B 363 -22.91 33.84 29.35
C GLU B 363 -22.97 33.79 30.92
N ASN B 364 -23.84 33.01 31.53
CA ASN B 364 -23.86 32.97 32.98
C ASN B 364 -23.24 31.63 33.39
N TYR B 365 -22.46 31.06 32.48
CA TYR B 365 -21.80 29.80 32.74
C TYR B 365 -22.79 28.65 32.95
N GLN B 366 -23.97 28.77 32.33
CA GLN B 366 -24.99 27.73 32.44
C GLN B 366 -24.87 26.80 31.23
N PRO B 367 -25.02 25.47 31.42
CA PRO B 367 -24.91 24.57 30.27
C PRO B 367 -25.89 25.00 29.18
N ARG B 368 -25.35 25.58 28.10
CA ARG B 368 -26.17 26.11 27.00
C ARG B 368 -26.67 25.17 25.92
N GLY B 369 -27.99 25.11 25.77
CA GLY B 369 -28.53 24.28 24.71
C GLY B 369 -28.71 22.80 24.96
N PRO B 370 -29.20 22.08 23.94
CA PRO B 370 -29.44 20.63 24.00
C PRO B 370 -28.16 19.80 23.92
N GLU B 371 -27.09 20.40 23.40
CA GLU B 371 -25.86 19.66 23.26
C GLU B 371 -24.63 20.50 23.63
N ALA B 372 -24.60 20.96 24.88
CA ALA B 372 -23.50 21.76 25.34
C ALA B 372 -22.41 20.86 25.86
N GLU B 373 -22.84 19.67 26.28
CA GLU B 373 -21.95 18.67 26.87
C GLU B 373 -21.55 17.54 25.94
N LEU B 374 -20.43 17.68 25.24
CA LEU B 374 -20.02 16.63 24.28
C LEU B 374 -18.96 15.64 24.79
N PRO B 375 -18.92 14.48 24.11
CA PRO B 375 -17.94 13.38 24.38
C PRO B 375 -16.56 13.76 24.00
N LEU B 376 -15.55 13.72 24.84
CA LEU B 376 -14.23 14.01 24.35
C LEU B 376 -13.94 13.39 22.97
N HIS B 377 -14.42 12.19 22.77
CA HIS B 377 -14.08 11.48 21.55
C HIS B 377 -14.55 12.11 20.24
N THR B 378 -15.62 12.88 20.26
CA THR B 378 -16.10 13.49 19.03
C THR B 378 -15.53 14.89 18.84
N LEU B 379 -14.40 15.16 19.49
CA LEU B 379 -13.77 16.47 19.41
C LEU B 379 -12.34 16.52 18.85
N PHE B 380 -11.75 15.36 18.50
CA PHE B 380 -10.39 15.33 17.95
C PHE B 380 -10.42 15.81 16.51
N PHE B 381 -9.54 16.75 16.19
CA PHE B 381 -9.49 17.29 14.84
C PHE B 381 -10.85 17.86 14.47
N ASN B 382 -11.46 18.53 15.42
CA ASN B 382 -12.76 19.13 15.22
C ASN B 382 -12.69 20.66 15.31
N THR B 383 -12.99 21.32 14.21
CA THR B 383 -12.98 22.78 14.18
C THR B 383 -14.37 23.32 13.87
N TRP B 384 -15.21 22.52 13.20
CA TRP B 384 -16.54 22.99 12.86
C TRP B 384 -17.34 23.29 14.10
N ARG B 385 -17.12 22.52 15.16
CA ARG B 385 -17.83 22.79 16.40
C ARG B 385 -17.40 24.16 16.90
N ILE B 386 -16.38 24.73 16.27
CA ILE B 386 -15.95 26.06 16.68
C ILE B 386 -16.47 27.10 15.71
N ILE B 387 -16.07 26.97 14.45
CA ILE B 387 -16.47 27.91 13.41
C ILE B 387 -17.97 28.09 13.35
N LYS B 388 -18.66 26.95 13.28
CA LYS B 388 -20.12 26.89 13.16
C LYS B 388 -20.91 26.59 14.43
N ASP B 389 -20.41 26.99 15.60
CA ASP B 389 -21.15 26.71 16.82
C ASP B 389 -20.75 27.58 18.00
N GLY B 390 -21.10 28.86 17.94
CA GLY B 390 -20.81 29.77 19.03
C GLY B 390 -19.42 30.34 19.23
N GLY B 391 -18.48 30.00 18.36
CA GLY B 391 -17.14 30.55 18.52
C GLY B 391 -16.40 29.83 19.63
N ILE B 392 -15.38 30.45 20.20
CA ILE B 392 -14.63 29.77 21.26
C ILE B 392 -14.87 30.36 22.65
N ASP B 393 -15.72 31.37 22.70
CA ASP B 393 -16.05 32.01 23.95
C ASP B 393 -16.70 31.03 24.90
N PRO B 394 -17.68 30.24 24.41
CA PRO B 394 -18.34 29.26 25.28
C PRO B 394 -17.41 28.10 25.68
N LEU B 395 -16.33 27.91 24.93
CA LEU B 395 -15.37 26.84 25.24
C LEU B 395 -14.38 27.35 26.31
N VAL B 396 -13.96 28.60 26.18
CA VAL B 396 -13.05 29.19 27.16
C VAL B 396 -13.72 29.21 28.54
N ARG B 397 -15.03 29.37 28.57
CA ARG B 397 -15.72 29.39 29.84
C ARG B 397 -15.64 27.99 30.42
N GLY B 398 -15.87 27.00 29.58
CA GLY B 398 -15.80 25.63 30.04
C GLY B 398 -14.50 25.44 30.80
N LEU B 399 -13.39 25.77 30.15
CA LEU B 399 -12.07 25.63 30.75
C LEU B 399 -11.92 26.34 32.10
N LEU B 400 -12.59 27.47 32.26
CA LEU B 400 -12.48 28.19 33.51
C LEU B 400 -13.34 27.59 34.62
N ALA B 401 -14.57 27.18 34.29
CA ALA B 401 -15.52 26.66 35.28
C ALA B 401 -15.50 25.16 35.56
N LYS B 402 -15.31 24.33 34.55
CA LYS B 402 -15.28 22.89 34.75
C LYS B 402 -13.89 22.41 35.16
N LYS B 403 -13.80 21.28 35.86
CA LYS B 403 -12.54 20.71 36.34
C LYS B 403 -11.99 19.56 35.48
N SER B 404 -10.71 19.26 35.67
CA SER B 404 -10.02 18.18 34.96
C SER B 404 -10.15 16.86 35.71
N LYS B 405 -9.66 15.79 35.10
CA LYS B 405 -9.70 14.48 35.73
C LYS B 405 -8.51 14.36 36.67
N LEU B 406 -8.65 13.57 37.72
CA LEU B 406 -7.57 13.36 38.68
C LEU B 406 -6.95 11.99 38.42
N MET B 407 -5.63 11.85 38.52
CA MET B 407 -5.00 10.55 38.29
C MET B 407 -5.31 9.63 39.46
N ASN B 408 -6.01 8.54 39.17
CA ASN B 408 -6.38 7.57 40.18
C ASN B 408 -5.70 6.26 39.84
N GLN B 409 -5.01 5.65 40.79
CA GLN B 409 -4.31 4.40 40.50
C GLN B 409 -5.17 3.36 39.80
N ASN B 410 -6.49 3.44 40.01
CA ASN B 410 -7.40 2.51 39.38
C ASN B 410 -8.47 3.20 38.51
N LYS B 411 -8.00 4.21 37.78
CA LYS B 411 -8.74 5.02 36.81
C LYS B 411 -7.69 5.93 36.18
N MET B 412 -6.85 5.33 35.34
CA MET B 412 -5.77 6.04 34.70
C MET B 412 -6.11 6.89 33.49
N VAL B 413 -6.61 6.25 32.44
CA VAL B 413 -6.91 6.95 31.21
C VAL B 413 -8.35 6.71 30.76
N THR B 414 -9.12 7.78 30.59
CA THR B 414 -10.48 7.61 30.13
C THR B 414 -10.55 6.86 28.79
N SER B 415 -11.61 6.10 28.60
CA SER B 415 -11.83 5.32 27.35
C SER B 415 -11.92 6.20 26.11
N GLU B 416 -12.31 7.46 26.32
CA GLU B 416 -12.44 8.38 25.22
C GLU B 416 -11.06 8.58 24.62
N LEU B 417 -10.04 8.27 25.40
CA LEU B 417 -8.67 8.39 24.93
C LEU B 417 -7.99 7.02 24.77
N ARG B 418 -8.50 6.02 25.49
CA ARG B 418 -7.92 4.69 25.42
C ARG B 418 -8.67 3.70 24.53
N ASN B 419 -9.70 4.17 23.84
CA ASN B 419 -10.46 3.28 22.98
C ASN B 419 -11.00 3.91 21.71
N LYS B 420 -11.25 5.21 21.76
CA LYS B 420 -11.79 5.92 20.61
C LYS B 420 -10.92 7.09 20.15
N LEU B 421 -9.64 6.86 19.90
CA LEU B 421 -8.75 7.95 19.48
C LEU B 421 -8.69 8.09 17.98
N PHE B 422 -8.69 9.33 17.50
CA PHE B 422 -8.61 9.58 16.07
C PHE B 422 -7.19 9.92 15.65
N GLN B 423 -6.66 9.18 14.68
CA GLN B 423 -5.33 9.47 14.19
C GLN B 423 -5.56 10.13 12.84
N PRO B 424 -4.91 11.28 12.62
CA PRO B 424 -5.03 12.08 11.39
C PRO B 424 -4.78 11.30 10.11
N THR B 425 -4.00 10.23 10.23
CA THR B 425 -3.68 9.41 9.08
C THR B 425 -4.82 8.45 8.75
N HIS B 426 -5.51 7.98 9.77
CA HIS B 426 -6.58 7.01 9.56
C HIS B 426 -8.02 7.48 9.62
N LYS B 427 -8.92 6.55 9.33
CA LYS B 427 -10.35 6.82 9.29
C LYS B 427 -11.17 6.49 10.56
N ILE B 428 -10.82 5.41 11.26
CA ILE B 428 -11.59 5.04 12.44
C ILE B 428 -11.28 5.86 13.69
N HIS B 429 -12.23 5.83 14.62
CA HIS B 429 -12.11 6.50 15.91
C HIS B 429 -11.84 5.39 16.92
N GLY B 430 -10.91 4.49 16.60
CA GLY B 430 -10.66 3.39 17.50
C GLY B 430 -9.23 3.10 17.91
N PHE B 431 -8.39 4.11 18.00
CA PHE B 431 -7.02 3.86 18.43
C PHE B 431 -6.91 3.96 19.93
N ASP B 432 -5.73 3.69 20.46
CA ASP B 432 -5.53 3.73 21.90
C ASP B 432 -4.28 4.57 22.28
N LEU B 433 -4.47 5.64 23.06
CA LEU B 433 -3.34 6.48 23.46
C LEU B 433 -2.41 5.83 24.47
N ALA B 434 -2.97 5.01 25.36
CA ALA B 434 -2.16 4.32 26.37
C ALA B 434 -1.22 3.31 25.74
N ALA B 435 -1.73 2.51 24.81
CA ALA B 435 -0.94 1.49 24.12
C ALA B 435 0.14 2.17 23.31
N ILE B 436 -0.23 3.19 22.58
CA ILE B 436 0.75 3.91 21.79
C ILE B 436 1.86 4.45 22.71
N ASN B 437 1.46 5.14 23.78
CA ASN B 437 2.44 5.70 24.72
C ASN B 437 3.41 4.65 25.19
N LEU B 438 2.95 3.39 25.20
CA LEU B 438 3.77 2.28 25.66
C LEU B 438 4.73 1.69 24.65
N GLN B 439 4.31 1.50 23.41
CA GLN B 439 5.29 0.97 22.47
C GLN B 439 6.26 2.09 22.13
N ARG B 440 5.71 3.31 22.00
CA ARG B 440 6.51 4.49 21.68
C ARG B 440 7.67 4.62 22.65
N CYS B 441 7.51 4.07 23.85
CA CYS B 441 8.57 4.10 24.84
C CYS B 441 9.64 3.19 24.29
N ARG B 442 9.22 1.99 23.95
CA ARG B 442 10.12 0.98 23.42
C ARG B 442 10.80 1.44 22.12
N ASP B 443 10.05 2.12 21.26
CA ASP B 443 10.57 2.64 19.99
C ASP B 443 11.79 3.53 20.28
N HIS B 444 11.62 4.45 21.22
CA HIS B 444 12.70 5.37 21.59
C HIS B 444 13.82 4.71 22.39
N GLY B 445 13.58 3.50 22.87
CA GLY B 445 14.63 2.80 23.59
C GLY B 445 14.82 3.08 25.07
N MET B 446 13.85 3.74 25.69
CA MET B 446 13.93 4.05 27.10
C MET B 446 14.37 2.86 27.93
N PRO B 447 15.10 3.11 29.03
CA PRO B 447 15.56 2.05 29.92
C PRO B 447 14.33 1.81 30.80
N GLY B 448 14.45 0.96 31.82
CA GLY B 448 13.30 0.67 32.66
C GLY B 448 13.01 1.59 33.83
N TYR B 449 11.94 1.24 34.56
CA TYR B 449 11.52 1.98 35.73
C TYR B 449 12.66 2.07 36.76
N ASN B 450 13.27 0.93 37.07
CA ASN B 450 14.37 0.91 38.03
C ASN B 450 15.57 1.72 37.62
N SER B 451 16.02 1.56 36.38
CA SER B 451 17.18 2.31 35.97
C SER B 451 16.92 3.82 36.01
N TRP B 452 15.65 4.21 36.16
CA TRP B 452 15.28 5.62 36.23
C TRP B 452 15.09 6.01 37.68
N ARG B 453 14.53 5.10 38.47
CA ARG B 453 14.35 5.36 39.89
C ARG B 453 15.76 5.62 40.38
N GLY B 454 16.72 4.97 39.71
CA GLY B 454 18.12 5.13 40.07
C GLY B 454 18.58 6.54 39.74
N PHE B 455 18.53 6.87 38.46
CA PHE B 455 18.94 8.19 37.98
C PHE B 455 18.56 9.30 38.96
N CYS B 456 17.50 9.07 39.73
CA CYS B 456 17.02 10.08 40.68
C CYS B 456 17.42 9.89 42.15
N GLY B 457 17.73 8.67 42.56
CA GLY B 457 18.13 8.46 43.94
C GLY B 457 17.02 7.91 44.83
N LEU B 458 16.26 6.99 44.25
CA LEU B 458 15.16 6.33 44.94
C LEU B 458 15.45 4.85 44.86
N SER B 459 14.95 4.08 45.82
CA SER B 459 15.19 2.63 45.86
C SER B 459 14.68 1.93 44.61
N GLN B 460 15.46 0.98 44.11
CA GLN B 460 15.08 0.20 42.94
C GLN B 460 14.46 -1.13 43.44
N PRO B 461 13.15 -1.13 43.74
CA PRO B 461 12.47 -2.33 44.22
C PRO B 461 12.59 -3.47 43.27
N LYS B 462 12.63 -4.68 43.82
CA LYS B 462 12.73 -5.91 43.04
C LYS B 462 11.67 -6.91 43.53
N THR B 463 11.43 -6.93 44.84
CA THR B 463 10.44 -7.83 45.40
C THR B 463 9.04 -7.26 45.16
N LEU B 464 8.08 -8.13 44.95
CA LEU B 464 6.71 -7.70 44.72
C LEU B 464 6.25 -7.00 45.98
N LYS B 465 6.85 -7.36 47.11
CA LYS B 465 6.52 -6.72 48.38
C LYS B 465 7.22 -5.37 48.35
N GLY B 466 8.24 -5.28 47.51
CA GLY B 466 8.99 -4.04 47.38
C GLY B 466 8.25 -3.04 46.54
N LEU B 467 7.69 -3.49 45.42
CA LEU B 467 6.95 -2.59 44.56
C LEU B 467 5.80 -2.00 45.37
N GLN B 468 5.24 -2.82 46.25
CA GLN B 468 4.13 -2.38 47.09
C GLN B 468 4.50 -1.21 47.99
N ALA B 469 5.70 -1.26 48.55
CA ALA B 469 6.18 -0.18 49.40
C ALA B 469 6.11 1.15 48.64
N VAL B 470 6.66 1.17 47.42
CA VAL B 470 6.68 2.38 46.58
C VAL B 470 5.29 2.82 46.09
N LEU B 471 4.62 1.91 45.40
CA LEU B 471 3.30 2.17 44.86
C LEU B 471 2.21 2.33 45.91
N LYS B 472 2.51 1.87 47.12
CA LYS B 472 1.57 1.96 48.23
C LYS B 472 0.21 1.46 47.75
N ASN B 473 0.16 0.18 47.35
CA ASN B 473 -1.04 -0.45 46.84
C ASN B 473 -0.69 -1.87 46.36
N LYS B 474 -1.29 -2.89 46.96
CA LYS B 474 -0.98 -4.27 46.57
C LYS B 474 -1.49 -4.70 45.18
N ILE B 475 -2.81 -4.72 45.01
CA ILE B 475 -3.38 -5.16 43.76
C ILE B 475 -2.86 -4.45 42.51
N LEU B 476 -2.36 -3.22 42.66
CA LEU B 476 -1.78 -2.55 41.49
C LEU B 476 -0.40 -3.16 41.38
N ALA B 477 0.31 -3.20 42.49
CA ALA B 477 1.65 -3.75 42.51
C ALA B 477 1.65 -5.18 41.96
N LYS B 478 0.54 -5.88 42.14
CA LYS B 478 0.44 -7.25 41.66
C LYS B 478 0.07 -7.33 40.19
N LYS B 479 -1.09 -6.81 39.82
CA LYS B 479 -1.50 -6.85 38.41
C LYS B 479 -0.32 -6.47 37.53
N LEU B 480 0.41 -5.45 37.99
CA LEU B 480 1.56 -4.92 37.27
C LEU B 480 2.55 -5.99 36.86
N LEU B 481 3.19 -6.65 37.81
CA LEU B 481 4.16 -7.65 37.43
C LEU B 481 3.66 -9.08 37.13
N ASP B 482 2.36 -9.33 37.15
CA ASP B 482 1.87 -10.63 36.72
C ASP B 482 2.16 -10.49 35.21
N LEU B 483 2.51 -9.26 34.81
CA LEU B 483 2.76 -8.88 33.43
C LEU B 483 4.21 -8.65 33.05
N TYR B 484 4.89 -7.83 33.83
CA TYR B 484 6.29 -7.53 33.53
C TYR B 484 7.22 -8.55 34.11
N LYS B 485 6.78 -9.20 35.18
CA LYS B 485 7.53 -10.24 35.88
C LYS B 485 8.64 -9.73 36.80
N THR B 486 9.06 -8.48 36.62
CA THR B 486 10.07 -7.87 37.46
C THR B 486 10.11 -6.35 37.36
N PRO B 487 10.29 -5.68 38.51
CA PRO B 487 10.35 -4.22 38.54
C PRO B 487 11.29 -3.62 37.48
N ASP B 488 12.35 -4.35 37.13
CA ASP B 488 13.32 -3.86 36.14
C ASP B 488 12.76 -3.74 34.72
N ASN B 489 11.59 -4.30 34.44
CA ASN B 489 11.07 -4.23 33.07
C ASN B 489 9.89 -3.32 32.76
N ILE B 490 9.23 -2.83 33.81
CA ILE B 490 8.09 -1.94 33.68
C ILE B 490 8.39 -0.72 32.82
N ASP B 491 7.53 -0.44 31.85
CA ASP B 491 7.70 0.74 31.00
C ASP B 491 7.62 2.04 31.81
N ILE B 492 8.54 2.94 31.54
CA ILE B 492 8.60 4.20 32.27
C ILE B 492 7.27 4.96 32.34
N TRP B 493 6.59 5.13 31.22
CA TRP B 493 5.34 5.86 31.24
C TRP B 493 4.38 5.33 32.29
N ILE B 494 4.13 4.04 32.24
CA ILE B 494 3.22 3.42 33.18
C ILE B 494 3.84 3.34 34.58
N GLY B 495 5.07 2.82 34.66
CA GLY B 495 5.75 2.69 35.94
C GLY B 495 5.86 3.98 36.71
N GLY B 496 6.06 5.07 35.98
CA GLY B 496 6.18 6.38 36.60
C GLY B 496 4.88 6.89 37.15
N ASN B 497 3.82 6.79 36.35
CA ASN B 497 2.49 7.26 36.74
C ASN B 497 1.87 6.41 37.84
N ALA B 498 2.30 5.17 37.93
CA ALA B 498 1.77 4.28 38.94
C ALA B 498 2.01 4.81 40.35
N GLU B 499 3.09 5.56 40.54
CA GLU B 499 3.41 6.08 41.86
C GLU B 499 2.39 7.09 42.39
N PRO B 500 2.14 7.08 43.71
CA PRO B 500 1.19 8.03 44.28
C PRO B 500 1.81 9.42 44.18
N MET B 501 0.96 10.45 44.18
CA MET B 501 1.43 11.83 44.02
C MET B 501 2.03 12.45 45.28
N VAL B 502 3.11 13.19 45.07
CA VAL B 502 3.78 13.87 46.17
C VAL B 502 2.84 14.89 46.78
N GLU B 503 3.21 15.38 47.96
CA GLU B 503 2.41 16.36 48.70
C GLU B 503 2.15 17.66 47.94
N ARG B 504 0.87 17.98 47.76
CA ARG B 504 0.39 19.17 47.06
C ARG B 504 0.81 19.28 45.59
N GLY B 505 1.05 18.14 44.95
CA GLY B 505 1.44 18.13 43.53
C GLY B 505 0.52 17.24 42.69
N ARG B 506 0.95 16.83 41.50
CA ARG B 506 0.10 15.99 40.66
C ARG B 506 0.86 14.87 39.98
N VAL B 507 2.08 14.65 40.46
CA VAL B 507 2.94 13.59 39.97
C VAL B 507 3.77 13.15 41.16
N GLY B 508 4.25 11.91 41.13
CA GLY B 508 5.03 11.39 42.24
C GLY B 508 6.52 11.69 42.23
N PRO B 509 7.29 10.99 43.09
CA PRO B 509 8.74 11.12 43.24
C PRO B 509 9.54 11.10 41.96
N LEU B 510 9.33 10.07 41.13
CA LEU B 510 10.10 9.98 39.91
C LEU B 510 9.72 11.00 38.86
N LEU B 511 8.43 11.26 38.67
CA LEU B 511 8.07 12.25 37.66
C LEU B 511 8.52 13.64 38.10
N ALA B 512 8.46 13.93 39.39
CA ALA B 512 8.86 15.24 39.87
C ALA B 512 10.33 15.49 39.56
N CYS B 513 11.13 14.43 39.66
CA CYS B 513 12.56 14.50 39.41
C CYS B 513 12.84 14.76 37.94
N LEU B 514 12.30 13.92 37.07
CA LEU B 514 12.49 14.08 35.64
C LEU B 514 11.98 15.38 35.04
N LEU B 515 10.90 15.95 35.60
CA LEU B 515 10.38 17.21 35.09
C LEU B 515 11.19 18.35 35.70
N GLY B 516 11.32 18.31 37.02
CA GLY B 516 12.06 19.34 37.71
C GLY B 516 13.36 19.68 37.01
N ARG B 517 14.20 18.66 36.84
CA ARG B 517 15.47 18.84 36.17
C ARG B 517 15.31 19.47 34.80
N GLN B 518 14.55 18.81 33.93
CA GLN B 518 14.35 19.30 32.59
C GLN B 518 14.04 20.79 32.60
N PHE B 519 12.97 21.16 33.30
CA PHE B 519 12.58 22.56 33.35
C PHE B 519 13.64 23.52 33.84
N GLN B 520 14.33 23.18 34.92
CA GLN B 520 15.40 24.04 35.43
C GLN B 520 16.38 24.34 34.29
N GLN B 521 16.80 23.28 33.61
CA GLN B 521 17.76 23.40 32.54
C GLN B 521 17.38 24.28 31.35
N ILE B 522 16.12 24.28 30.94
CA ILE B 522 15.73 25.13 29.82
C ILE B 522 15.53 26.56 30.32
N ARG B 523 15.57 26.71 31.64
CA ARG B 523 15.40 28.01 32.28
C ARG B 523 16.78 28.60 32.64
N ASP B 524 17.72 27.76 33.05
CA ASP B 524 19.06 28.23 33.40
C ASP B 524 19.96 28.33 32.18
N GLY B 525 19.63 27.58 31.14
CA GLY B 525 20.44 27.58 29.94
C GLY B 525 19.92 28.43 28.79
N ASP B 526 18.83 29.15 29.03
CA ASP B 526 18.23 30.02 28.00
C ASP B 526 18.74 31.44 28.14
N ARG B 527 19.51 31.89 27.14
CA ARG B 527 20.11 33.22 27.17
C ARG B 527 19.09 34.35 27.15
N PHE B 528 17.86 34.01 26.74
CA PHE B 528 16.79 34.99 26.66
C PHE B 528 15.74 34.83 27.75
N TRP B 529 16.07 34.11 28.81
CA TRP B 529 15.10 33.97 29.90
C TRP B 529 14.82 35.44 30.26
N TRP B 530 13.55 35.80 30.36
CA TRP B 530 13.18 37.19 30.63
C TRP B 530 13.90 37.85 31.81
N GLU B 531 14.00 37.14 32.93
CA GLU B 531 14.65 37.70 34.10
C GLU B 531 16.15 37.93 33.94
N ASN B 532 16.80 37.19 33.05
CA ASN B 532 18.23 37.38 32.86
C ASN B 532 18.50 38.81 32.38
N PRO B 533 19.39 39.53 33.09
CA PRO B 533 19.73 40.91 32.74
C PRO B 533 20.04 41.15 31.25
N GLY B 534 19.41 42.18 30.68
CA GLY B 534 19.65 42.50 29.29
C GLY B 534 18.53 42.20 28.29
N VAL B 535 17.84 41.08 28.48
CA VAL B 535 16.76 40.64 27.60
C VAL B 535 15.57 41.60 27.60
N PHE B 536 15.34 42.21 28.76
CA PHE B 536 14.30 43.22 28.96
C PHE B 536 14.93 44.16 29.99
N THR B 537 14.30 45.31 30.25
CA THR B 537 14.86 46.24 31.23
C THR B 537 14.08 46.19 32.55
N GLU B 538 14.66 46.80 33.59
CA GLU B 538 14.06 46.82 34.92
C GLU B 538 12.60 47.23 34.87
N LYS B 539 12.29 48.23 34.07
CA LYS B 539 10.92 48.69 33.98
C LYS B 539 10.02 47.82 33.12
N GLN B 540 10.58 47.16 32.10
CA GLN B 540 9.76 46.29 31.28
C GLN B 540 9.36 45.08 32.11
N ARG B 541 10.30 44.56 32.90
CA ARG B 541 10.04 43.42 33.76
C ARG B 541 8.95 43.74 34.77
N ASP B 542 9.13 44.83 35.50
CA ASP B 542 8.17 45.23 36.50
C ASP B 542 6.75 45.09 35.98
N SER B 543 6.56 45.53 34.73
CA SER B 543 5.26 45.47 34.10
C SER B 543 4.88 44.02 33.79
N LEU B 544 5.87 43.17 33.52
CA LEU B 544 5.60 41.79 33.17
C LEU B 544 5.16 40.92 34.30
N GLN B 545 5.52 41.24 35.54
CA GLN B 545 5.08 40.35 36.60
C GLN B 545 3.57 40.38 36.82
N LYS B 546 2.92 41.37 36.22
CA LYS B 546 1.47 41.51 36.38
C LYS B 546 0.62 40.76 35.37
N VAL B 547 1.22 40.02 34.44
CA VAL B 547 0.41 39.27 33.49
C VAL B 547 -0.33 38.17 34.23
N SER B 548 -1.33 37.58 33.56
CA SER B 548 -2.14 36.50 34.10
C SER B 548 -2.94 35.89 32.97
N PHE B 549 -3.24 34.59 33.05
CA PHE B 549 -4.02 33.96 32.01
C PHE B 549 -5.43 34.53 32.04
N SER B 550 -5.87 34.92 33.25
CA SER B 550 -7.19 35.49 33.41
C SER B 550 -7.24 36.74 32.53
N ARG B 551 -6.20 37.56 32.63
CA ARG B 551 -6.13 38.78 31.84
C ARG B 551 -6.11 38.45 30.36
N LEU B 552 -5.46 37.34 30.00
CA LEU B 552 -5.40 36.96 28.60
C LEU B 552 -6.79 36.80 28.08
N ILE B 553 -7.68 36.30 28.93
CA ILE B 553 -9.08 36.08 28.53
C ILE B 553 -9.80 37.41 28.32
N CYS B 554 -9.72 38.27 29.34
CA CYS B 554 -10.36 39.57 29.33
C CYS B 554 -10.06 40.48 28.13
N ASP B 555 -8.89 40.32 27.53
CA ASP B 555 -8.52 41.16 26.40
C ASP B 555 -8.82 40.59 25.03
N ASN B 556 -9.09 39.29 24.93
CA ASN B 556 -9.34 38.69 23.62
C ASN B 556 -10.62 37.89 23.42
N THR B 557 -11.62 38.16 24.23
CA THR B 557 -12.91 37.46 24.13
C THR B 557 -13.98 38.39 24.66
N HIS B 558 -15.20 37.89 24.82
CA HIS B 558 -16.25 38.73 25.38
C HIS B 558 -16.69 38.23 26.75
N ILE B 559 -15.79 37.47 27.40
CA ILE B 559 -16.03 36.97 28.75
C ILE B 559 -15.85 38.21 29.60
N THR B 560 -16.53 38.27 30.72
CA THR B 560 -16.51 39.45 31.56
C THR B 560 -16.14 39.25 33.02
N LYS B 561 -16.66 38.16 33.57
CA LYS B 561 -16.43 37.76 34.93
C LYS B 561 -15.45 36.59 34.78
N VAL B 562 -14.35 36.65 35.51
CA VAL B 562 -13.31 35.62 35.46
C VAL B 562 -12.59 35.50 36.81
N PRO B 563 -11.96 34.34 37.06
CA PRO B 563 -11.23 34.02 38.29
C PRO B 563 -9.87 34.70 38.43
N LEU B 564 -9.44 34.95 39.67
CA LEU B 564 -8.14 35.57 39.89
C LEU B 564 -7.12 34.46 39.64
N HIS B 565 -7.46 33.23 40.04
CA HIS B 565 -6.53 32.13 39.86
C HIS B 565 -7.05 31.05 38.91
N ALA B 566 -6.94 31.33 37.60
CA ALA B 566 -7.41 30.45 36.55
C ALA B 566 -7.01 28.99 36.65
N PHE B 567 -6.02 28.67 37.47
CA PHE B 567 -5.63 27.27 37.55
C PHE B 567 -6.23 26.39 38.66
N GLN B 568 -6.97 26.97 39.59
CA GLN B 568 -7.53 26.14 40.63
C GLN B 568 -9.05 26.04 40.49
N ALA B 569 -9.65 25.10 41.22
CA ALA B 569 -11.11 24.88 41.20
C ALA B 569 -11.92 26.12 41.59
N ASN B 570 -12.80 26.56 40.68
CA ASN B 570 -13.63 27.73 40.88
C ASN B 570 -15.04 27.50 40.45
N ASN B 571 -15.99 27.87 41.42
CA ASN B 571 -17.43 27.53 41.21
C ASN B 571 -17.94 28.73 40.32
N TYR B 572 -19.26 29.04 39.91
CA TYR B 572 -19.49 30.29 39.02
C TYR B 572 -19.74 31.58 39.84
N PRO B 573 -20.89 31.86 40.62
CA PRO B 573 -20.94 33.27 41.31
C PRO B 573 -19.95 33.93 42.15
N HIS B 574 -19.32 33.20 42.98
CA HIS B 574 -18.44 33.82 43.93
C HIS B 574 -17.02 33.97 43.52
N ASP B 575 -16.49 32.89 43.03
CA ASP B 575 -15.06 32.92 42.68
C ASP B 575 -14.72 33.79 41.48
N PHE B 576 -15.74 34.33 40.84
CA PHE B 576 -15.57 35.19 39.67
C PHE B 576 -15.69 36.68 39.99
N VAL B 577 -14.98 37.50 39.21
CA VAL B 577 -14.97 38.94 39.38
C VAL B 577 -14.91 39.62 38.03
N ASP B 578 -15.55 40.77 37.88
CA ASP B 578 -15.48 41.46 36.60
C ASP B 578 -14.03 41.81 36.27
N CYS B 579 -13.64 41.69 35.01
CA CYS B 579 -12.25 41.97 34.62
C CYS B 579 -11.55 43.19 35.21
N SER B 580 -12.27 44.25 35.52
CA SER B 580 -11.64 45.45 36.06
C SER B 580 -10.98 45.24 37.43
N ALA B 581 -10.94 44.00 37.90
CA ALA B 581 -10.34 43.72 39.20
C ALA B 581 -9.03 43.05 39.01
N ILE B 582 -8.66 43.03 37.77
CA ILE B 582 -7.42 42.37 37.50
C ILE B 582 -6.48 43.18 36.65
N ASP B 583 -5.18 43.08 37.04
CA ASP B 583 -4.02 43.80 36.44
C ASP B 583 -4.04 43.80 34.90
N LYS B 584 -3.33 44.74 34.28
CA LYS B 584 -3.39 44.93 32.83
C LYS B 584 -2.18 44.85 31.88
N LEU B 585 -0.94 44.77 32.39
CA LEU B 585 0.24 44.76 31.52
C LEU B 585 0.36 46.10 30.81
N ASP B 586 1.03 47.02 31.50
CA ASP B 586 1.23 48.36 30.99
C ASP B 586 2.34 48.35 29.96
N LEU B 587 2.00 48.52 28.69
CA LEU B 587 3.05 48.52 27.68
C LEU B 587 3.76 49.88 27.56
N SER B 588 3.54 50.77 28.53
CA SER B 588 4.18 52.08 28.47
C SER B 588 5.72 52.02 28.38
N PRO B 589 6.38 51.29 29.29
CA PRO B 589 7.83 51.22 29.20
C PRO B 589 8.38 50.89 27.82
N TRP B 590 7.59 50.25 26.97
CA TRP B 590 8.09 49.92 25.64
C TRP B 590 8.24 51.14 24.76
N ALA B 591 7.73 52.28 25.24
CA ALA B 591 7.80 53.54 24.52
C ALA B 591 9.26 53.90 24.20
N SER B 592 9.53 54.34 22.98
CA SER B 592 10.89 54.72 22.62
C SER B 592 10.92 56.18 22.25
N ARG B 593 11.73 56.94 22.98
CA ARG B 593 11.84 58.39 22.78
C ARG B 593 13.02 58.70 21.84
N GLU B 594 12.76 59.55 20.86
CA GLU B 594 13.76 59.94 19.86
C GLU B 594 15.04 60.60 20.37
N ASN B 595 14.95 61.91 20.54
CA ASN B 595 16.09 62.70 20.98
C ASN B 595 16.19 62.73 22.52
C1 NAG C . -3.91 -23.15 -47.44
C2 NAG C . -3.67 -23.72 -48.87
C3 NAG C . -3.10 -25.11 -48.63
C4 NAG C . -1.70 -24.84 -48.12
C5 NAG C . -1.89 -24.37 -46.70
C6 NAG C . -0.59 -24.18 -46.02
C7 NAG C . -4.44 -24.07 -51.06
C8 NAG C . -5.54 -24.23 -52.12
N2 NAG C . -4.76 -23.75 -49.81
O3 NAG C . -3.13 -25.94 -49.81
O4 NAG C . -0.98 -26.08 -48.11
O5 NAG C . -2.64 -23.11 -46.72
O6 NAG C . -0.01 -22.93 -46.29
O7 NAG C . -3.26 -24.22 -51.40
C1 NAG C . -0.08 -26.36 -49.13
C2 NAG C . 0.26 -27.84 -48.99
C3 NAG C . 1.23 -28.23 -50.18
C4 NAG C . 1.16 -27.31 -51.37
C5 NAG C . 0.03 -26.25 -51.46
C6 NAG C . -0.98 -26.38 -52.62
C7 NAG C . -0.05 -28.27 -46.67
C8 NAG C . 0.52 -28.57 -45.27
N2 NAG C . 0.78 -28.09 -47.69
O3 NAG C . 0.88 -29.52 -50.67
O4 NAG C . 2.40 -26.61 -51.46
O5 NAG C . -0.80 -26.24 -50.34
O6 NAG C . -1.23 -25.09 -53.16
O7 NAG C . -1.27 -28.25 -46.82
C1 NAG D . -17.20 -40.97 -10.68
C2 NAG D . -18.52 -40.33 -11.13
C3 NAG D . -19.72 -41.28 -10.91
C4 NAG D . -19.46 -42.64 -11.58
C5 NAG D . -18.10 -43.17 -11.08
C6 NAG D . -17.70 -44.49 -11.69
C7 NAG D . -18.12 -37.96 -10.93
C8 NAG D . -18.36 -36.64 -10.20
N2 NAG D . -18.72 -39.05 -10.46
O3 NAG D . -20.88 -40.70 -11.47
O4 NAG D . -20.53 -43.55 -11.21
O5 NAG D . -17.05 -42.23 -11.35
O6 NAG D . -18.35 -44.71 -12.93
O7 NAG D . -17.41 -37.96 -11.94
C1 NAG D . -21.44 -44.00 -12.17
C2 NAG D . -22.56 -44.82 -11.47
C3 NAG D . -23.74 -45.12 -12.41
C4 NAG D . -24.17 -43.87 -13.21
C5 NAG D . -22.93 -43.24 -13.86
C6 NAG D . -23.23 -41.99 -14.66
C7 NAG D . -21.46 -46.09 -9.73
C8 NAG D . -20.89 -47.42 -9.25
N2 NAG D . -21.99 -46.04 -10.96
O3 NAG D . -24.84 -45.58 -11.64
O4 NAG D . -25.13 -44.24 -14.20
O5 NAG D . -22.00 -42.87 -12.83
O6 NAG D . -23.92 -41.01 -13.90
O7 NAG D . -21.43 -45.11 -8.98
C1 NAG E . -30.25 -14.31 -19.56
C2 NAG E . -30.57 -13.65 -20.89
C3 NAG E . -31.89 -14.23 -21.42
C4 NAG E . -31.90 -15.77 -21.41
C5 NAG E . -31.33 -16.36 -20.11
C6 NAG E . -31.00 -17.83 -20.26
C7 NAG E . -29.66 -11.41 -21.15
C8 NAG E . -29.83 -9.91 -20.94
N2 NAG E . -30.65 -12.21 -20.72
O3 NAG E . -32.07 -13.78 -22.75
O4 NAG E . -33.26 -16.23 -21.58
O5 NAG E . -30.09 -15.72 -19.74
O6 NAG E . -30.70 -18.42 -19.01
O7 NAG E . -28.65 -11.84 -21.72
C1 NAG E . -33.50 -17.17 -22.57
C2 NAG E . -34.46 -18.25 -22.05
C3 NAG E . -35.13 -18.96 -23.25
C4 NAG E . -35.96 -17.97 -24.09
C5 NAG E . -35.50 -16.54 -23.86
C6 NAG E . -36.13 -15.85 -22.66
C7 NAG E . -34.07 -19.37 -19.94
C8 NAG E . -33.25 -20.36 -19.12
N2 NAG E . -33.73 -19.18 -21.22
O3 NAG E . -35.98 -20.00 -22.77
O4 NAG E . -35.83 -18.30 -25.50
O5 NAG E . -34.04 -16.47 -23.72
O6 NAG E . -36.09 -14.44 -22.81
O7 NAG E . -35.02 -18.77 -19.41
C1 MAN E . -36.95 -18.20 -26.34
C2 MAN E . -37.60 -16.80 -26.27
C3 MAN E . -39.10 -16.90 -26.53
C4 MAN E . -39.39 -18.03 -27.52
C5 MAN E . -38.98 -19.37 -26.93
C6 MAN E . -38.46 -20.35 -27.97
O2 MAN E . -37.01 -15.97 -27.28
O3 MAN E . -39.60 -15.66 -27.02
O4 MAN E . -40.77 -18.03 -27.87
O5 MAN E . -37.91 -19.21 -25.95
O6 MAN E . -38.44 -21.67 -27.49
C1 NAG F . -6.05 24.65 45.95
C2 NAG F . -5.87 24.61 47.48
C3 NAG F . -5.30 25.94 48.00
C4 NAG F . -4.08 26.41 47.21
C5 NAG F . -4.43 26.41 45.72
C6 NAG F . -3.28 26.81 44.81
C7 NAG F . -7.26 23.37 49.02
C8 NAG F . -8.66 23.15 49.61
N2 NAG F . -7.16 24.33 48.10
O3 NAG F . -4.91 25.78 49.36
O4 NAG F . -3.72 27.75 47.62
O5 NAG F . -4.84 25.08 45.32
O6 NAG F . -2.03 26.38 45.32
O7 NAG F . -6.31 22.70 49.43
C1 NAG F . -2.37 28.05 47.77
C2 NAG F . -2.20 29.57 47.67
C3 NAG F . -0.89 30.11 48.29
C4 NAG F . -0.11 29.18 49.23
C5 NAG F . -0.54 27.70 49.24
C6 NAG F . -0.21 27.05 50.57
C7 NAG F . -3.37 30.38 45.71
C8 NAG F . -3.32 30.74 44.23
N2 NAG F . -2.24 29.95 46.27
O3 NAG F . -1.21 31.29 49.02
O4 NAG F . 1.28 29.22 48.88
O5 NAG F . -1.97 27.60 49.06
O6 NAG F . -0.76 25.75 50.67
O7 NAG F . -4.42 30.52 46.34
C1 NAG G . -3.80 42.18 7.14
C2 NAG G . -5.14 41.45 7.04
C3 NAG G . -6.23 42.34 6.42
C4 NAG G . -6.31 43.69 7.12
C5 NAG G . -4.91 44.33 7.16
C6 NAG G . -4.90 45.63 7.95
C7 NAG G . -4.58 39.10 6.85
C8 NAG G . -4.41 37.86 5.98
N2 NAG G . -4.97 40.24 6.26
O3 NAG G . -7.47 41.69 6.56
O4 NAG G . -7.23 44.57 6.42
O5 NAG G . -3.97 43.44 7.81
O6 NAG G . -5.87 45.63 8.99
O7 NAG G . -4.35 39.03 8.06
C1 NAG G . -8.33 45.07 7.15
C2 NAG G . -8.94 46.32 6.45
C3 NAG G . -10.32 46.72 7.04
C4 NAG G . -11.20 45.53 7.44
C5 NAG G . -10.39 44.44 8.14
C6 NAG G . -11.22 43.20 8.45
C7 NAG G . -7.47 48.02 5.57
C8 NAG G . -6.55 49.20 5.87
N2 NAG G . -8.04 47.43 6.62
O3 NAG G . -11.03 47.51 6.09
O4 NAG G . -12.22 45.99 8.33
O5 NAG G . -9.29 44.03 7.30
O6 NAG G . -10.92 42.12 7.56
O7 NAG G . -7.64 47.66 4.41
C1 NAG H . -22.21 18.50 10.40
C2 NAG H . -23.11 18.00 11.52
C3 NAG H . -24.32 18.88 11.70
C4 NAG H . -24.01 20.37 11.68
C5 NAG H . -22.92 20.74 10.61
C6 NAG H . -22.31 22.14 10.70
C7 NAG H . -22.85 15.62 11.73
C8 NAG H . -23.33 14.21 11.44
N2 NAG H . -23.55 16.65 11.25
O3 NAG H . -24.89 18.57 12.97
O4 NAG H . -25.25 21.00 11.34
O5 NAG H . -21.80 19.82 10.68
O6 NAG H . -22.12 22.67 9.39
O7 NAG H . -21.86 15.78 12.42
C1 NAG H . -25.99 21.77 12.24
C2 NAG H . -27.20 22.25 11.49
C3 NAG H . -28.13 23.11 12.31
C4 NAG H . -28.42 22.43 13.64
C5 NAG H . -27.77 21.02 13.76
C6 NAG H . -28.40 19.82 13.04
C7 NAG H . -26.62 22.27 9.19
C8 NAG H . -26.13 23.01 7.97
N2 NAG H . -26.73 22.97 10.31
O3 NAG H . -29.33 23.31 11.61
O4 NAG H . -27.97 23.29 14.72
O5 NAG H . -26.35 21.01 13.41
O6 NAG H . -28.85 18.84 13.98
O7 NAG H . -26.92 21.06 9.13
C1 MAN H . -28.74 23.41 15.95
C2 MAN H . -28.12 24.74 16.44
C3 MAN H . -28.13 24.90 17.96
C4 MAN H . -29.28 24.17 18.59
C5 MAN H . -29.16 22.68 18.33
C6 MAN H . -30.43 21.90 18.60
O2 MAN H . -28.79 25.85 15.83
O3 MAN H . -28.17 26.27 18.32
O4 MAN H . -29.22 24.36 20.00
O5 MAN H . -28.72 22.37 16.97
O6 MAN H . -30.17 20.51 18.60
C1 NAG I . 22.81 -29.38 -27.82
C2 NAG I . 23.34 -29.30 -29.26
C3 NAG I . 24.16 -28.04 -29.59
C4 NAG I . 24.56 -27.10 -28.41
C5 NAG I . 23.89 -27.41 -27.04
C6 NAG I . 23.59 -26.18 -26.19
C7 NAG I . 23.87 -31.20 -30.69
C8 NAG I . 24.75 -32.42 -30.95
N2 NAG I . 24.13 -30.49 -29.58
O3 NAG I . 23.43 -27.30 -30.55
O4 NAG I . 25.97 -27.06 -28.26
O5 NAG I . 22.64 -28.08 -27.25
O6 NAG I . 22.81 -25.24 -26.90
O7 NAG I . 22.98 -30.92 -31.49
CA CA J . 2.63 -27.21 -19.58
C CO3 K . -1.39 -19.80 -47.44
O1 CO3 K . -0.88 -18.80 -46.78
O2 CO3 K . -2.64 -19.77 -47.83
O3 CO3 K . -0.65 -20.84 -47.73
CHA HEM L . -3.05 -12.87 -22.75
CHB HEM L . -7.69 -12.27 -23.66
CHC HEM L . -6.76 -15.20 -27.63
CHD HEM L . -1.98 -15.60 -26.74
C1A HEM L . -4.36 -12.42 -22.64
C2A HEM L . -4.83 -11.57 -21.62
C3A HEM L . -6.13 -11.34 -21.79
C4A HEM L . -6.49 -12.10 -22.98
CMA HEM L . -6.97 -10.45 -20.85
CAA HEM L . -3.92 -11.01 -20.50
CBA HEM L . -3.22 -9.80 -21.15
CGA HEM L . -2.24 -9.09 -20.19
O1A HEM L . -2.61 -8.78 -19.00
O2A HEM L . -1.12 -8.87 -20.72
C1B HEM L . -7.85 -13.07 -24.84
C2B HEM L . -9.09 -13.35 -25.52
C3B HEM L . -8.83 -14.14 -26.58
C4B HEM L . -7.41 -14.42 -26.66
CMB HEM L . -10.50 -12.87 -25.20
CAB HEM L . -9.96 -14.62 -27.53
CBB HEM L . -10.37 -13.68 -28.42
C1C HEM L . -5.40 -15.55 -27.79
C2C HEM L . -4.76 -16.38 -28.86
C3C HEM L . -3.39 -16.49 -28.59
C4C HEM L . -3.19 -15.73 -27.38
CMC HEM L . -5.49 -17.03 -30.09
CAC HEM L . -2.23 -17.22 -29.34
CBC HEM L . -2.30 -17.43 -30.66
C1D HEM L . -1.88 -14.89 -25.53
C2D HEM L . -0.67 -14.87 -24.78
C3D HEM L . -0.96 -14.06 -23.52
C4D HEM L . -2.37 -13.65 -23.68
CMD HEM L . 0.57 -15.55 -25.23
CAD HEM L . 0.03 -13.76 -22.35
CBD HEM L . 0.37 -15.01 -21.52
CGD HEM L . 1.29 -14.50 -20.47
O1D HEM L . 2.47 -14.29 -20.74
O2D HEM L . 0.88 -14.31 -19.31
NA HEM L . -5.38 -12.73 -23.44
NB HEM L . -6.86 -13.76 -25.58
NC HEM L . -4.41 -15.19 -26.90
ND HEM L . -2.87 -14.16 -24.86
FE HEM L . -4.79 -13.81 -25.29
C FMT M . -23.63 -33.93 -37.76
O1 FMT M . -24.11 -34.81 -38.43
O2 FMT M . -22.72 -33.09 -38.29
C FMT N . 13.03 -11.66 -21.97
O1 FMT N . 13.21 -12.63 -22.66
O2 FMT N . 13.89 -10.62 -22.03
C FMT O . -6.81 -15.20 -21.57
O1 FMT O . -6.91 -15.27 -20.36
O2 FMT O . -5.72 -15.69 -22.22
C1 NAG P . 26.60 27.40 36.48
C2 NAG P . 26.06 27.16 37.90
C3 NAG P . 27.17 26.91 38.96
C4 NAG P . 28.64 27.32 38.57
C5 NAG P . 28.87 27.51 37.06
C6 NAG P . 30.25 27.09 36.55
C7 NAG P . 23.95 28.27 38.30
C8 NAG P . 23.25 29.56 38.69
N2 NAG P . 25.28 28.32 38.28
O3 NAG P . 27.17 25.54 39.30
O4 NAG P . 29.01 28.50 39.26
O5 NAG P . 27.87 26.80 36.30
O6 NAG P . 30.72 25.90 37.16
O7 NAG P . 23.29 27.25 38.05
CA CA Q . 10.09 26.15 21.80
C CO3 R . -4.16 20.69 46.92
O1 CO3 R . -4.85 19.64 46.60
O2 CO3 R . -3.70 21.49 46.00
O3 CO3 R . -3.94 20.95 48.18
CHA HEM S . 1.64 13.10 22.11
CHB HEM S . -3.11 13.14 21.67
CHC HEM S . -2.87 15.94 25.84
CHD HEM S . 1.97 15.70 26.31
C1A HEM S . 0.38 12.85 21.63
C2A HEM S . 0.13 12.04 20.49
C3A HEM S . -1.19 12.00 20.28
C4A HEM S . -1.79 12.81 21.34
CMA HEM S . -1.84 11.22 19.11
CAA HEM S . 1.26 11.37 19.65
CBA HEM S . 1.71 10.13 20.45
CGA HEM S . 2.87 9.36 19.74
O1A HEM S . 2.71 8.87 18.55
O2A HEM S . 3.92 9.28 20.43
C1B HEM S . -3.45 13.96 22.79
C2B HEM S . -4.78 14.35 23.17
C3B HEM S . -4.70 15.13 24.28
C4B HEM S . -3.34 15.25 24.71
CMB HEM S . -6.12 14.01 22.48
CAB HEM S . -5.97 15.74 24.98
CBB HEM S . -6.90 14.87 25.43
C1C HEM S . -1.57 16.13 26.38
C2C HEM S . -1.14 16.86 27.63
C3C HEM S . 0.23 16.79 27.76
C4C HEM S . 0.66 16.02 26.60
CMC HEM S . -2.10 17.59 28.63
CAC HEM S . 1.23 17.36 28.83
CBC HEM S . 0.82 18.25 29.75
C1D HEM S . 2.27 15.01 25.15
C2D HEM S . 3.61 14.88 24.69
C3D HEM S . 3.56 14.11 23.37
C4D HEM S . 2.13 13.81 23.20
CMD HEM S . 4.79 15.44 25.40
CAD HEM S . 4.78 13.75 22.45
CBD HEM S . 5.49 14.99 21.88
CGD HEM S . 6.61 14.47 21.07
O1D HEM S . 7.63 14.04 21.63
O2D HEM S . 6.55 14.50 19.83
NA HEM S . -0.77 13.28 22.12
NB HEM S . -2.61 14.53 23.76
NC HEM S . -0.42 15.63 25.80
ND HEM S . 1.41 14.36 24.26
FE HEM S . -0.63 14.25 24.09
C FMT T . -19.99 36.63 30.60
O1 FMT T . -19.45 37.71 30.51
O2 FMT T . -19.93 35.91 31.74
C FMT U . 17.06 9.82 28.10
O1 FMT U . 17.70 8.96 27.54
O2 FMT U . 16.27 10.63 27.40
C FMT V . -1.07 15.71 20.37
O1 FMT V . -0.57 16.41 21.22
O2 FMT V . -0.46 15.47 19.19
#